data_3ZRC
#
_entry.id   3ZRC
#
_cell.length_a   93.741
_cell.length_b   93.741
_cell.length_c   363.184
_cell.angle_alpha   90.00
_cell.angle_beta   90.00
_cell.angle_gamma   90.00
#
_symmetry.space_group_name_H-M   'P 41 2 2'
#
loop_
_entity.id
_entity.type
_entity.pdbx_description
1 polymer 'TRANSCRIPTION ELONGATION FACTOR B POLYPEPTIDE 2'
2 polymer 'TRANSCRIPTION ELONGATION FACTOR B POLYPEPTIDE 1'
3 polymer 'VON HIPPEL-LINDAU DISEASE TUMOR SUPPRESSOR'
4 non-polymer (4R)-4-HYDROXY-1-[(3-METHYLISOXAZOL-5-YL)ACETYL]-N-[4-(1,3-OXAZOL-5-YL)BENZYL]-L-PROLINAMIDE
5 water water
#
loop_
_entity_poly.entity_id
_entity_poly.type
_entity_poly.pdbx_seq_one_letter_code
_entity_poly.pdbx_strand_id
1 'polypeptide(L)'
;MDVFLMIRRHKTTIFTDAKESSTVFELKRIVEGILKRPPDEQRLYKDDQLLDDGKTLGECGFTSQTARPQAPATVGLAFR
ADDTFEALCIEPFSSPPELPDVMKPQDSGSSANEQAVQ
;
A,D,G,J
2 'polypeptide(L)'
;MMYVKLISSDGHEFIVKREHALTSGTIKAMLSGPGQFAENETNEVNFREIPSHVLSKVCMYFTYKVRYTNSSTEIPEFPI
APEIALELLMAANFLDC
;
B,E,H,K
3 'polypeptide(L)'
;GSHMEAGRPRPVLRSVNSREPSQVIFCNRSPRVVLPVWLNFDGEPQPYPTLPPGTGRRIHSYRGHLWLFRDAGTHDGLLV
NQTELFVPSLNVDGQPIFANITLPVYTLKERCLQVVRSLVKPENYRRLDIVRSLYEDLEDHPNVQKDLERLTQERIAHQR
MGD
;
C,F,I,L
#
loop_
_chem_comp.id
_chem_comp.type
_chem_comp.name
_chem_comp.formula
L8B non-polymer (4R)-4-HYDROXY-1-[(3-METHYLISOXAZOL-5-YL)ACETYL]-N-[4-(1,3-OXAZOL-5-YL)BENZYL]-L-PROLINAMIDE 'C21 H22 N4 O5'
#
# COMPACT_ATOMS: atom_id res chain seq x y z
N MET A 1 18.75 35.79 -8.86
CA MET A 1 18.66 34.98 -7.62
C MET A 1 19.76 35.31 -6.66
N ASP A 2 19.43 35.34 -5.37
CA ASP A 2 20.43 35.37 -4.30
C ASP A 2 20.93 33.97 -4.08
N VAL A 3 22.23 33.85 -3.85
CA VAL A 3 22.85 32.60 -3.60
C VAL A 3 23.52 32.78 -2.25
N PHE A 4 23.55 31.71 -1.44
CA PHE A 4 24.01 31.78 -0.06
C PHE A 4 25.23 30.91 0.23
N LEU A 5 26.32 31.55 0.54
CA LEU A 5 27.58 30.86 0.59
C LEU A 5 28.05 30.84 2.01
N MET A 6 29.04 30.00 2.24
CA MET A 6 29.75 29.92 3.48
C MET A 6 31.22 30.03 3.02
N ILE A 7 31.86 31.19 3.21
CA ILE A 7 33.21 31.37 2.70
C ILE A 7 34.19 30.86 3.73
N ARG A 8 34.78 29.67 3.52
CA ARG A 8 35.58 29.02 4.59
C ARG A 8 37.09 29.03 4.35
N ARG A 9 37.86 29.10 5.42
CA ARG A 9 39.30 29.03 5.35
C ARG A 9 39.76 28.89 6.79
N HIS A 10 40.93 28.25 6.97
CA HIS A 10 41.41 27.77 8.27
C HIS A 10 40.33 27.51 9.29
N LYS A 11 40.37 28.23 10.41
CA LYS A 11 39.27 28.22 11.39
C LYS A 11 38.38 29.47 11.22
N THR A 12 37.94 29.67 9.99
CA THR A 12 37.30 30.91 9.64
C THR A 12 36.21 30.56 8.68
N THR A 13 35.02 31.10 8.95
CA THR A 13 33.84 30.90 8.11
C THR A 13 33.06 32.18 8.06
N ILE A 14 33.02 32.83 6.90
CA ILE A 14 32.12 33.93 6.65
C ILE A 14 30.80 33.44 5.98
N PHE A 15 29.65 33.86 6.52
CA PHE A 15 28.37 33.57 5.89
C PHE A 15 27.92 34.83 5.16
N THR A 16 27.68 34.69 3.88
CA THR A 16 27.33 35.81 3.08
C THR A 16 26.38 35.25 2.05
N ASP A 17 25.63 36.16 1.45
CA ASP A 17 24.86 35.83 0.30
C ASP A 17 25.37 36.77 -0.77
N ALA A 18 24.98 36.47 -2.01
CA ALA A 18 25.46 37.12 -3.21
C ALA A 18 24.46 36.80 -4.32
N LYS A 19 24.35 37.68 -5.32
CA LYS A 19 23.59 37.33 -6.54
C LYS A 19 24.17 36.15 -7.36
N GLU A 20 23.36 35.46 -8.14
CA GLU A 20 23.90 34.38 -8.96
C GLU A 20 24.80 35.01 -10.04
N SER A 21 24.33 36.14 -10.58
CA SER A 21 24.97 36.81 -11.69
C SER A 21 26.30 37.43 -11.30
N SER A 22 26.44 37.89 -10.06
CA SER A 22 27.67 38.56 -9.62
C SER A 22 28.96 37.71 -9.93
N THR A 23 30.17 38.16 -9.59
CA THR A 23 31.37 37.42 -9.98
C THR A 23 32.27 36.97 -8.89
N VAL A 24 33.00 35.88 -9.19
CA VAL A 24 34.10 35.46 -8.34
C VAL A 24 34.77 36.73 -7.78
N PHE A 25 35.08 37.67 -8.67
CA PHE A 25 35.90 38.82 -8.27
C PHE A 25 35.17 39.71 -7.31
N GLU A 26 33.89 39.96 -7.59
CA GLU A 26 33.04 40.70 -6.64
C GLU A 26 33.01 40.08 -5.22
N LEU A 27 32.78 38.77 -5.16
CA LEU A 27 32.98 38.02 -3.94
C LEU A 27 34.32 38.28 -3.31
N LYS A 28 35.37 38.40 -4.13
CA LYS A 28 36.73 38.68 -3.62
C LYS A 28 36.81 40.04 -2.93
N ARG A 29 36.03 40.99 -3.45
CA ARG A 29 35.91 42.32 -2.85
C ARG A 29 35.25 42.20 -1.50
N ILE A 30 34.03 41.66 -1.47
CA ILE A 30 33.32 41.40 -0.20
C ILE A 30 34.23 40.84 0.92
N VAL A 31 35.11 39.91 0.55
CA VAL A 31 36.13 39.44 1.47
C VAL A 31 37.00 40.63 1.91
N GLU A 32 37.40 41.49 0.97
CA GLU A 32 38.25 42.66 1.34
C GLU A 32 37.70 43.37 2.59
N GLY A 33 36.42 43.72 2.55
CA GLY A 33 35.78 44.41 3.64
C GLY A 33 35.90 43.74 4.99
N ILE A 34 36.02 42.40 5.00
CA ILE A 34 35.86 41.66 6.22
C ILE A 34 37.20 41.29 6.77
N LEU A 35 38.03 40.66 5.95
CA LEU A 35 39.29 40.19 6.47
C LEU A 35 40.45 41.13 6.07
N LYS A 36 40.05 42.24 5.44
CA LYS A 36 40.88 43.38 4.98
C LYS A 36 42.07 43.09 4.01
N ARG A 37 42.02 41.93 3.35
CA ARG A 37 43.06 41.49 2.43
C ARG A 37 42.63 41.69 0.97
N PRO A 38 43.44 42.46 0.20
CA PRO A 38 43.09 42.79 -1.20
C PRO A 38 42.98 41.58 -2.10
N PRO A 39 42.11 41.69 -3.14
CA PRO A 39 41.83 40.56 -4.03
C PRO A 39 43.09 39.90 -4.57
N ASP A 40 44.14 40.67 -4.90
CA ASP A 40 45.40 40.01 -5.29
C ASP A 40 45.87 38.94 -4.29
N GLU A 41 45.77 39.19 -2.99
CA GLU A 41 46.34 38.25 -2.02
C GLU A 41 45.49 36.97 -1.77
N GLN A 42 44.44 36.76 -2.57
CA GLN A 42 43.52 35.68 -2.27
C GLN A 42 43.10 34.92 -3.51
N ARG A 43 43.06 33.59 -3.38
CA ARG A 43 42.46 32.75 -4.40
C ARG A 43 41.20 32.14 -3.74
N LEU A 44 40.30 31.62 -4.56
CA LEU A 44 38.97 31.18 -4.15
C LEU A 44 38.53 29.92 -4.88
N TYR A 45 38.07 28.92 -4.13
CA TYR A 45 37.81 27.62 -4.70
C TYR A 45 36.45 27.12 -4.35
N LYS A 46 35.89 26.27 -5.20
CA LYS A 46 34.89 25.35 -4.74
C LYS A 46 35.39 23.94 -4.93
N ASP A 47 35.51 23.19 -3.84
CA ASP A 47 35.74 21.75 -3.94
C ASP A 47 37.04 21.45 -4.68
N ASP A 48 38.15 22.05 -4.28
CA ASP A 48 39.42 21.91 -5.03
C ASP A 48 39.54 22.79 -6.31
N GLN A 49 38.53 22.72 -7.18
CA GLN A 49 38.63 23.46 -8.42
C GLN A 49 38.95 24.89 -8.07
N LEU A 50 39.83 25.52 -8.85
CA LEU A 50 40.25 26.89 -8.58
C LEU A 50 39.48 27.83 -9.44
N LEU A 51 38.88 28.83 -8.81
CA LEU A 51 37.99 29.74 -9.46
C LEU A 51 38.65 30.98 -10.08
N ASP A 52 38.07 31.40 -11.21
CA ASP A 52 38.46 32.55 -12.03
C ASP A 52 37.57 33.75 -11.81
N ASP A 53 38.19 34.85 -11.39
CA ASP A 53 37.55 36.11 -10.99
C ASP A 53 36.49 36.72 -11.94
N GLY A 54 36.44 36.24 -13.17
CA GLY A 54 35.58 36.84 -14.17
C GLY A 54 34.32 36.05 -14.42
N LYS A 55 34.24 34.90 -13.74
CA LYS A 55 33.14 33.97 -13.92
C LYS A 55 32.05 34.15 -12.86
N THR A 56 30.79 34.17 -13.29
CA THR A 56 29.65 34.35 -12.37
C THR A 56 29.50 33.20 -11.42
N LEU A 57 28.96 33.50 -10.25
CA LEU A 57 28.65 32.50 -9.25
C LEU A 57 27.78 31.41 -9.85
N GLY A 58 26.65 31.83 -10.39
CA GLY A 58 25.85 30.93 -11.21
C GLY A 58 26.67 29.90 -11.97
N GLU A 59 27.73 30.35 -12.64
CA GLU A 59 28.47 29.54 -13.59
C GLU A 59 29.52 28.71 -12.92
N CYS A 60 30.01 29.17 -11.77
CA CYS A 60 30.87 28.33 -10.94
C CYS A 60 30.07 27.21 -10.30
N GLY A 61 28.80 27.17 -10.65
CA GLY A 61 27.84 26.28 -10.03
C GLY A 61 27.50 26.71 -8.61
N PHE A 62 27.05 27.95 -8.44
CA PHE A 62 26.29 28.36 -7.25
C PHE A 62 24.88 28.77 -7.62
N THR A 63 23.91 27.91 -7.33
CA THR A 63 22.51 28.23 -7.64
C THR A 63 21.52 28.18 -6.46
N SER A 64 20.30 28.68 -6.68
CA SER A 64 19.31 28.71 -5.63
C SER A 64 18.87 27.33 -5.21
N GLN A 65 19.56 26.31 -5.68
CA GLN A 65 19.23 24.96 -5.29
C GLN A 65 20.50 24.27 -4.86
N THR A 66 21.63 24.95 -5.04
CA THR A 66 22.92 24.43 -4.64
C THR A 66 23.03 24.90 -3.23
N ALA A 67 22.82 26.20 -3.07
CA ALA A 67 23.15 26.94 -1.85
C ALA A 67 21.89 27.64 -1.27
N ARG A 68 21.19 26.89 -0.43
CA ARG A 68 19.92 27.33 0.14
C ARG A 68 20.25 27.93 1.50
N PRO A 69 19.73 29.12 1.81
CA PRO A 69 20.04 29.73 3.10
C PRO A 69 20.29 28.68 4.19
N GLN A 70 19.47 27.63 4.18
CA GLN A 70 19.53 26.55 5.17
C GLN A 70 20.67 25.57 5.00
N ALA A 71 21.11 25.39 3.76
CA ALA A 71 22.32 24.65 3.49
C ALA A 71 23.08 25.45 2.41
N PRO A 72 23.95 26.38 2.89
CA PRO A 72 24.68 27.25 2.00
C PRO A 72 25.91 26.50 1.54
N ALA A 73 26.28 26.70 0.29
CA ALA A 73 27.52 26.10 -0.24
C ALA A 73 28.79 26.74 0.35
N THR A 74 29.89 25.98 0.32
CA THR A 74 31.21 26.43 0.79
C THR A 74 32.07 26.94 -0.36
N VAL A 75 32.86 27.97 -0.07
CA VAL A 75 33.88 28.47 -0.99
C VAL A 75 35.18 28.49 -0.23
N GLY A 76 36.16 27.73 -0.74
CA GLY A 76 37.52 27.71 -0.20
C GLY A 76 38.19 29.06 -0.40
N LEU A 77 39.00 29.44 0.59
CA LEU A 77 39.79 30.69 0.59
C LEU A 77 41.21 30.38 1.03
N ALA A 78 42.16 30.92 0.28
CA ALA A 78 43.58 30.74 0.51
C ALA A 78 44.34 32.04 0.21
N PHE A 79 45.40 32.30 1.00
CA PHE A 79 46.15 33.57 1.05
C PHE A 79 47.64 33.59 0.60
N ARG A 80 48.34 34.69 0.96
CA ARG A 80 49.74 35.05 0.53
C ARG A 80 49.86 35.26 -0.99
N ALA A 81 50.34 36.45 -1.40
CA ALA A 81 50.08 37.08 -2.74
C ALA A 81 50.56 36.37 -4.02
N ASP A 82 51.35 37.07 -4.83
CA ASP A 82 52.16 36.46 -5.91
C ASP A 82 53.29 35.67 -5.22
N ASP A 83 53.93 36.35 -4.25
CA ASP A 83 54.88 35.75 -3.29
C ASP A 83 54.35 34.47 -2.57
N THR A 84 54.25 33.36 -3.32
CA THR A 84 53.73 32.01 -2.88
C THR A 84 52.37 31.92 -2.16
N PHE A 85 51.40 31.29 -2.82
CA PHE A 85 50.11 31.01 -2.20
C PHE A 85 50.17 29.78 -1.27
N GLU A 86 49.66 29.96 -0.05
CA GLU A 86 49.48 28.87 0.91
C GLU A 86 48.55 27.82 0.28
N ALA A 87 48.71 26.55 0.60
CA ALA A 87 47.83 25.52 0.04
C ALA A 87 46.40 25.67 0.56
N LEU A 88 45.45 25.07 -0.14
CA LEU A 88 44.07 25.01 0.32
C LEU A 88 43.94 24.20 1.63
N CYS A 89 43.42 24.83 2.68
CA CYS A 89 43.25 24.14 3.96
C CYS A 89 42.09 24.66 4.88
N ILE A 90 41.28 23.71 5.34
CA ILE A 90 40.04 24.01 6.07
C ILE A 90 39.84 23.02 7.20
N GLU A 91 40.13 23.41 8.43
CA GLU A 91 39.87 22.57 9.61
C GLU A 91 38.44 22.06 9.53
N PRO A 92 38.21 20.74 9.75
CA PRO A 92 36.81 20.27 9.69
C PRO A 92 36.04 20.61 10.98
N PHE A 93 34.72 20.37 10.97
CA PHE A 93 33.93 20.67 12.16
C PHE A 93 33.89 19.59 13.27
N SER A 94 34.03 20.04 14.53
CA SER A 94 33.79 19.23 15.73
C SER A 94 32.76 18.13 15.52
N SER A 95 33.08 16.95 16.01
CA SER A 95 32.29 15.77 15.69
C SER A 95 31.16 15.62 16.70
N PRO A 96 29.99 15.17 16.22
CA PRO A 96 28.82 14.87 17.07
C PRO A 96 28.93 13.52 17.78
N PRO A 97 28.55 13.45 19.07
CA PRO A 97 28.52 12.27 19.94
C PRO A 97 27.31 11.31 19.82
N GLU A 98 27.37 10.25 20.64
CA GLU A 98 26.41 9.13 20.78
C GLU A 98 25.24 9.01 19.78
N LEU A 99 24.03 9.19 20.31
CA LEU A 99 22.76 9.23 19.57
C LEU A 99 21.58 8.81 20.44
N MET B 2 28.42 46.35 10.38
CA MET B 2 28.29 45.32 9.31
C MET B 2 28.47 43.92 9.89
N TYR B 3 29.68 43.51 10.23
CA TYR B 3 29.82 42.13 10.62
C TYR B 3 30.22 41.95 12.05
N VAL B 4 30.00 40.75 12.58
CA VAL B 4 30.38 40.42 13.96
C VAL B 4 30.89 39.00 13.94
N LYS B 5 31.76 38.67 14.89
CA LYS B 5 32.35 37.34 14.95
C LYS B 5 31.74 36.55 16.10
N LEU B 6 31.61 35.26 15.96
CA LEU B 6 31.06 34.50 17.05
C LEU B 6 31.94 33.30 17.25
N ILE B 7 32.59 33.22 18.40
CA ILE B 7 33.65 32.24 18.47
C ILE B 7 33.24 30.95 19.14
N SER B 8 33.35 29.89 18.37
CA SER B 8 33.07 28.59 18.86
C SER B 8 33.91 28.33 20.09
N SER B 9 33.64 27.21 20.74
CA SER B 9 34.44 26.78 21.86
C SER B 9 35.60 25.85 21.40
N ASP B 10 35.63 25.54 20.10
CA ASP B 10 36.68 24.71 19.54
C ASP B 10 37.49 25.56 18.59
N GLY B 11 37.60 26.85 18.89
CA GLY B 11 38.43 27.77 18.10
C GLY B 11 37.73 28.48 16.96
N HIS B 12 36.97 27.74 16.16
CA HIS B 12 36.32 28.22 14.96
C HIS B 12 35.59 29.54 15.05
N GLU B 13 35.71 30.40 14.05
CA GLU B 13 35.12 31.74 14.06
C GLU B 13 34.16 31.96 12.90
N PHE B 14 33.04 32.61 13.22
CA PHE B 14 31.94 32.61 12.32
C PHE B 14 31.61 34.05 12.11
N ILE B 15 31.97 34.52 10.94
CA ILE B 15 31.63 35.87 10.66
C ILE B 15 30.20 35.84 10.12
N VAL B 16 29.33 36.59 10.79
CA VAL B 16 27.97 36.80 10.34
C VAL B 16 27.65 38.28 10.46
N LYS B 17 26.61 38.68 9.70
CA LYS B 17 26.12 40.02 9.65
C LYS B 17 25.44 40.33 10.95
N ARG B 18 25.55 41.56 11.43
CA ARG B 18 24.87 41.98 12.68
C ARG B 18 23.35 41.73 12.67
N GLU B 19 22.77 42.01 11.51
CA GLU B 19 21.35 41.94 11.29
C GLU B 19 20.87 40.51 11.46
N HIS B 20 21.67 39.56 10.97
CA HIS B 20 21.34 38.15 11.10
C HIS B 20 21.62 37.72 12.53
N ALA B 21 22.48 38.47 13.19
CA ALA B 21 23.05 38.06 14.47
C ALA B 21 22.08 38.46 15.54
N LEU B 22 21.79 39.73 15.60
CA LEU B 22 20.82 40.24 16.53
C LEU B 22 19.52 39.47 16.51
N THR B 23 19.48 38.27 15.99
CA THR B 23 18.27 37.45 16.08
C THR B 23 18.21 36.73 17.42
N SER B 24 19.37 36.27 17.88
CA SER B 24 19.53 35.76 19.23
C SER B 24 19.45 36.86 20.24
N GLY B 25 18.34 36.96 20.98
CA GLY B 25 18.20 37.95 22.08
C GLY B 25 19.35 37.86 23.09
N THR B 26 19.83 36.63 23.33
CA THR B 26 21.09 36.41 24.02
C THR B 26 22.20 37.21 23.36
N ILE B 27 22.48 36.94 22.09
CA ILE B 27 23.61 37.62 21.43
C ILE B 27 23.41 39.13 21.27
N LYS B 28 22.19 39.59 21.05
CA LYS B 28 21.91 41.05 21.04
C LYS B 28 22.53 41.75 22.24
N ALA B 29 22.66 41.03 23.34
CA ALA B 29 23.15 41.59 24.60
C ALA B 29 24.63 41.33 24.87
N MET B 30 25.23 40.38 24.19
CA MET B 30 26.66 40.13 24.42
C MET B 30 27.48 41.01 23.48
N LEU B 31 26.90 41.28 22.31
CA LEU B 31 27.29 42.43 21.50
C LEU B 31 26.74 43.65 22.27
N SER B 32 26.65 44.82 21.65
CA SER B 32 26.19 45.99 22.42
C SER B 32 26.81 46.01 23.83
N ASN B 43 32.36 43.96 16.93
CA ASN B 43 32.52 43.32 18.24
C ASN B 43 32.38 41.79 18.18
N GLU B 44 32.96 41.09 19.17
CA GLU B 44 33.03 39.60 19.25
C GLU B 44 32.15 38.93 20.33
N VAL B 45 31.92 37.61 20.22
CA VAL B 45 31.33 36.83 21.31
C VAL B 45 31.94 35.45 21.42
N ASN B 46 32.67 35.16 22.50
CA ASN B 46 33.08 33.78 22.75
C ASN B 46 31.92 32.97 23.33
N PHE B 47 31.87 31.70 22.98
CA PHE B 47 30.94 30.80 23.61
C PHE B 47 31.76 29.65 24.15
N ARG B 48 31.91 29.64 25.47
CA ARG B 48 32.67 28.58 26.11
C ARG B 48 32.03 27.18 25.92
N GLU B 49 30.70 27.08 25.88
CA GLU B 49 30.06 25.75 25.80
C GLU B 49 29.11 25.47 24.62
N ILE B 50 29.52 25.90 23.42
CA ILE B 50 28.86 25.55 22.16
C ILE B 50 29.96 25.22 21.17
N PRO B 51 30.09 23.93 20.81
CA PRO B 51 31.11 23.51 19.85
C PRO B 51 30.75 24.12 18.48
N SER B 52 31.60 23.93 17.47
CA SER B 52 31.37 24.55 16.16
C SER B 52 30.24 23.87 15.38
N HIS B 53 30.11 22.55 15.57
CA HIS B 53 29.16 21.79 14.74
C HIS B 53 27.70 22.25 15.03
N VAL B 54 27.59 23.15 15.98
CA VAL B 54 26.36 23.71 16.44
C VAL B 54 26.24 25.13 15.91
N LEU B 55 27.28 25.92 16.14
CA LEU B 55 27.25 27.32 15.84
C LEU B 55 27.04 27.52 14.36
N SER B 56 27.43 26.51 13.57
CA SER B 56 27.24 26.60 12.12
C SER B 56 25.78 26.54 11.72
N LYS B 57 25.07 25.54 12.27
CA LYS B 57 23.62 25.43 12.15
C LYS B 57 22.89 26.68 12.71
N VAL B 58 23.29 27.13 13.89
CA VAL B 58 22.73 28.33 14.41
C VAL B 58 22.81 29.41 13.32
N CYS B 59 24.02 29.74 12.88
CA CYS B 59 24.21 30.79 11.87
C CYS B 59 23.32 30.58 10.67
N MET B 60 23.22 29.33 10.23
CA MET B 60 22.30 28.90 9.18
C MET B 60 20.86 29.28 9.53
N TYR B 61 20.47 29.04 10.77
CA TYR B 61 19.12 29.40 11.18
C TYR B 61 18.88 30.90 11.10
N PHE B 62 19.87 31.69 11.53
CA PHE B 62 19.77 33.15 11.41
C PHE B 62 19.64 33.51 9.94
N THR B 63 20.38 32.89 9.04
CA THR B 63 20.16 33.27 7.64
C THR B 63 18.79 32.74 7.12
N TYR B 64 18.51 31.46 7.37
CA TYR B 64 17.16 30.92 7.13
C TYR B 64 16.01 31.63 7.87
N LYS B 65 16.29 32.26 9.02
CA LYS B 65 15.27 33.07 9.66
C LYS B 65 15.15 34.38 8.96
N VAL B 66 16.25 34.98 8.54
CA VAL B 66 16.18 36.36 8.08
C VAL B 66 15.68 36.37 6.68
N ARG B 67 15.88 35.26 5.99
CA ARG B 67 15.46 35.23 4.62
C ARG B 67 13.96 35.14 4.64
N TYR B 68 13.44 34.12 5.31
CA TYR B 68 12.10 33.65 5.06
C TYR B 68 10.93 34.31 5.82
N THR B 69 11.20 35.05 6.89
CA THR B 69 10.09 35.64 7.64
C THR B 69 9.43 36.77 6.88
N ASN B 70 8.10 36.82 6.95
CA ASN B 70 7.29 37.90 6.32
C ASN B 70 7.02 37.65 4.84
N SER B 71 6.82 36.37 4.48
CA SER B 71 6.85 36.02 3.07
C SER B 71 5.91 34.89 2.61
N SER B 72 5.35 35.10 1.43
CA SER B 72 4.61 34.09 0.66
C SER B 72 5.44 32.87 0.20
N THR B 73 6.52 33.14 -0.55
CA THR B 73 7.39 32.13 -1.22
C THR B 73 7.56 30.75 -0.51
N GLU B 74 6.45 30.02 -0.33
CA GLU B 74 6.44 28.73 0.37
C GLU B 74 7.69 28.48 1.26
N ILE B 75 7.58 28.73 2.56
CA ILE B 75 8.69 28.40 3.42
C ILE B 75 8.95 26.87 3.49
N PRO B 76 10.18 26.44 3.12
CA PRO B 76 10.69 25.07 3.24
C PRO B 76 11.08 24.68 4.66
N GLU B 77 11.33 23.40 4.86
CA GLU B 77 11.73 22.91 6.15
C GLU B 77 13.23 23.03 6.44
N PHE B 78 13.53 23.84 7.45
CA PHE B 78 14.80 23.73 8.18
C PHE B 78 15.13 22.29 8.63
N PRO B 79 16.20 21.66 8.05
CA PRO B 79 16.44 20.22 8.30
C PRO B 79 17.40 20.04 9.44
N ILE B 80 17.03 19.27 10.45
CA ILE B 80 17.94 19.00 11.58
C ILE B 80 18.43 17.53 11.59
N ALA B 81 19.74 17.32 11.52
CA ALA B 81 20.21 15.95 11.50
C ALA B 81 20.10 15.42 12.90
N PRO B 82 19.55 14.20 13.04
CA PRO B 82 19.45 13.57 14.33
C PRO B 82 20.65 13.68 15.26
N GLU B 83 21.85 13.24 14.85
CA GLU B 83 23.07 13.32 15.70
C GLU B 83 23.15 14.62 16.50
N ILE B 84 22.68 15.71 15.89
CA ILE B 84 22.89 17.10 16.37
C ILE B 84 21.74 17.68 17.21
N ALA B 85 20.61 16.97 17.26
CA ALA B 85 19.37 17.49 17.84
C ALA B 85 19.53 18.00 19.25
N LEU B 86 20.06 17.18 20.14
CA LEU B 86 20.11 17.61 21.53
C LEU B 86 20.95 18.84 21.67
N GLU B 87 22.20 18.76 21.21
CA GLU B 87 23.10 19.90 21.31
C GLU B 87 22.55 21.14 20.67
N LEU B 88 21.86 20.99 19.55
CA LEU B 88 21.22 22.14 18.95
C LEU B 88 20.14 22.69 19.87
N LEU B 89 19.34 21.79 20.42
CA LEU B 89 18.25 22.16 21.31
C LEU B 89 18.75 23.01 22.43
N MET B 90 19.91 22.66 22.95
CA MET B 90 20.48 23.35 24.10
C MET B 90 21.06 24.70 23.75
N ALA B 91 21.67 24.83 22.58
CA ALA B 91 22.10 26.15 22.15
C ALA B 91 20.86 26.98 21.92
N ALA B 92 19.90 26.43 21.18
CA ALA B 92 18.62 27.10 20.92
C ALA B 92 18.09 27.82 22.17
N ASN B 93 17.86 27.03 23.22
CA ASN B 93 17.31 27.55 24.46
C ASN B 93 18.18 28.61 25.13
N PHE B 94 19.48 28.38 25.15
CA PHE B 94 20.38 29.38 25.69
C PHE B 94 20.34 30.68 24.90
N LEU B 95 20.34 30.58 23.57
CA LEU B 95 20.47 31.75 22.71
C LEU B 95 19.17 32.50 22.53
N ASP B 96 18.10 31.91 23.09
CA ASP B 96 16.73 32.42 22.97
C ASP B 96 16.35 32.74 21.55
N CYS B 97 16.01 31.70 20.80
CA CYS B 97 15.65 31.88 19.38
C CYS B 97 15.08 30.63 18.72
N LEU C 13 -15.41 32.25 20.50
CA LEU C 13 -14.65 32.01 19.22
C LEU C 13 -15.30 30.99 18.30
N ARG C 14 -16.38 31.39 17.64
CA ARG C 14 -17.19 30.47 16.89
C ARG C 14 -17.33 30.96 15.46
N SER C 15 -17.71 30.04 14.57
CA SER C 15 -18.24 30.39 13.30
C SER C 15 -19.62 31.07 13.47
N VAL C 16 -19.82 32.18 12.77
CA VAL C 16 -21.16 32.72 12.60
C VAL C 16 -22.04 31.89 11.62
N ASN C 17 -23.13 31.32 12.14
CA ASN C 17 -24.10 30.52 11.37
C ASN C 17 -24.75 31.28 10.21
N SER C 18 -23.94 31.68 9.23
CA SER C 18 -24.56 32.13 8.00
C SER C 18 -24.86 30.83 7.29
N ARG C 19 -25.71 30.91 6.30
CA ARG C 19 -25.91 29.79 5.45
C ARG C 19 -25.65 30.31 4.04
N GLU C 20 -24.61 31.13 3.91
CA GLU C 20 -24.19 31.58 2.60
C GLU C 20 -23.04 30.72 2.12
N PRO C 21 -23.35 29.67 1.33
CA PRO C 21 -22.30 28.73 0.93
C PRO C 21 -21.13 29.52 0.39
N SER C 22 -19.91 29.10 0.70
CA SER C 22 -18.73 29.73 0.13
C SER C 22 -17.76 28.66 -0.34
N GLN C 23 -17.42 28.71 -1.62
CA GLN C 23 -16.53 27.71 -2.18
C GLN C 23 -15.05 28.09 -1.94
N VAL C 24 -14.33 27.26 -1.18
CA VAL C 24 -12.91 27.49 -0.88
C VAL C 24 -12.07 26.35 -1.43
N ILE C 25 -10.77 26.57 -1.43
CA ILE C 25 -9.86 25.56 -1.89
C ILE C 25 -8.57 25.57 -1.08
N PHE C 26 -8.19 24.39 -0.60
CA PHE C 26 -7.12 24.30 0.33
C PHE C 26 -5.93 23.83 -0.45
N CYS C 27 -5.04 24.75 -0.83
CA CYS C 27 -3.73 24.31 -1.31
C CYS C 27 -2.72 24.14 -0.16
N ASN C 28 -2.22 22.91 -0.05
CA ASN C 28 -1.18 22.53 0.93
C ASN C 28 0.26 22.73 0.46
N ARG C 29 0.81 23.92 0.71
CA ARG C 29 2.19 24.21 0.30
C ARG C 29 3.22 23.85 1.38
N SER C 30 3.24 22.59 1.83
CA SER C 30 4.04 22.22 3.01
C SER C 30 4.51 20.77 2.92
N PRO C 31 5.72 20.47 3.45
CA PRO C 31 6.11 19.09 3.56
C PRO C 31 5.16 18.22 4.37
N ARG C 32 4.23 18.82 5.11
CA ARG C 32 3.52 18.00 6.11
C ARG C 32 2.13 17.56 5.66
N VAL C 33 1.65 16.45 6.23
CA VAL C 33 0.22 16.10 6.13
C VAL C 33 -0.52 17.13 7.00
N VAL C 34 -1.29 18.02 6.36
CA VAL C 34 -2.11 19.05 7.01
C VAL C 34 -3.50 18.49 7.40
N LEU C 35 -3.96 18.77 8.62
CA LEU C 35 -5.34 18.48 9.05
C LEU C 35 -6.13 19.76 9.11
N PRO C 36 -7.12 19.95 8.22
CA PRO C 36 -7.95 21.14 8.35
C PRO C 36 -8.83 20.99 9.58
N VAL C 37 -9.07 22.12 10.25
CA VAL C 37 -9.90 22.16 11.46
C VAL C 37 -10.98 23.27 11.48
N TRP C 38 -12.25 22.89 11.24
CA TRP C 38 -13.37 23.83 11.38
C TRP C 38 -13.73 24.02 12.85
N LEU C 39 -13.78 25.27 13.29
CA LEU C 39 -14.19 25.58 14.66
C LEU C 39 -15.72 25.85 14.71
N ASN C 40 -16.39 24.98 15.46
CA ASN C 40 -17.85 24.84 15.54
C ASN C 40 -18.68 26.09 15.84
N PHE C 41 -20.00 25.99 15.63
CA PHE C 41 -20.95 27.03 16.11
C PHE C 41 -20.94 27.27 17.62
N ASP C 42 -20.46 26.26 18.38
CA ASP C 42 -20.27 26.32 19.86
C ASP C 42 -18.85 26.63 20.27
N GLY C 43 -17.88 26.26 19.43
CA GLY C 43 -16.50 26.58 19.75
C GLY C 43 -15.56 25.42 19.48
N GLU C 44 -16.02 24.20 19.77
CA GLU C 44 -15.21 22.99 19.60
C GLU C 44 -14.58 22.74 18.17
N PRO C 45 -13.28 22.52 18.12
CA PRO C 45 -12.63 22.12 16.88
C PRO C 45 -13.16 20.80 16.35
N GLN C 46 -13.71 20.82 15.13
CA GLN C 46 -14.02 19.58 14.41
C GLN C 46 -12.92 19.36 13.36
N PRO C 47 -12.48 18.12 13.17
CA PRO C 47 -11.48 17.86 12.12
C PRO C 47 -11.97 17.18 10.83
N TYR C 48 -11.50 17.71 9.69
CA TYR C 48 -11.79 17.14 8.38
C TYR C 48 -10.77 16.10 7.91
N PRO C 49 -10.91 15.58 6.67
CA PRO C 49 -9.90 14.61 6.31
C PRO C 49 -8.66 15.37 5.90
N THR C 50 -7.50 14.77 6.06
CA THR C 50 -6.24 15.49 5.81
C THR C 50 -5.73 15.51 4.34
N LEU C 51 -4.77 16.43 4.10
CA LEU C 51 -4.16 16.69 2.77
C LEU C 51 -2.72 16.30 2.66
N PRO C 52 -2.41 15.25 1.86
CA PRO C 52 -0.99 14.90 1.53
C PRO C 52 -0.27 16.14 0.96
N PRO C 53 0.96 16.47 1.42
CA PRO C 53 1.67 17.73 1.05
C PRO C 53 1.75 17.96 -0.46
N GLY C 54 1.54 19.20 -0.91
CA GLY C 54 1.42 19.46 -2.36
C GLY C 54 -0.04 19.62 -2.81
N THR C 55 -0.72 18.47 -2.96
CA THR C 55 -2.18 18.28 -2.81
C THR C 55 -3.12 19.46 -2.47
N GLY C 56 -4.16 19.61 -3.29
CA GLY C 56 -5.21 20.58 -3.07
C GLY C 56 -6.57 19.92 -2.92
N ARG C 57 -7.59 20.71 -2.54
CA ARG C 57 -9.00 20.23 -2.61
C ARG C 57 -10.05 21.30 -2.53
N ARG C 58 -11.10 21.10 -3.30
CA ARG C 58 -12.16 22.05 -3.37
C ARG C 58 -13.08 21.81 -2.17
N ILE C 59 -13.55 22.86 -1.54
CA ILE C 59 -14.23 22.72 -0.28
C ILE C 59 -15.46 23.59 -0.25
N HIS C 60 -16.56 23.04 0.22
CA HIS C 60 -17.69 23.92 0.49
C HIS C 60 -17.80 24.33 1.94
N SER C 61 -17.87 25.63 2.13
CA SER C 61 -17.99 26.13 3.48
C SER C 61 -18.87 27.34 3.40
N TYR C 62 -18.67 28.30 4.29
CA TYR C 62 -19.65 29.36 4.41
C TYR C 62 -18.96 30.63 4.90
N ARG C 63 -19.45 31.77 4.43
CA ARG C 63 -18.92 33.05 4.90
C ARG C 63 -18.82 33.08 6.44
N GLY C 64 -17.80 33.77 6.93
CA GLY C 64 -17.60 33.93 8.35
C GLY C 64 -17.43 32.69 9.21
N HIS C 65 -17.21 31.52 8.59
CA HIS C 65 -16.80 30.32 9.36
C HIS C 65 -15.30 30.41 9.62
N LEU C 66 -14.79 29.61 10.57
CA LEU C 66 -13.38 29.76 10.96
C LEU C 66 -12.59 28.47 10.88
N TRP C 67 -11.44 28.52 10.21
CA TRP C 67 -10.60 27.33 10.12
C TRP C 67 -9.20 27.49 10.69
N LEU C 68 -8.46 26.41 10.76
CA LEU C 68 -7.08 26.52 11.12
C LEU C 68 -6.38 25.20 10.82
N PHE C 69 -5.06 25.24 10.63
CA PHE C 69 -4.41 24.11 9.99
C PHE C 69 -3.26 23.67 10.79
N ARG C 70 -3.04 22.36 10.73
CA ARG C 70 -1.89 21.81 11.37
C ARG C 70 -1.46 20.39 10.97
N ASP C 71 -0.22 20.05 11.34
CA ASP C 71 0.33 18.74 11.06
C ASP C 71 -0.64 17.68 11.61
N ALA C 72 -1.14 16.82 10.75
CA ALA C 72 -2.03 15.77 11.21
C ALA C 72 -1.38 14.72 12.11
N GLY C 73 -0.07 14.83 12.33
CA GLY C 73 0.66 13.82 13.13
C GLY C 73 1.31 14.31 14.43
N THR C 74 1.40 15.64 14.61
CA THR C 74 2.13 16.25 15.70
C THR C 74 1.53 17.62 15.97
N HIS C 75 0.21 17.74 15.78
CA HIS C 75 -0.56 19.02 15.88
C HIS C 75 0.12 20.46 15.77
N ASP C 76 1.37 20.50 15.25
CA ASP C 76 2.15 21.76 15.05
C ASP C 76 1.35 22.86 14.31
N GLY C 77 1.66 24.13 14.51
CA GLY C 77 0.87 25.18 13.88
C GLY C 77 1.35 25.66 12.51
N LEU C 78 0.46 25.56 11.51
CA LEU C 78 0.74 26.09 10.21
C LEU C 78 0.00 27.43 10.01
N LEU C 79 0.31 28.19 8.96
CA LEU C 79 -0.43 29.40 8.66
C LEU C 79 -1.41 29.23 7.48
N VAL C 80 -2.40 30.09 7.39
CA VAL C 80 -3.26 30.05 6.23
C VAL C 80 -3.39 31.52 5.80
N ASN C 81 -3.06 31.79 4.53
CA ASN C 81 -2.95 33.15 4.06
C ASN C 81 -2.27 34.05 5.08
N GLN C 82 -1.17 33.49 5.60
CA GLN C 82 -0.18 34.25 6.34
C GLN C 82 -0.62 34.56 7.75
N THR C 83 -1.92 34.42 8.03
CA THR C 83 -2.38 34.59 9.39
C THR C 83 -2.60 33.24 10.09
N GLU C 84 -2.97 33.33 11.36
CA GLU C 84 -3.30 32.15 12.16
C GLU C 84 -4.61 31.47 11.74
N LEU C 85 -5.60 32.26 11.27
CA LEU C 85 -7.01 31.82 11.15
C LEU C 85 -7.75 32.21 9.88
N PHE C 86 -8.36 31.21 9.24
CA PHE C 86 -9.09 31.37 7.97
C PHE C 86 -10.61 31.60 8.07
N VAL C 87 -11.03 32.73 7.54
CA VAL C 87 -12.44 33.00 7.37
C VAL C 87 -12.71 33.14 5.88
N PRO C 88 -13.42 32.15 5.28
CA PRO C 88 -13.90 32.24 3.91
C PRO C 88 -14.66 33.55 3.65
N SER C 89 -14.35 34.17 2.51
CA SER C 89 -14.96 35.41 2.11
C SER C 89 -15.87 35.26 0.88
N LEU C 90 -16.48 36.40 0.51
CA LEU C 90 -17.52 36.51 -0.53
C LEU C 90 -17.39 35.50 -1.68
N ASN C 91 -18.13 34.38 -1.55
CA ASN C 91 -17.95 33.15 -2.36
C ASN C 91 -17.86 33.34 -3.85
N VAL C 92 -18.40 34.47 -4.33
CA VAL C 92 -18.39 34.86 -5.74
C VAL C 92 -17.49 36.10 -5.85
N ASP C 93 -17.89 37.07 -6.67
CA ASP C 93 -16.95 38.11 -7.07
C ASP C 93 -15.73 37.41 -7.67
N GLY C 94 -15.99 36.34 -8.44
CA GLY C 94 -14.92 35.55 -9.08
C GLY C 94 -15.03 34.03 -8.91
N GLN C 95 -15.31 33.60 -7.68
CA GLN C 95 -15.64 32.22 -7.30
C GLN C 95 -14.82 31.66 -6.11
N PRO C 96 -13.77 30.84 -6.35
CA PRO C 96 -13.26 30.12 -5.16
C PRO C 96 -12.31 30.95 -4.31
N ILE C 97 -12.30 30.74 -2.99
CA ILE C 97 -11.33 31.45 -2.14
C ILE C 97 -10.11 30.58 -1.81
N PHE C 98 -8.94 31.22 -1.89
CA PHE C 98 -7.69 30.49 -1.91
C PHE C 98 -7.02 30.37 -0.57
N ALA C 99 -6.95 29.12 -0.06
CA ALA C 99 -6.35 28.81 1.24
C ALA C 99 -4.98 28.11 1.14
N ASN C 100 -3.92 28.92 1.27
CA ASN C 100 -2.52 28.44 1.13
C ASN C 100 -1.95 28.15 2.49
N ILE C 101 -1.39 26.96 2.66
CA ILE C 101 -1.03 26.44 3.98
C ILE C 101 0.49 26.24 4.15
N THR C 102 1.08 26.97 5.09
CA THR C 102 2.55 27.06 5.18
C THR C 102 3.22 26.78 6.55
N LEU C 103 4.47 26.32 6.48
CA LEU C 103 5.33 26.32 7.65
C LEU C 103 5.52 27.77 8.01
N PRO C 104 5.45 28.09 9.30
CA PRO C 104 6.08 29.36 9.60
C PRO C 104 7.60 29.15 9.69
N VAL C 105 8.33 30.24 9.87
CA VAL C 105 9.64 30.09 10.44
C VAL C 105 9.38 29.68 11.91
N TYR C 106 9.31 28.38 12.18
CA TYR C 106 9.31 27.96 13.57
C TYR C 106 10.53 28.62 14.15
N THR C 107 10.54 28.85 15.46
CA THR C 107 11.80 29.28 16.08
C THR C 107 12.70 28.06 16.09
N LEU C 108 13.97 28.27 16.42
CA LEU C 108 14.90 27.18 16.40
C LEU C 108 14.56 26.29 17.56
N LYS C 109 13.99 26.85 18.63
CA LYS C 109 13.74 26.01 19.78
C LYS C 109 12.58 25.07 19.52
N GLU C 110 11.45 25.60 19.04
CA GLU C 110 10.29 24.73 18.81
C GLU C 110 10.67 23.67 17.80
N ARG C 111 11.22 24.10 16.67
CA ARG C 111 11.78 23.16 15.71
C ARG C 111 12.59 22.12 16.44
N CYS C 112 13.44 22.54 17.35
CA CYS C 112 14.28 21.56 18.02
C CYS C 112 13.50 20.58 18.90
N LEU C 113 12.43 21.05 19.53
CA LEU C 113 11.58 20.07 20.20
C LEU C 113 10.98 19.08 19.14
N GLN C 114 10.34 19.60 18.12
CA GLN C 114 9.88 18.75 16.99
C GLN C 114 10.74 17.50 16.63
N VAL C 115 12.01 17.71 16.23
CA VAL C 115 12.90 16.61 15.81
C VAL C 115 13.05 15.61 16.92
N VAL C 116 13.32 16.13 18.13
CA VAL C 116 13.37 15.27 19.31
C VAL C 116 12.00 14.61 19.61
N ARG C 117 10.92 15.37 19.61
CA ARG C 117 9.63 14.69 19.77
C ARG C 117 9.50 13.51 18.81
N SER C 118 9.84 13.76 17.54
CA SER C 118 9.76 12.80 16.46
C SER C 118 10.80 11.71 16.55
N LEU C 119 11.77 11.85 17.46
CA LEU C 119 12.87 10.90 17.51
C LEU C 119 12.83 9.97 18.73
N VAL C 120 12.09 10.39 19.75
CA VAL C 120 11.97 9.65 21.04
C VAL C 120 10.55 9.51 21.59
N LYS C 121 10.18 8.26 21.92
CA LYS C 121 9.01 7.95 22.73
C LYS C 121 9.02 8.75 24.06
N PRO C 122 7.94 9.55 24.30
CA PRO C 122 7.92 10.49 25.42
C PRO C 122 7.67 9.78 26.74
N GLU C 123 7.47 8.45 26.66
CA GLU C 123 7.72 7.61 27.83
C GLU C 123 9.20 7.77 28.13
N ASN C 124 10.06 7.32 27.21
CA ASN C 124 11.53 7.26 27.42
C ASN C 124 12.30 8.59 27.25
N TYR C 125 11.73 9.73 27.64
CA TYR C 125 12.38 11.08 27.54
C TYR C 125 13.05 11.62 28.83
N ARG C 126 13.35 10.75 29.78
CA ARG C 126 13.83 11.16 31.11
C ARG C 126 15.26 10.69 31.25
N ARG C 127 15.69 9.97 30.20
CA ARG C 127 16.98 9.34 30.09
C ARG C 127 17.76 10.06 28.99
N LEU C 128 17.53 11.37 28.85
CA LEU C 128 18.06 12.18 27.75
C LEU C 128 18.75 13.40 28.32
N ASP C 129 19.99 13.20 28.76
CA ASP C 129 20.67 14.18 29.61
C ASP C 129 20.62 15.62 29.10
N ILE C 130 19.67 16.36 29.67
CA ILE C 130 19.52 17.81 29.47
C ILE C 130 18.69 18.33 30.65
N VAL C 131 18.94 19.57 31.05
CA VAL C 131 18.19 20.25 32.13
C VAL C 131 16.69 19.85 32.23
N ARG C 132 16.25 19.39 33.40
CA ARG C 132 14.82 19.15 33.71
C ARG C 132 13.82 20.13 33.04
N SER C 133 14.12 21.42 33.10
CA SER C 133 13.31 22.46 32.45
C SER C 133 13.06 22.26 30.95
N LEU C 134 13.95 21.52 30.29
CA LEU C 134 13.78 21.19 28.88
C LEU C 134 13.04 19.90 28.71
N TYR C 135 13.00 19.07 29.76
CA TYR C 135 12.12 17.90 29.78
C TYR C 135 10.65 18.37 29.83
N GLU C 136 10.40 19.46 30.54
CA GLU C 136 9.05 19.96 30.68
C GLU C 136 8.53 20.63 29.42
N ASP C 137 9.44 21.27 28.69
CA ASP C 137 9.14 22.02 27.48
C ASP C 137 8.78 21.05 26.39
N LEU C 138 9.45 19.89 26.44
CA LEU C 138 9.36 18.81 25.47
C LEU C 138 8.14 17.90 25.64
N GLU C 139 7.82 17.59 26.90
CA GLU C 139 6.57 16.86 27.18
C GLU C 139 5.36 17.76 26.89
N ASP C 140 5.60 19.03 26.56
CA ASP C 140 4.53 20.02 26.37
C ASP C 140 4.01 20.22 24.92
N HIS C 141 3.77 19.13 24.20
CA HIS C 141 2.98 19.07 22.97
C HIS C 141 2.10 20.29 22.58
N PRO C 142 2.03 20.61 21.26
CA PRO C 142 1.08 21.66 20.96
C PRO C 142 -0.30 21.01 20.89
N ASN C 143 -1.29 21.76 21.34
CA ASN C 143 -2.64 21.26 21.49
C ASN C 143 -3.52 22.32 20.85
N VAL C 144 -4.62 21.90 20.26
CA VAL C 144 -5.48 22.88 19.62
C VAL C 144 -6.30 23.56 20.71
N GLN C 145 -6.78 22.74 21.64
CA GLN C 145 -7.57 23.24 22.72
C GLN C 145 -6.73 24.27 23.46
N LYS C 146 -5.47 23.93 23.73
CA LYS C 146 -4.51 24.94 24.23
C LYS C 146 -4.51 26.17 23.30
N ASP C 147 -3.96 26.04 22.09
CA ASP C 147 -3.81 27.19 21.20
C ASP C 147 -5.07 28.07 21.09
N LEU C 148 -6.23 27.43 20.97
CA LEU C 148 -7.49 28.15 21.08
C LEU C 148 -7.54 28.98 22.34
N GLU C 149 -7.38 28.34 23.50
CA GLU C 149 -7.28 29.10 24.74
C GLU C 149 -6.20 30.17 24.59
N ARG C 150 -5.15 29.89 23.82
CA ARG C 150 -4.12 30.93 23.59
C ARG C 150 -4.71 32.04 22.70
N LEU C 151 -4.89 31.72 21.41
CA LEU C 151 -5.39 32.70 20.41
C LEU C 151 -6.55 33.51 20.95
N THR C 152 -7.40 32.87 21.76
CA THR C 152 -8.64 33.47 22.26
C THR C 152 -8.49 34.79 23.05
N GLN C 153 -7.26 35.20 23.34
CA GLN C 153 -7.03 36.41 24.15
C GLN C 153 -7.02 37.73 23.34
N GLU C 154 -6.24 37.75 22.26
CA GLU C 154 -5.82 38.99 21.59
C GLU C 154 -6.90 40.11 21.55
N MET D 1 20.75 -9.51 6.27
CA MET D 1 19.96 -9.91 7.50
C MET D 1 20.90 -9.84 8.69
N ASP D 2 20.37 -9.97 9.89
CA ASP D 2 21.17 -9.93 11.11
C ASP D 2 21.81 -11.25 11.43
N VAL D 3 23.01 -11.14 11.99
CA VAL D 3 23.87 -12.29 12.14
C VAL D 3 24.61 -12.15 13.49
N PHE D 4 24.70 -13.23 14.27
CA PHE D 4 25.29 -13.12 15.60
C PHE D 4 26.54 -13.95 15.81
N LEU D 5 27.66 -13.28 16.04
CA LEU D 5 28.96 -13.96 16.10
C LEU D 5 29.49 -14.13 17.46
N MET D 6 30.16 -15.25 17.65
CA MET D 6 31.06 -15.41 18.77
C MET D 6 32.53 -15.27 18.32
N ILE D 7 33.08 -14.07 18.46
CA ILE D 7 34.47 -13.82 18.07
C ILE D 7 35.36 -14.22 19.21
N ARG D 8 36.19 -15.25 18.98
CA ARG D 8 36.92 -15.86 20.07
C ARG D 8 38.41 -15.93 19.81
N ARG D 9 39.19 -15.41 20.74
CA ARG D 9 40.62 -15.55 20.74
C ARG D 9 41.04 -15.92 22.15
N HIS D 10 42.28 -16.43 22.26
CA HIS D 10 42.89 -16.71 23.55
C HIS D 10 42.04 -16.16 24.71
N LYS D 11 41.24 -17.03 25.35
CA LYS D 11 40.32 -16.64 26.46
C LYS D 11 39.34 -15.49 26.14
N THR D 12 39.81 -14.47 25.43
CA THR D 12 38.96 -13.37 24.96
C THR D 12 37.74 -13.86 24.19
N THR D 13 36.55 -13.42 24.58
CA THR D 13 35.39 -13.66 23.76
C THR D 13 34.63 -12.37 23.54
N ILE D 14 34.25 -12.14 22.28
CA ILE D 14 33.47 -10.96 21.91
C ILE D 14 32.14 -11.40 21.27
N PHE D 15 31.05 -11.07 21.94
CA PHE D 15 29.73 -11.33 21.39
C PHE D 15 29.26 -10.12 20.61
N THR D 16 29.07 -10.32 19.31
CA THR D 16 28.71 -9.23 18.43
C THR D 16 27.58 -9.61 17.48
N ASP D 17 26.96 -8.58 16.92
CA ASP D 17 26.06 -8.73 15.81
C ASP D 17 26.64 -8.03 14.57
N ALA D 18 26.00 -8.28 13.43
CA ALA D 18 26.37 -7.65 12.18
C ALA D 18 25.27 -7.95 11.17
N LYS D 19 25.31 -7.17 10.09
CA LYS D 19 24.57 -7.55 8.90
C LYS D 19 25.23 -8.77 8.22
N GLU D 20 24.42 -9.48 7.42
CA GLU D 20 24.85 -10.70 6.79
C GLU D 20 25.88 -10.42 5.71
N SER D 21 25.49 -9.57 4.75
CA SER D 21 26.44 -9.08 3.75
C SER D 21 27.04 -7.74 4.19
N SER D 22 27.80 -7.81 5.28
CA SER D 22 28.69 -6.76 5.70
C SER D 22 30.03 -7.46 5.63
N THR D 23 31.14 -6.74 5.50
CA THR D 23 32.41 -7.42 5.23
C THR D 23 33.26 -7.92 6.42
N VAL D 24 34.00 -8.98 6.12
CA VAL D 24 35.15 -9.42 6.91
C VAL D 24 36.00 -8.19 7.32
N PHE D 25 36.00 -7.13 6.52
CA PHE D 25 36.79 -5.98 6.90
C PHE D 25 36.07 -5.08 7.92
N GLU D 26 34.81 -4.76 7.63
CA GLU D 26 33.89 -4.09 8.57
C GLU D 26 33.93 -4.75 9.96
N LEU D 27 34.04 -6.08 9.97
CA LEU D 27 34.21 -6.87 11.20
C LEU D 27 35.57 -6.71 11.90
N LYS D 28 36.67 -6.76 11.16
CA LYS D 28 38.00 -6.56 11.75
C LYS D 28 38.10 -5.13 12.27
N ARG D 29 37.12 -4.30 11.94
CA ARG D 29 36.99 -2.97 12.52
C ARG D 29 36.41 -2.98 13.96
N ILE D 30 35.24 -3.58 14.11
CA ILE D 30 34.58 -3.75 15.42
C ILE D 30 35.52 -4.35 16.50
N VAL D 31 36.50 -5.13 16.06
CA VAL D 31 37.55 -5.66 16.97
C VAL D 31 38.47 -4.56 17.54
N GLU D 32 38.73 -3.53 16.72
CA GLU D 32 39.58 -2.39 17.11
C GLU D 32 38.86 -1.52 18.16
N GLY D 33 37.57 -1.27 17.91
CA GLY D 33 36.75 -0.39 18.75
C GLY D 33 36.77 -0.72 20.23
N ILE D 34 37.07 -1.99 20.56
CA ILE D 34 37.07 -2.42 21.96
C ILE D 34 38.43 -2.90 22.37
N LEU D 35 39.06 -3.71 21.51
CA LEU D 35 40.36 -4.25 21.83
C LEU D 35 41.56 -3.29 21.57
N LYS D 36 41.26 -2.11 21.00
CA LYS D 36 42.26 -1.06 20.75
C LYS D 36 43.34 -1.47 19.74
N ARG D 37 43.23 -2.69 19.19
CA ARG D 37 44.19 -3.22 18.21
C ARG D 37 43.76 -2.92 16.77
N PRO D 38 44.58 -2.14 16.02
CA PRO D 38 44.38 -1.78 14.60
C PRO D 38 44.08 -3.00 13.70
N PRO D 39 43.22 -2.81 12.66
CA PRO D 39 42.64 -3.90 11.85
C PRO D 39 43.63 -4.71 11.02
N ASP D 40 44.74 -4.11 10.60
CA ASP D 40 45.73 -4.85 9.78
C ASP D 40 46.38 -6.04 10.50
N GLU D 41 46.80 -5.82 11.75
CA GLU D 41 47.58 -6.79 12.53
C GLU D 41 46.86 -8.12 12.92
N GLN D 42 45.67 -8.35 12.34
CA GLN D 42 44.76 -9.44 12.77
C GLN D 42 44.05 -10.13 11.61
N ARG D 43 43.78 -11.43 11.79
CA ARG D 43 43.12 -12.21 10.75
C ARG D 43 42.10 -13.16 11.37
N LEU D 44 41.01 -13.43 10.65
CA LEU D 44 39.84 -14.15 11.19
C LEU D 44 39.66 -15.56 10.62
N TYR D 45 39.05 -16.45 11.37
CA TYR D 45 38.87 -17.84 10.92
C TYR D 45 37.46 -18.41 11.10
N LYS D 46 37.10 -19.33 10.20
CA LYS D 46 35.96 -20.21 10.40
C LYS D 46 36.49 -21.65 10.29
N ASP D 47 36.89 -22.16 11.45
CA ASP D 47 37.30 -23.56 11.65
C ASP D 47 38.69 -23.95 11.12
N ASP D 48 39.64 -23.02 11.21
CA ASP D 48 40.97 -23.16 10.57
C ASP D 48 41.08 -22.33 9.28
N GLN D 49 40.03 -22.38 8.45
CA GLN D 49 40.00 -21.58 7.24
C GLN D 49 40.32 -20.12 7.58
N LEU D 50 41.08 -19.44 6.72
CA LEU D 50 41.37 -18.01 6.89
C LEU D 50 40.47 -17.15 6.01
N LEU D 51 40.36 -15.85 6.35
CA LEU D 51 39.34 -14.98 5.75
C LEU D 51 39.87 -13.78 4.96
N ASP D 52 39.21 -13.54 3.83
CA ASP D 52 39.50 -12.42 2.95
C ASP D 52 38.59 -11.27 3.34
N ASP D 53 39.15 -10.07 3.38
CA ASP D 53 38.48 -8.87 3.89
C ASP D 53 37.48 -8.34 2.86
N GLY D 54 37.65 -8.75 1.60
CA GLY D 54 36.74 -8.33 0.53
C GLY D 54 35.50 -9.18 0.47
N LYS D 55 35.20 -9.88 1.56
CA LYS D 55 34.13 -10.89 1.56
C LYS D 55 33.00 -10.57 2.54
N THR D 56 31.75 -10.75 2.09
CA THR D 56 30.59 -10.57 2.96
C THR D 56 30.65 -11.65 4.03
N LEU D 57 29.93 -11.47 5.14
CA LEU D 57 30.02 -12.41 6.26
C LEU D 57 29.33 -13.75 5.97
N GLY D 58 28.24 -13.66 5.21
CA GLY D 58 27.51 -14.83 4.76
C GLY D 58 28.21 -15.52 3.61
N GLU D 59 29.00 -14.73 2.87
CA GLU D 59 29.86 -15.22 1.79
C GLU D 59 30.87 -16.20 2.38
N CYS D 60 31.24 -15.97 3.65
CA CYS D 60 32.14 -16.87 4.36
C CYS D 60 31.43 -17.82 5.38
N GLY D 61 30.10 -17.92 5.34
CA GLY D 61 29.41 -18.95 6.12
C GLY D 61 28.53 -18.57 7.31
N PHE D 62 28.78 -17.41 7.90
CA PHE D 62 27.98 -16.94 9.01
C PHE D 62 26.67 -16.39 8.49
N THR D 63 25.63 -17.23 8.54
CA THR D 63 24.29 -16.86 8.08
C THR D 63 23.23 -17.10 9.18
N SER D 64 22.11 -16.40 9.06
CA SER D 64 20.98 -16.47 9.99
C SER D 64 20.80 -17.76 10.75
N GLN D 65 20.86 -18.86 10.01
CA GLN D 65 20.67 -20.21 10.56
C GLN D 65 21.91 -20.73 11.27
N THR D 66 23.05 -20.11 11.00
CA THR D 66 24.33 -20.62 11.45
C THR D 66 24.83 -19.86 12.64
N ALA D 67 24.39 -18.61 12.73
CA ALA D 67 24.78 -17.70 13.78
C ALA D 67 23.48 -17.14 14.39
N ARG D 68 22.92 -17.87 15.34
CA ARG D 68 21.64 -17.47 15.96
C ARG D 68 21.86 -17.00 17.37
N PRO D 69 21.06 -16.02 17.82
CA PRO D 69 21.35 -15.45 19.14
C PRO D 69 21.71 -16.48 20.20
N GLN D 70 20.96 -17.59 20.23
CA GLN D 70 21.15 -18.68 21.21
C GLN D 70 22.41 -19.46 20.94
N ALA D 71 22.83 -19.47 19.69
CA ALA D 71 23.87 -20.37 19.27
C ALA D 71 24.73 -19.65 18.23
N PRO D 72 25.68 -18.82 18.70
CA PRO D 72 26.37 -17.99 17.73
C PRO D 72 27.46 -18.77 16.95
N ALA D 73 27.73 -18.37 15.72
CA ALA D 73 28.88 -18.92 15.00
C ALA D 73 30.18 -18.38 15.58
N THR D 74 31.16 -19.27 15.72
CA THR D 74 32.45 -18.91 16.30
C THR D 74 33.37 -18.36 15.22
N VAL D 75 34.26 -17.47 15.63
CA VAL D 75 35.18 -16.83 14.72
C VAL D 75 36.49 -16.70 15.42
N GLY D 76 37.51 -17.35 14.85
CA GLY D 76 38.87 -17.34 15.38
C GLY D 76 39.51 -15.97 15.28
N LEU D 77 40.51 -15.75 16.12
CA LEU D 77 41.24 -14.49 16.04
C LEU D 77 42.74 -14.64 16.37
N ALA D 78 43.57 -13.97 15.58
CA ALA D 78 45.02 -14.19 15.54
C ALA D 78 45.81 -12.87 15.49
N PHE D 79 46.79 -12.81 16.39
CA PHE D 79 47.43 -11.57 16.79
C PHE D 79 48.93 -11.42 16.39
N ARG D 80 49.42 -10.17 16.54
CA ARG D 80 50.85 -9.74 16.50
C ARG D 80 51.40 -9.51 15.08
N THR D 84 55.29 -10.89 13.53
CA THR D 84 54.86 -12.28 13.41
C THR D 84 53.39 -12.52 13.82
N PHE D 85 52.60 -13.01 12.87
CA PHE D 85 51.22 -13.39 13.12
C PHE D 85 51.20 -14.73 13.89
N GLU D 86 50.57 -14.72 15.07
CA GLU D 86 50.45 -15.92 15.94
C GLU D 86 49.62 -17.03 15.27
N ALA D 87 49.78 -18.27 15.73
CA ALA D 87 48.93 -19.37 15.27
C ALA D 87 47.65 -19.45 16.12
N LEU D 88 46.55 -19.86 15.50
CA LEU D 88 45.27 -19.96 16.21
C LEU D 88 45.14 -21.20 17.11
N CYS D 89 44.50 -20.95 18.25
CA CYS D 89 43.91 -21.96 19.10
C CYS D 89 42.95 -21.18 20.00
N ILE D 90 41.79 -21.78 20.29
CA ILE D 90 40.84 -21.20 21.23
C ILE D 90 40.91 -21.95 22.55
N GLU D 91 41.29 -21.24 23.62
CA GLU D 91 41.26 -21.81 24.97
C GLU D 91 39.84 -22.30 25.34
N PRO D 92 39.62 -23.64 25.32
CA PRO D 92 38.30 -24.30 25.44
C PRO D 92 37.51 -23.95 26.73
N PHE D 93 36.24 -24.34 26.81
CA PHE D 93 35.44 -24.07 28.02
C PHE D 93 35.50 -25.20 29.03
N SER D 94 35.43 -24.82 30.30
CA SER D 94 35.47 -25.75 31.44
C SER D 94 34.32 -26.71 31.32
N SER D 95 34.52 -27.94 31.77
CA SER D 95 33.58 -28.97 31.45
C SER D 95 32.53 -29.15 32.56
N PRO D 96 31.30 -29.46 32.14
CA PRO D 96 30.19 -29.83 33.01
C PRO D 96 30.35 -31.22 33.61
N PRO D 97 29.82 -31.45 34.84
CA PRO D 97 29.67 -32.74 35.47
C PRO D 97 28.34 -33.41 35.12
N GLU D 98 27.68 -34.05 36.10
CA GLU D 98 26.39 -34.77 36.00
C GLU D 98 26.24 -35.46 37.35
N LEU D 99 25.04 -35.72 37.92
CA LEU D 99 23.65 -35.47 37.47
C LEU D 99 22.75 -36.74 37.43
N PRO D 100 22.68 -37.54 38.52
CA PRO D 100 21.69 -38.62 38.46
C PRO D 100 20.41 -38.32 39.25
N ASP D 101 19.28 -38.24 38.54
CA ASP D 101 17.98 -37.84 39.11
C ASP D 101 16.96 -37.68 37.99
N MET E 2 30.85 1.75 25.00
CA MET E 2 29.80 0.82 24.46
C MET E 2 29.80 -0.56 25.16
N TYR E 3 30.97 -1.17 25.33
CA TYR E 3 31.09 -2.54 25.87
C TYR E 3 31.56 -2.67 27.33
N VAL E 4 31.43 -3.91 27.84
CA VAL E 4 31.87 -4.32 29.17
C VAL E 4 32.48 -5.72 29.09
N LYS E 5 33.13 -6.16 30.17
CA LYS E 5 33.74 -7.48 30.27
C LYS E 5 33.15 -8.19 31.49
N LEU E 6 33.13 -9.52 31.48
CA LEU E 6 32.53 -10.30 32.56
C LEU E 6 33.39 -11.52 32.81
N ILE E 7 33.90 -11.70 34.02
CA ILE E 7 35.00 -12.63 34.19
C ILE E 7 34.59 -13.92 34.87
N SER E 8 34.87 -15.05 34.22
CA SER E 8 34.41 -16.33 34.72
C SER E 8 35.17 -16.78 35.94
N SER E 9 34.93 -18.02 36.34
CA SER E 9 35.62 -18.60 37.50
C SER E 9 37.00 -19.18 37.12
N ASP E 10 37.51 -18.86 35.94
CA ASP E 10 38.65 -19.60 35.43
C ASP E 10 39.46 -18.82 34.39
N GLY E 11 39.19 -17.54 34.28
CA GLY E 11 39.95 -16.72 33.36
C GLY E 11 39.03 -16.11 32.35
N HIS E 12 38.35 -16.96 31.58
CA HIS E 12 37.57 -16.49 30.44
C HIS E 12 36.93 -15.13 30.59
N GLU E 13 37.42 -14.19 29.82
CA GLU E 13 36.82 -12.89 29.72
C GLU E 13 35.75 -13.04 28.65
N PHE E 14 34.74 -12.19 28.68
CA PHE E 14 33.61 -12.29 27.77
C PHE E 14 33.16 -10.89 27.63
N ILE E 15 33.31 -10.34 26.42
CA ILE E 15 33.00 -8.94 26.15
C ILE E 15 31.64 -8.85 25.44
N VAL E 16 30.73 -8.05 26.01
CA VAL E 16 29.31 -7.99 25.65
C VAL E 16 28.87 -6.53 25.73
N LYS E 17 27.76 -6.19 25.07
CA LYS E 17 27.18 -4.83 25.09
C LYS E 17 26.67 -4.38 26.48
N ARG E 18 26.81 -3.09 26.80
CA ARG E 18 26.46 -2.55 28.13
C ARG E 18 24.99 -2.80 28.46
N GLU E 19 24.14 -2.52 27.49
CA GLU E 19 22.70 -2.68 27.58
C GLU E 19 22.28 -4.16 27.61
N HIS E 20 23.05 -5.01 26.94
CA HIS E 20 22.79 -6.43 27.01
C HIS E 20 23.13 -6.94 28.40
N ALA E 21 24.22 -6.45 28.98
CA ALA E 21 24.65 -6.86 30.33
C ALA E 21 23.64 -6.41 31.39
N LEU E 22 23.18 -5.18 31.23
CA LEU E 22 22.32 -4.51 32.20
C LEU E 22 21.07 -5.29 32.58
N THR E 23 20.62 -6.13 31.66
CA THR E 23 19.40 -6.91 31.82
C THR E 23 19.34 -7.78 33.08
N SER E 24 20.51 -8.10 33.62
CA SER E 24 20.61 -8.71 34.95
C SER E 24 20.63 -7.65 36.06
N GLY E 25 19.59 -7.60 36.92
CA GLY E 25 19.52 -6.58 38.00
C GLY E 25 20.79 -6.54 38.85
N THR E 26 21.23 -7.75 39.26
CA THR E 26 22.52 -8.01 39.91
C THR E 26 23.68 -7.36 39.21
N ILE E 27 24.12 -7.87 38.05
CA ILE E 27 25.26 -7.22 37.41
C ILE E 27 25.02 -5.72 37.19
N LYS E 28 23.78 -5.32 36.87
CA LYS E 28 23.45 -3.89 36.64
C LYS E 28 23.85 -2.98 37.83
N ALA E 29 23.92 -3.54 39.03
CA ALA E 29 24.51 -2.85 40.15
C ALA E 29 26.01 -3.10 40.13
N MET E 30 26.39 -4.38 40.18
CA MET E 30 27.81 -4.77 40.13
C MET E 30 28.67 -3.78 39.30
N LEU E 31 28.18 -3.42 38.11
CA LEU E 31 28.83 -2.42 37.24
C LEU E 31 28.30 -0.99 37.46
N SER E 32 29.19 -0.09 37.86
CA SER E 32 28.81 1.25 38.33
C SER E 32 27.54 1.20 39.21
N GLY E 33 27.70 0.81 40.47
CA GLY E 33 26.57 0.76 41.41
C GLY E 33 26.89 1.14 42.85
N ASN E 43 32.19 -1.26 33.97
CA ASN E 43 33.46 -1.42 33.26
C ASN E 43 33.91 -2.89 33.21
N GLU E 44 34.39 -3.41 34.34
CA GLU E 44 34.65 -4.85 34.49
C GLU E 44 33.92 -5.45 35.70
N VAL E 45 33.29 -6.60 35.47
CA VAL E 45 32.73 -7.44 36.53
C VAL E 45 33.43 -8.80 36.52
N ASN E 46 33.30 -9.53 37.62
CA ASN E 46 34.15 -10.65 37.96
C ASN E 46 33.32 -11.64 38.76
N PHE E 47 33.29 -12.90 38.35
CA PHE E 47 32.38 -13.85 38.99
C PHE E 47 33.05 -15.02 39.65
N ARG E 48 33.19 -14.92 40.96
CA ARG E 48 33.88 -15.92 41.75
C ARG E 48 33.18 -17.29 41.65
N GLU E 49 31.88 -17.32 41.44
CA GLU E 49 31.16 -18.61 41.41
C GLU E 49 30.96 -19.18 40.00
N ILE E 50 30.75 -18.30 39.02
CA ILE E 50 30.33 -18.73 37.68
C ILE E 50 31.48 -19.26 36.79
N PRO E 51 31.43 -20.57 36.46
CA PRO E 51 32.44 -21.10 35.54
C PRO E 51 32.27 -20.52 34.11
N SER E 52 32.97 -21.04 33.12
CA SER E 52 32.94 -20.44 31.80
C SER E 52 31.67 -20.90 31.11
N HIS E 53 31.40 -22.19 31.25
CA HIS E 53 30.37 -22.86 30.46
C HIS E 53 28.96 -22.50 30.92
N VAL E 54 28.88 -21.41 31.67
CA VAL E 54 27.67 -20.90 32.27
C VAL E 54 27.63 -19.44 31.89
N LEU E 55 28.60 -18.66 32.33
CA LEU E 55 28.75 -17.29 31.82
C LEU E 55 28.64 -17.20 30.26
N SER E 56 28.91 -18.29 29.53
CA SER E 56 28.68 -18.28 28.05
C SER E 56 27.24 -18.52 27.59
N LYS E 57 26.53 -19.47 28.21
CA LYS E 57 25.08 -19.56 28.00
C LYS E 57 24.39 -18.26 28.41
N VAL E 58 24.95 -17.58 29.40
CA VAL E 58 24.37 -16.36 29.89
C VAL E 58 24.40 -15.25 28.81
N CYS E 59 25.58 -14.78 28.41
CA CYS E 59 25.69 -13.73 27.38
C CYS E 59 24.81 -14.10 26.19
N MET E 60 24.77 -15.41 25.92
CA MET E 60 23.90 -16.00 24.90
C MET E 60 22.42 -15.69 25.12
N TYR E 61 21.96 -15.82 26.38
CA TYR E 61 20.63 -15.40 26.79
C TYR E 61 20.47 -13.88 26.79
N PHE E 62 21.48 -13.16 27.30
CA PHE E 62 21.41 -11.71 27.13
C PHE E 62 21.19 -11.40 25.62
N THR E 63 21.94 -12.03 24.72
CA THR E 63 21.73 -11.71 23.28
C THR E 63 20.32 -12.15 22.85
N TYR E 64 19.96 -13.36 23.26
CA TYR E 64 18.63 -13.95 22.99
C TYR E 64 17.44 -13.14 23.50
N LYS E 65 17.55 -12.61 24.72
CA LYS E 65 16.54 -11.68 25.25
C LYS E 65 16.46 -10.41 24.41
N VAL E 66 17.50 -9.58 24.44
CA VAL E 66 17.46 -8.31 23.75
C VAL E 66 17.05 -8.42 22.26
N ARG E 67 17.30 -9.58 21.66
CA ARG E 67 16.87 -9.81 20.29
C ARG E 67 15.38 -10.14 20.24
N TYR E 68 14.99 -11.22 20.92
CA TYR E 68 13.69 -11.84 20.68
C TYR E 68 12.52 -11.29 21.49
N THR E 69 12.76 -10.18 22.19
CA THR E 69 11.82 -9.64 23.16
C THR E 69 11.04 -8.42 22.62
N ASN E 70 9.80 -8.25 23.11
CA ASN E 70 8.82 -7.35 22.51
C ASN E 70 8.93 -7.56 21.01
N SER E 71 8.33 -8.66 20.52
CA SER E 71 8.62 -9.13 19.15
C SER E 71 7.54 -10.01 18.49
N SER E 72 7.02 -9.51 17.37
CA SER E 72 5.84 -10.03 16.67
C SER E 72 6.07 -11.15 15.66
N THR E 73 7.18 -11.87 15.80
CA THR E 73 7.54 -12.91 14.84
C THR E 73 7.35 -14.31 15.45
N GLU E 74 8.25 -15.25 15.16
CA GLU E 74 8.24 -16.54 15.84
C GLU E 74 9.47 -16.62 16.73
N ILE E 75 9.22 -16.92 17.99
CA ILE E 75 10.26 -17.10 18.95
C ILE E 75 10.64 -18.59 19.05
N PRO E 76 11.95 -18.87 18.99
CA PRO E 76 12.41 -20.24 19.20
C PRO E 76 12.71 -20.56 20.65
N GLU E 77 12.87 -21.85 20.93
CA GLU E 77 13.31 -22.34 22.21
C GLU E 77 14.72 -21.85 22.54
N PHE E 78 14.88 -21.33 23.75
CA PHE E 78 16.22 -21.28 24.36
C PHE E 78 16.62 -22.69 24.77
N PRO E 79 17.66 -23.27 24.13
CA PRO E 79 17.90 -24.68 24.46
C PRO E 79 18.74 -24.78 25.72
N ILE E 80 18.64 -25.87 26.46
CA ILE E 80 19.56 -26.04 27.57
C ILE E 80 20.05 -27.46 27.56
N ALA E 81 21.36 -27.61 27.64
CA ALA E 81 21.90 -28.92 27.71
C ALA E 81 21.58 -29.41 29.12
N PRO E 82 20.91 -30.60 29.23
CA PRO E 82 20.77 -31.31 30.50
C PRO E 82 21.95 -31.04 31.42
N GLU E 83 23.14 -31.51 31.05
CA GLU E 83 24.42 -31.17 31.73
C GLU E 83 24.47 -29.80 32.47
N ILE E 84 24.08 -28.70 31.81
CA ILE E 84 24.26 -27.35 32.37
C ILE E 84 23.18 -26.88 33.36
N ALA E 85 22.03 -27.54 33.31
CA ALA E 85 20.81 -26.96 33.84
C ALA E 85 20.87 -26.43 35.32
N LEU E 86 21.30 -27.29 36.25
CA LEU E 86 21.41 -26.85 37.65
C LEU E 86 22.29 -25.61 37.81
N GLU E 87 23.50 -25.68 37.24
CA GLU E 87 24.40 -24.53 37.17
C GLU E 87 23.69 -23.31 36.62
N LEU E 88 23.20 -23.41 35.39
CA LEU E 88 22.63 -22.24 34.78
C LEU E 88 21.61 -21.64 35.73
N LEU E 89 20.86 -22.54 36.41
CA LEU E 89 19.78 -22.19 37.32
C LEU E 89 20.30 -21.28 38.40
N MET E 90 21.27 -21.77 39.16
CA MET E 90 21.79 -21.00 40.28
C MET E 90 22.40 -19.72 39.79
N ALA E 91 23.10 -19.75 38.66
CA ALA E 91 23.51 -18.51 38.02
C ALA E 91 22.31 -17.66 37.75
N ALA E 92 21.28 -18.23 37.13
CA ALA E 92 20.00 -17.53 36.89
C ALA E 92 19.38 -16.85 38.12
N ASN E 93 19.32 -17.59 39.21
CA ASN E 93 18.85 -17.06 40.46
C ASN E 93 19.77 -15.96 40.95
N PHE E 94 21.06 -16.15 40.81
CA PHE E 94 22.00 -15.21 41.36
C PHE E 94 21.93 -13.86 40.67
N LEU E 95 21.80 -13.90 39.35
CA LEU E 95 21.96 -12.78 38.45
C LEU E 95 20.67 -11.99 38.22
N ASP E 96 19.53 -12.62 38.59
CA ASP E 96 18.15 -12.10 38.45
C ASP E 96 17.73 -11.62 37.04
N CYS E 97 17.68 -12.55 36.09
CA CYS E 97 17.49 -12.19 34.68
C CYS E 97 16.43 -13.08 34.01
N LEU F 13 -13.30 -10.65 34.76
CA LEU F 13 -12.35 -11.69 34.25
C LEU F 13 -13.09 -13.01 33.91
N ARG F 14 -14.03 -12.86 33.00
CA ARG F 14 -14.86 -13.93 32.50
C ARG F 14 -15.27 -13.44 31.12
N SER F 15 -16.03 -14.26 30.39
CA SER F 15 -16.44 -13.92 29.05
C SER F 15 -17.77 -13.23 29.05
N VAL F 16 -17.86 -12.18 28.24
CA VAL F 16 -19.06 -11.39 28.09
C VAL F 16 -20.10 -12.16 27.25
N ASN F 17 -21.16 -12.68 27.89
CA ASN F 17 -22.27 -13.27 27.13
C ASN F 17 -22.93 -12.26 26.14
N SER F 18 -22.25 -12.01 25.02
CA SER F 18 -22.86 -11.42 23.83
C SER F 18 -23.31 -12.57 22.96
N ARG F 19 -24.02 -12.27 21.90
CA ARG F 19 -24.41 -13.31 20.95
C ARG F 19 -23.85 -12.99 19.54
N GLU F 20 -22.73 -12.28 19.49
CA GLU F 20 -22.12 -11.94 18.20
C GLU F 20 -21.15 -13.03 17.78
N PRO F 21 -21.44 -13.76 16.67
CA PRO F 21 -20.46 -14.79 16.25
C PRO F 21 -19.13 -14.18 15.82
N SER F 22 -18.02 -14.91 16.07
CA SER F 22 -16.64 -14.46 15.68
C SER F 22 -15.62 -15.53 15.32
N GLN F 23 -15.28 -15.60 14.03
CA GLN F 23 -14.35 -16.60 13.53
C GLN F 23 -12.98 -16.16 13.91
N VAL F 24 -12.28 -17.04 14.61
CA VAL F 24 -10.85 -16.88 14.89
C VAL F 24 -10.10 -17.98 14.16
N ILE F 25 -8.84 -17.73 13.86
CA ILE F 25 -7.89 -18.82 13.62
C ILE F 25 -6.75 -18.81 14.65
N PHE F 26 -6.61 -19.91 15.38
CA PHE F 26 -5.48 -20.09 16.26
C PHE F 26 -4.41 -20.72 15.41
N CYS F 27 -3.40 -19.98 15.02
CA CYS F 27 -2.18 -20.63 14.54
C CYS F 27 -1.19 -20.78 15.69
N ASN F 28 -0.66 -21.99 15.80
CA ASN F 28 0.36 -22.39 16.77
C ASN F 28 1.79 -22.04 16.31
N ARG F 29 2.27 -20.84 16.64
CA ARG F 29 3.60 -20.41 16.24
C ARG F 29 4.64 -20.63 17.35
N SER F 30 4.66 -21.84 17.92
CA SER F 30 5.55 -22.21 19.02
C SER F 30 5.88 -23.66 18.88
N PRO F 31 7.04 -24.11 19.40
CA PRO F 31 7.41 -25.53 19.55
C PRO F 31 6.56 -26.48 20.45
N ARG F 32 5.55 -25.98 21.17
CA ARG F 32 4.82 -26.82 22.13
C ARG F 32 3.45 -27.21 21.59
N VAL F 33 2.95 -28.38 22.01
CA VAL F 33 1.53 -28.72 21.93
C VAL F 33 0.86 -27.68 22.81
N VAL F 34 0.06 -26.79 22.20
CA VAL F 34 -0.77 -25.79 22.93
C VAL F 34 -2.16 -26.32 23.24
N LEU F 35 -2.53 -26.20 24.52
CA LEU F 35 -3.89 -26.34 25.06
C LEU F 35 -4.66 -24.97 25.15
N PRO F 36 -5.63 -24.70 24.28
CA PRO F 36 -6.22 -23.41 24.49
C PRO F 36 -7.30 -23.44 25.61
N VAL F 37 -7.23 -22.47 26.51
CA VAL F 37 -8.13 -22.39 27.65
C VAL F 37 -9.15 -21.26 27.46
N TRP F 38 -10.45 -21.62 27.42
CA TRP F 38 -11.53 -20.63 27.32
C TRP F 38 -11.98 -20.26 28.71
N LEU F 39 -11.97 -18.96 29.03
CA LEU F 39 -12.56 -18.47 30.28
C LEU F 39 -14.08 -18.41 30.19
N ASN F 40 -14.73 -19.36 30.85
CA ASN F 40 -16.19 -19.51 30.89
C ASN F 40 -16.87 -18.31 31.56
N PHE F 41 -18.17 -18.13 31.34
CA PHE F 41 -18.90 -16.92 31.83
C PHE F 41 -18.78 -16.72 33.33
N ASP F 42 -18.61 -17.82 34.06
CA ASP F 42 -18.41 -17.79 35.52
C ASP F 42 -17.00 -17.53 36.01
N GLY F 43 -16.10 -17.31 35.06
CA GLY F 43 -14.70 -17.15 35.35
C GLY F 43 -13.90 -18.43 35.31
N GLU F 44 -14.54 -19.59 35.07
CA GLU F 44 -13.81 -20.90 35.08
C GLU F 44 -13.09 -21.31 33.75
N PRO F 45 -11.83 -21.75 33.86
CA PRO F 45 -11.07 -22.03 32.65
C PRO F 45 -11.51 -23.33 31.99
N GLN F 46 -11.80 -23.28 30.69
CA GLN F 46 -12.30 -24.47 29.99
C GLN F 46 -11.35 -24.99 28.90
N PRO F 47 -10.67 -26.10 29.19
CA PRO F 47 -9.73 -26.68 28.26
C PRO F 47 -10.46 -27.13 26.98
N TYR F 48 -9.93 -26.65 25.85
CA TYR F 48 -10.38 -26.98 24.54
C TYR F 48 -9.45 -28.01 23.97
N PRO F 49 -9.65 -28.45 22.70
CA PRO F 49 -8.80 -29.54 22.19
C PRO F 49 -7.46 -29.04 21.64
N THR F 50 -6.36 -29.78 21.87
CA THR F 50 -4.96 -29.28 21.66
C THR F 50 -4.34 -29.13 20.24
N LEU F 51 -3.60 -28.04 20.04
CA LEU F 51 -2.88 -27.72 18.78
C LEU F 51 -1.41 -28.16 18.75
N PRO F 52 -1.10 -29.17 17.91
CA PRO F 52 0.29 -29.64 17.80
C PRO F 52 1.14 -28.50 17.22
N PRO F 53 2.49 -28.62 17.29
CA PRO F 53 3.38 -27.44 17.16
C PRO F 53 3.31 -26.53 15.89
N GLY F 54 3.12 -27.06 14.70
CA GLY F 54 3.04 -26.11 13.56
C GLY F 54 1.66 -25.58 13.16
N THR F 55 0.67 -26.45 13.35
CA THR F 55 -0.69 -26.31 12.84
C THR F 55 -1.52 -25.01 13.12
N GLY F 56 -2.53 -24.76 12.29
CA GLY F 56 -3.59 -23.79 12.59
C GLY F 56 -4.93 -24.49 12.80
N ARG F 57 -5.98 -23.71 13.09
CA ARG F 57 -7.34 -24.26 13.27
C ARG F 57 -8.38 -23.14 13.13
N ARG F 58 -9.55 -23.48 12.62
CA ARG F 58 -10.59 -22.46 12.49
C ARG F 58 -11.51 -22.51 13.71
N ILE F 59 -11.85 -21.35 14.26
CA ILE F 59 -12.53 -21.34 15.55
C ILE F 59 -13.74 -20.38 15.66
N HIS F 60 -14.87 -20.91 16.13
CA HIS F 60 -16.07 -20.08 16.38
C HIS F 60 -16.09 -19.61 17.79
N SER F 61 -15.95 -18.32 17.96
CA SER F 61 -16.07 -17.74 19.26
C SER F 61 -16.88 -16.52 19.03
N TYR F 62 -16.70 -15.52 19.88
CA TYR F 62 -17.63 -14.42 19.91
C TYR F 62 -16.95 -13.22 20.50
N ARG F 63 -17.41 -12.01 20.16
CA ARG F 63 -16.84 -10.82 20.75
C ARG F 63 -16.89 -10.93 22.26
N GLY F 64 -15.92 -10.30 22.91
CA GLY F 64 -15.85 -10.28 24.36
C GLY F 64 -15.69 -11.61 25.08
N HIS F 65 -15.31 -12.66 24.35
CA HIS F 65 -14.88 -13.90 25.00
C HIS F 65 -13.40 -13.85 25.17
N LEU F 66 -12.91 -14.76 26.01
CA LEU F 66 -11.61 -14.66 26.65
C LEU F 66 -10.91 -15.99 26.56
N TRP F 67 -9.73 -15.97 25.95
CA TRP F 67 -8.91 -17.19 25.78
C TRP F 67 -7.49 -17.06 26.32
N LEU F 68 -6.81 -18.21 26.37
CA LEU F 68 -5.56 -18.32 27.04
C LEU F 68 -4.88 -19.59 26.62
N PHE F 69 -3.68 -19.46 26.09
CA PHE F 69 -2.98 -20.64 25.59
C PHE F 69 -1.87 -21.00 26.54
N ARG F 70 -1.77 -22.29 26.79
CA ARG F 70 -0.69 -22.85 27.55
C ARG F 70 -0.26 -24.10 26.81
N ASP F 71 1.02 -24.42 27.00
CA ASP F 71 1.63 -25.72 26.81
C ASP F 71 0.74 -26.75 27.46
N ALA F 72 0.28 -27.71 26.67
CA ALA F 72 -0.63 -28.75 27.14
C ALA F 72 -0.02 -29.64 28.18
N GLY F 73 1.27 -29.95 28.03
CA GLY F 73 1.95 -30.95 28.84
C GLY F 73 2.54 -30.44 30.13
N THR F 74 2.76 -29.15 30.25
CA THR F 74 3.37 -28.59 31.46
C THR F 74 2.69 -27.30 31.97
N HIS F 75 1.76 -26.73 31.23
CA HIS F 75 1.03 -25.56 31.72
C HIS F 75 1.87 -24.23 31.74
N ASP F 76 3.10 -24.31 31.25
CA ASP F 76 3.94 -23.13 30.90
C ASP F 76 3.13 -22.12 30.08
N GLY F 77 3.30 -20.83 30.40
CA GLY F 77 2.47 -19.79 29.82
C GLY F 77 2.90 -19.45 28.40
N LEU F 78 1.96 -19.00 27.59
CA LEU F 78 2.24 -18.62 26.22
C LEU F 78 1.60 -17.29 25.91
N LEU F 79 2.24 -16.51 25.05
CA LEU F 79 1.58 -15.33 24.59
C LEU F 79 0.73 -15.66 23.34
N VAL F 80 -0.44 -15.05 23.24
CA VAL F 80 -1.06 -14.93 21.96
C VAL F 80 -1.02 -13.47 21.65
N ASN F 81 -0.39 -13.15 20.51
CA ASN F 81 -0.34 -11.79 19.99
C ASN F 81 0.36 -10.87 20.96
N GLN F 82 1.36 -11.39 21.67
CA GLN F 82 2.22 -10.59 22.54
C GLN F 82 1.68 -10.38 23.94
N THR F 83 0.35 -10.40 24.10
CA THR F 83 -0.26 -10.20 25.40
C THR F 83 -0.68 -11.56 25.99
N GLU F 84 -1.25 -11.57 27.20
CA GLU F 84 -1.55 -12.84 27.89
C GLU F 84 -2.84 -13.50 27.46
N LEU F 85 -3.84 -12.68 27.19
CA LEU F 85 -5.17 -13.13 26.84
C LEU F 85 -5.59 -12.46 25.54
N PHE F 86 -6.56 -13.12 24.90
CA PHE F 86 -6.99 -12.84 23.55
C PHE F 86 -8.48 -12.69 23.56
N VAL F 87 -8.94 -11.61 22.96
CA VAL F 87 -10.36 -11.31 22.92
C VAL F 87 -10.79 -11.11 21.47
N PRO F 88 -11.45 -12.12 20.85
CA PRO F 88 -11.94 -11.99 19.48
C PRO F 88 -12.46 -10.59 19.20
N SER F 89 -11.90 -9.93 18.20
CA SER F 89 -12.40 -8.61 17.80
C SER F 89 -13.69 -8.69 16.94
N LEU F 90 -13.78 -7.82 15.94
CA LEU F 90 -14.88 -7.84 14.99
C LEU F 90 -14.31 -8.45 13.72
N ASN F 91 -15.12 -9.24 12.98
CA ASN F 91 -14.71 -9.75 11.64
C ASN F 91 -14.86 -8.67 10.53
N VAL F 92 -13.75 -8.21 9.94
CA VAL F 92 -13.84 -7.12 8.94
C VAL F 92 -13.74 -7.55 7.43
N ASP F 93 -14.51 -8.58 7.04
CA ASP F 93 -14.50 -9.11 5.65
C ASP F 93 -13.09 -9.54 5.13
N GLY F 94 -12.06 -9.25 5.93
CA GLY F 94 -10.84 -10.05 5.96
C GLY F 94 -11.16 -11.23 6.89
N GLN F 95 -12.47 -11.53 6.96
CA GLN F 95 -13.15 -12.27 8.05
C GLN F 95 -12.35 -12.60 9.34
N PRO F 96 -11.70 -13.79 9.41
CA PRO F 96 -11.37 -14.32 10.73
C PRO F 96 -10.24 -13.55 11.40
N ILE F 97 -10.15 -13.61 12.73
CA ILE F 97 -9.18 -12.80 13.47
C ILE F 97 -7.95 -13.61 13.90
N PHE F 98 -6.79 -12.95 13.91
CA PHE F 98 -5.54 -13.66 14.10
C PHE F 98 -4.95 -13.75 15.52
N ALA F 99 -4.79 -15.02 15.90
CA ALA F 99 -4.45 -15.45 17.24
C ALA F 99 -3.14 -16.24 17.17
N ASN F 100 -2.06 -15.51 17.42
CA ASN F 100 -0.74 -16.03 17.17
C ASN F 100 -0.10 -16.45 18.47
N ILE F 101 -0.03 -17.75 18.64
CA ILE F 101 0.41 -18.33 19.86
C ILE F 101 1.90 -18.44 19.73
N THR F 102 2.64 -17.86 20.69
CA THR F 102 4.12 -17.73 20.64
C THR F 102 4.80 -17.83 22.00
N LEU F 103 6.00 -18.39 22.05
CA LEU F 103 6.73 -18.51 23.31
C LEU F 103 6.96 -17.11 23.80
N PRO F 104 6.78 -16.86 25.10
CA PRO F 104 7.32 -15.56 25.42
C PRO F 104 8.84 -15.70 25.58
N VAL F 105 9.52 -14.62 25.96
CA VAL F 105 10.90 -14.81 26.34
C VAL F 105 10.89 -15.10 27.82
N TYR F 106 11.07 -16.37 28.17
CA TYR F 106 10.96 -16.71 29.59
C TYR F 106 12.10 -15.93 30.26
N THR F 107 12.06 -15.76 31.58
CA THR F 107 13.24 -15.34 32.27
C THR F 107 14.18 -16.53 32.17
N LEU F 108 15.48 -16.24 32.28
CA LEU F 108 16.48 -17.28 32.40
C LEU F 108 16.24 -18.24 33.59
N LYS F 109 15.54 -17.77 34.61
CA LYS F 109 15.21 -18.63 35.75
C LYS F 109 14.05 -19.57 35.42
N GLU F 110 12.92 -19.00 34.97
CA GLU F 110 11.78 -19.87 34.69
C GLU F 110 12.15 -20.94 33.66
N ARG F 111 12.88 -20.53 32.63
CA ARG F 111 13.34 -21.43 31.60
C ARG F 111 14.17 -22.57 32.12
N CYS F 112 15.03 -22.30 33.08
CA CYS F 112 15.76 -23.38 33.72
C CYS F 112 14.85 -24.26 34.55
N LEU F 113 13.96 -23.65 35.32
CA LEU F 113 13.02 -24.50 36.05
C LEU F 113 12.41 -25.50 35.03
N GLN F 114 11.92 -24.98 33.91
CA GLN F 114 11.31 -25.83 32.86
C GLN F 114 12.11 -27.02 32.39
N VAL F 115 13.37 -26.81 31.97
CA VAL F 115 14.29 -27.92 31.62
C VAL F 115 14.44 -28.95 32.76
N VAL F 116 14.44 -28.42 34.00
CA VAL F 116 14.74 -29.19 35.20
C VAL F 116 13.58 -30.05 35.64
N ARG F 117 12.36 -29.53 35.55
CA ARG F 117 11.20 -30.37 35.82
C ARG F 117 11.13 -31.43 34.73
N SER F 118 11.46 -31.02 33.51
CA SER F 118 11.31 -31.91 32.38
C SER F 118 12.39 -33.00 32.38
N LEU F 119 13.18 -33.04 33.44
CA LEU F 119 14.30 -33.98 33.54
C LEU F 119 14.19 -34.85 34.76
N VAL F 120 13.51 -34.33 35.77
CA VAL F 120 13.44 -34.94 37.08
C VAL F 120 11.98 -35.14 37.53
N LYS F 121 11.63 -36.33 38.02
CA LYS F 121 10.29 -36.55 38.57
C LYS F 121 10.14 -35.84 39.91
N PRO F 122 9.03 -35.12 40.08
CA PRO F 122 8.68 -34.45 41.33
C PRO F 122 9.01 -35.21 42.65
N GLU F 123 9.19 -36.53 42.58
CA GLU F 123 9.74 -37.29 43.72
C GLU F 123 11.12 -36.72 44.14
N ASN F 124 11.97 -36.45 43.16
CA ASN F 124 13.40 -36.23 43.45
C ASN F 124 13.87 -34.79 43.55
N TYR F 125 12.95 -33.83 43.68
CA TYR F 125 13.41 -32.46 43.79
C TYR F 125 14.40 -32.33 44.95
N ARG F 126 14.06 -32.92 46.10
CA ARG F 126 14.90 -32.85 47.31
C ARG F 126 16.26 -33.58 47.21
N ARG F 127 16.53 -34.22 46.08
CA ARG F 127 17.73 -35.05 45.97
C ARG F 127 18.78 -34.45 45.02
N LEU F 128 18.96 -33.14 45.10
CA LEU F 128 19.91 -32.39 44.26
C LEU F 128 20.52 -31.31 45.16
N ASP F 129 21.80 -31.00 44.96
CA ASP F 129 22.38 -29.94 45.77
C ASP F 129 21.96 -28.60 45.15
N ILE F 130 21.14 -27.85 45.89
CA ILE F 130 20.72 -26.49 45.54
C ILE F 130 20.09 -25.88 46.79
N VAL F 131 19.95 -24.56 46.83
CA VAL F 131 19.26 -23.84 47.90
C VAL F 131 17.82 -24.33 48.10
N ARG F 132 17.44 -24.54 49.36
CA ARG F 132 16.07 -24.85 49.79
C ARG F 132 15.04 -24.04 49.00
N SER F 133 15.11 -22.71 49.10
CA SER F 133 14.25 -21.79 48.35
C SER F 133 14.20 -22.02 46.82
N LEU F 134 14.97 -22.99 46.31
CA LEU F 134 14.97 -23.37 44.90
C LEU F 134 14.28 -24.71 44.68
N TYR F 135 14.41 -25.61 45.66
CA TYR F 135 13.58 -26.79 45.68
C TYR F 135 12.18 -26.25 45.62
N GLU F 136 11.92 -25.28 46.49
CA GLU F 136 10.68 -24.50 46.60
C GLU F 136 10.04 -24.13 45.26
N ASP F 137 10.85 -23.55 44.38
CA ASP F 137 10.37 -22.97 43.13
C ASP F 137 10.02 -24.01 42.04
N LEU F 138 10.48 -25.25 42.21
CA LEU F 138 10.11 -26.36 41.32
C LEU F 138 8.75 -27.00 41.67
N GLU F 139 8.35 -26.88 42.94
CA GLU F 139 7.02 -27.29 43.41
C GLU F 139 5.91 -26.31 43.07
N ASP F 140 6.28 -25.08 42.73
CA ASP F 140 5.30 -24.12 42.24
C ASP F 140 5.22 -24.29 40.73
N HIS F 141 4.80 -25.46 40.28
CA HIS F 141 4.53 -25.67 38.86
C HIS F 141 3.65 -24.53 38.37
N PRO F 142 3.67 -24.26 37.04
CA PRO F 142 2.73 -23.30 36.45
C PRO F 142 1.28 -23.80 36.52
N ASN F 143 0.39 -22.90 36.93
CA ASN F 143 -0.98 -23.24 37.29
C ASN F 143 -1.78 -22.08 36.75
N VAL F 144 -2.93 -22.37 36.11
CA VAL F 144 -3.78 -21.36 35.46
C VAL F 144 -4.68 -20.65 36.46
N GLN F 145 -5.28 -21.40 37.38
CA GLN F 145 -6.08 -20.77 38.43
C GLN F 145 -5.18 -19.79 39.17
N LYS F 146 -3.93 -20.19 39.39
CA LYS F 146 -2.85 -19.30 39.87
C LYS F 146 -2.82 -18.01 39.06
N ASP F 147 -2.49 -18.14 37.78
CA ASP F 147 -2.36 -17.00 36.87
C ASP F 147 -3.61 -16.13 36.81
N LEU F 148 -4.79 -16.76 36.73
CA LEU F 148 -6.07 -16.04 36.72
C LEU F 148 -6.23 -15.21 38.00
N GLU F 149 -6.29 -15.92 39.13
CA GLU F 149 -6.21 -15.32 40.45
C GLU F 149 -5.18 -14.18 40.49
N ARG F 150 -4.01 -14.41 39.90
CA ARG F 150 -2.92 -13.44 39.95
C ARG F 150 -3.06 -12.31 38.94
N LEU F 151 -3.64 -12.61 37.77
CA LEU F 151 -3.83 -11.58 36.75
C LEU F 151 -4.92 -10.61 37.19
N THR F 152 -5.75 -11.07 38.14
CA THR F 152 -6.77 -10.24 38.83
C THR F 152 -6.24 -8.87 39.27
N GLN F 153 -5.08 -8.84 39.90
CA GLN F 153 -4.50 -7.60 40.45
C GLN F 153 -4.24 -6.47 39.41
N GLU F 154 -4.71 -6.65 38.17
CA GLU F 154 -4.68 -5.58 37.15
C GLU F 154 -6.09 -5.08 36.81
N MET G 1 -8.56 -21.60 -27.28
CA MET G 1 -9.02 -22.15 -25.98
C MET G 1 -8.05 -21.76 -24.87
N ASP G 2 -8.59 -21.36 -23.72
CA ASP G 2 -7.80 -21.16 -22.51
C ASP G 2 -7.33 -22.53 -22.00
N VAL G 3 -6.02 -22.72 -21.96
CA VAL G 3 -5.49 -23.98 -21.51
C VAL G 3 -4.98 -23.84 -20.07
N PHE G 4 -4.89 -24.95 -19.33
CA PHE G 4 -4.53 -24.92 -17.89
C PHE G 4 -3.39 -25.84 -17.51
N LEU G 5 -2.28 -25.21 -17.13
CA LEU G 5 -0.97 -25.88 -17.04
C LEU G 5 -0.37 -25.88 -15.66
N MET G 6 0.49 -26.88 -15.48
CA MET G 6 1.16 -27.17 -14.23
C MET G 6 2.65 -27.29 -14.57
N ILE G 7 3.33 -26.14 -14.65
CA ILE G 7 4.78 -26.07 -14.93
C ILE G 7 5.51 -26.54 -13.69
N ARG G 8 6.25 -27.65 -13.77
CA ARG G 8 6.86 -28.24 -12.55
C ARG G 8 8.40 -28.52 -12.58
N ARG G 9 9.01 -28.64 -11.40
CA ARG G 9 10.44 -29.06 -11.26
C ARG G 9 10.95 -28.95 -9.84
N HIS G 10 11.33 -30.07 -9.25
CA HIS G 10 12.07 -30.08 -7.99
C HIS G 10 11.21 -29.64 -6.82
N LYS G 11 10.15 -30.36 -6.55
CA LYS G 11 9.27 -29.90 -5.48
C LYS G 11 8.78 -28.49 -5.79
N THR G 12 8.73 -28.16 -7.07
CA THR G 12 8.30 -26.83 -7.53
C THR G 12 7.27 -26.98 -8.62
N THR G 13 6.19 -26.21 -8.48
CA THR G 13 5.04 -26.41 -9.31
C THR G 13 4.24 -25.14 -9.49
N ILE G 14 4.12 -24.67 -10.72
CA ILE G 14 3.40 -23.43 -10.98
C ILE G 14 2.02 -23.69 -11.57
N PHE G 15 1.00 -23.03 -11.01
CA PHE G 15 -0.37 -23.09 -11.49
C PHE G 15 -0.71 -21.83 -12.26
N THR G 16 -0.67 -21.95 -13.58
CA THR G 16 -1.03 -20.84 -14.45
C THR G 16 -1.84 -21.34 -15.64
N ASP G 17 -1.97 -20.45 -16.62
CA ASP G 17 -2.74 -20.71 -17.80
C ASP G 17 -2.34 -19.76 -18.93
N ALA G 18 -2.82 -20.08 -20.11
CA ALA G 18 -2.59 -19.30 -21.32
C ALA G 18 -3.54 -19.83 -22.40
N LYS G 19 -3.50 -19.16 -23.55
CA LYS G 19 -4.25 -19.57 -24.71
C LYS G 19 -3.46 -20.66 -25.40
N GLU G 20 -4.19 -21.56 -26.04
CA GLU G 20 -3.59 -22.61 -26.85
C GLU G 20 -2.68 -22.02 -27.92
N SER G 21 -3.12 -20.88 -28.48
CA SER G 21 -2.40 -20.15 -29.53
C SER G 21 -0.99 -19.70 -29.16
N SER G 22 -0.79 -19.35 -27.89
CA SER G 22 0.49 -18.84 -27.40
C SER G 22 1.68 -19.77 -27.71
N THR G 23 2.90 -19.26 -27.56
CA THR G 23 4.09 -20.06 -27.80
C THR G 23 4.68 -20.45 -26.48
N VAL G 24 5.59 -21.42 -26.53
CA VAL G 24 6.37 -21.86 -25.38
C VAL G 24 7.37 -20.75 -24.96
N PHE G 25 7.43 -19.67 -25.74
CA PHE G 25 8.30 -18.55 -25.41
C PHE G 25 7.70 -17.58 -24.40
N GLU G 26 6.53 -17.02 -24.72
CA GLU G 26 5.77 -16.17 -23.79
C GLU G 26 5.37 -16.93 -22.54
N LEU G 27 5.46 -18.26 -22.63
CA LEU G 27 5.32 -19.13 -21.48
C LEU G 27 6.65 -19.30 -20.75
N LYS G 28 7.75 -18.91 -21.37
CA LYS G 28 9.02 -18.82 -20.62
C LYS G 28 9.10 -17.47 -19.93
N ARG G 29 8.35 -16.49 -20.46
CA ARG G 29 8.19 -15.18 -19.83
C ARG G 29 7.42 -15.30 -18.52
N ILE G 30 6.36 -16.10 -18.58
CA ILE G 30 5.50 -16.37 -17.43
C ILE G 30 6.26 -17.12 -16.32
N VAL G 31 7.03 -18.15 -16.70
CA VAL G 31 7.92 -18.79 -15.74
C VAL G 31 8.83 -17.73 -15.09
N GLU G 32 9.23 -16.74 -15.90
CA GLU G 32 10.37 -15.89 -15.57
C GLU G 32 10.02 -14.70 -14.68
N GLY G 33 8.91 -14.03 -14.98
CA GLY G 33 8.35 -13.04 -14.06
C GLY G 33 7.68 -13.72 -12.87
N ILE G 34 8.26 -14.83 -12.42
CA ILE G 34 7.86 -15.52 -11.21
C ILE G 34 9.17 -15.95 -10.58
N LEU G 35 9.95 -16.67 -11.38
CA LEU G 35 11.20 -17.27 -10.93
C LEU G 35 12.43 -16.44 -11.28
N LYS G 36 12.20 -15.29 -11.91
CA LYS G 36 13.24 -14.34 -12.29
C LYS G 36 14.33 -14.92 -13.20
N ARG G 37 14.08 -16.11 -13.75
CA ARG G 37 15.07 -16.86 -14.56
C ARG G 37 14.83 -16.86 -16.07
N PRO G 38 15.46 -15.91 -16.80
CA PRO G 38 15.41 -15.69 -18.26
C PRO G 38 15.17 -16.95 -19.09
N PRO G 39 14.38 -16.84 -20.17
CA PRO G 39 14.07 -17.93 -21.11
C PRO G 39 15.27 -18.76 -21.60
N ASP G 40 16.41 -18.11 -21.76
CA ASP G 40 17.67 -18.75 -22.15
C ASP G 40 18.09 -19.96 -21.30
N GLU G 41 17.95 -19.86 -19.98
CA GLU G 41 18.39 -20.89 -19.04
C GLU G 41 17.46 -22.11 -18.96
N GLN G 42 16.25 -21.99 -19.51
CA GLN G 42 15.20 -22.96 -19.24
C GLN G 42 14.66 -23.74 -20.44
N ARG G 43 14.59 -25.05 -20.24
CA ARG G 43 13.99 -25.97 -21.21
C ARG G 43 12.62 -26.48 -20.72
N LEU G 44 11.59 -26.41 -21.56
CA LEU G 44 10.28 -26.96 -21.20
C LEU G 44 9.89 -28.24 -21.96
N TYR G 45 9.32 -29.22 -21.26
CA TYR G 45 9.02 -30.53 -21.86
C TYR G 45 7.55 -31.00 -21.71
N LYS G 46 7.10 -31.83 -22.65
CA LYS G 46 5.90 -32.64 -22.45
C LYS G 46 6.23 -34.12 -22.54
N ASP G 47 6.32 -34.76 -21.38
CA ASP G 47 6.89 -36.11 -21.26
C ASP G 47 8.24 -36.17 -22.02
N ASP G 48 9.33 -35.88 -21.30
CA ASP G 48 10.72 -35.96 -21.84
C ASP G 48 11.06 -35.23 -23.16
N GLN G 49 10.02 -34.93 -23.95
CA GLN G 49 10.15 -34.25 -25.25
C GLN G 49 10.40 -32.75 -25.07
N LEU G 50 11.58 -32.28 -25.48
CA LEU G 50 11.91 -30.84 -25.45
C LEU G 50 10.95 -30.05 -26.37
N LEU G 51 10.72 -28.78 -26.07
CA LEU G 51 9.71 -28.00 -26.81
C LEU G 51 10.13 -26.61 -27.32
N ASP G 52 10.06 -26.45 -28.65
CA ASP G 52 10.53 -25.27 -29.39
C ASP G 52 9.89 -23.92 -28.96
N ASP G 53 10.48 -22.83 -29.46
CA ASP G 53 10.14 -21.47 -29.05
C ASP G 53 8.88 -20.88 -29.70
N GLY G 54 8.70 -21.16 -30.98
CA GLY G 54 7.59 -20.62 -31.74
C GLY G 54 6.52 -21.67 -31.98
N LYS G 55 6.39 -22.59 -31.02
CA LYS G 55 5.35 -23.63 -31.05
C LYS G 55 4.25 -23.29 -30.07
N THR G 56 3.01 -23.35 -30.56
CA THR G 56 1.85 -23.03 -29.75
C THR G 56 1.54 -24.15 -28.75
N LEU G 57 1.26 -23.74 -27.51
CA LEU G 57 0.77 -24.66 -26.48
C LEU G 57 -0.24 -25.67 -27.03
N GLY G 58 -1.16 -25.15 -27.86
CA GLY G 58 -2.01 -25.94 -28.71
C GLY G 58 -1.20 -27.00 -29.40
N GLU G 59 -0.36 -26.58 -30.35
CA GLU G 59 0.45 -27.47 -31.23
C GLU G 59 1.21 -28.55 -30.48
N CYS G 60 1.70 -28.17 -29.30
CA CYS G 60 2.40 -29.08 -28.40
C CYS G 60 1.47 -30.02 -27.62
N GLY G 61 0.23 -30.18 -28.07
CA GLY G 61 -0.71 -31.16 -27.51
C GLY G 61 -1.34 -30.78 -26.17
N PHE G 62 -1.36 -29.48 -25.90
CA PHE G 62 -1.91 -28.94 -24.68
C PHE G 62 -3.21 -28.30 -25.05
N THR G 63 -4.28 -29.09 -24.99
CA THR G 63 -5.62 -28.63 -25.40
C THR G 63 -6.58 -28.59 -24.24
N SER G 64 -7.66 -27.80 -24.39
CA SER G 64 -8.74 -27.76 -23.39
C SER G 64 -9.14 -29.15 -22.93
N GLN G 65 -9.49 -30.01 -23.87
CA GLN G 65 -9.75 -31.41 -23.52
C GLN G 65 -8.68 -31.94 -22.55
N THR G 66 -7.40 -31.78 -22.87
CA THR G 66 -6.31 -32.38 -22.08
C THR G 66 -5.70 -31.51 -20.97
N ALA G 67 -6.22 -30.29 -20.78
CA ALA G 67 -5.62 -29.30 -19.86
C ALA G 67 -6.63 -28.36 -19.21
N ARG G 68 -7.47 -28.96 -18.37
CA ARG G 68 -8.67 -28.30 -17.79
C ARG G 68 -8.33 -27.77 -16.39
N PRO G 69 -9.09 -26.76 -15.92
CA PRO G 69 -8.60 -26.11 -14.69
C PRO G 69 -8.46 -27.05 -13.47
N GLN G 70 -9.16 -28.18 -13.49
CA GLN G 70 -9.23 -29.07 -12.34
C GLN G 70 -8.52 -30.39 -12.60
N ALA G 71 -7.81 -30.44 -13.72
CA ALA G 71 -6.93 -31.54 -14.06
C ALA G 71 -5.74 -31.02 -14.90
N PRO G 72 -5.27 -29.81 -14.59
CA PRO G 72 -4.22 -29.14 -15.34
C PRO G 72 -3.05 -30.05 -15.83
N ALA G 73 -2.65 -29.82 -17.09
CA ALA G 73 -1.58 -30.57 -17.74
C ALA G 73 -0.21 -30.20 -17.17
N THR G 74 0.66 -31.21 -17.08
CA THR G 74 1.98 -31.06 -16.53
C THR G 74 3.04 -30.79 -17.60
N VAL G 75 3.84 -29.74 -17.32
CA VAL G 75 4.93 -29.25 -18.15
C VAL G 75 6.28 -29.38 -17.43
N GLY G 76 7.32 -29.72 -18.19
CA GLY G 76 8.68 -29.81 -17.67
C GLY G 76 9.42 -28.48 -17.50
N LEU G 77 10.45 -28.49 -16.67
CA LEU G 77 11.29 -27.30 -16.49
C LEU G 77 12.68 -27.69 -16.07
N ALA G 78 13.69 -27.11 -16.71
CA ALA G 78 15.09 -27.39 -16.41
C ALA G 78 15.98 -26.14 -16.36
N PHE G 79 17.14 -26.29 -15.73
CA PHE G 79 18.16 -25.24 -15.57
C PHE G 79 19.58 -25.97 -15.71
N ARG G 80 20.74 -25.30 -15.61
CA ARG G 80 20.91 -23.87 -15.43
C ARG G 80 21.13 -23.30 -16.82
N ALA G 81 22.09 -22.39 -16.97
CA ALA G 81 22.36 -21.73 -18.25
C ALA G 81 22.85 -22.71 -19.32
N ASP G 82 23.63 -22.20 -20.27
CA ASP G 82 24.23 -23.04 -21.31
C ASP G 82 25.32 -23.98 -20.73
N ASP G 83 26.13 -23.46 -19.80
CA ASP G 83 27.20 -24.26 -19.17
C ASP G 83 26.60 -25.36 -18.27
N THR G 84 26.29 -26.47 -18.95
CA THR G 84 25.53 -27.61 -18.40
C THR G 84 24.03 -27.28 -18.25
N PHE G 85 23.23 -28.30 -18.50
CA PHE G 85 21.81 -28.29 -18.20
C PHE G 85 21.50 -29.51 -17.36
N GLU G 86 20.61 -29.36 -16.37
CA GLU G 86 20.12 -30.50 -15.60
C GLU G 86 19.09 -31.33 -16.36
N ALA G 87 18.89 -32.55 -15.88
CA ALA G 87 17.92 -33.46 -16.44
C ALA G 87 16.61 -33.13 -15.80
N LEU G 88 15.57 -32.94 -16.62
CA LEU G 88 14.21 -32.81 -16.11
C LEU G 88 13.99 -33.76 -14.93
N CYS G 89 13.84 -33.19 -13.74
CA CYS G 89 13.50 -33.95 -12.53
C CYS G 89 12.22 -33.42 -11.88
N ILE G 90 11.26 -34.30 -11.74
CA ILE G 90 9.98 -33.93 -11.18
C ILE G 90 9.83 -34.71 -9.90
N GLU G 91 9.82 -33.96 -8.81
CA GLU G 91 9.54 -34.56 -7.52
C GLU G 91 8.06 -34.80 -7.40
N PRO G 92 7.65 -36.06 -7.21
CA PRO G 92 6.23 -36.42 -7.10
C PRO G 92 5.63 -36.02 -5.75
N PHE G 93 4.31 -36.15 -5.61
CA PHE G 93 3.58 -35.77 -4.37
C PHE G 93 3.54 -36.90 -3.34
N SER G 94 3.20 -36.59 -2.07
CA SER G 94 3.22 -37.64 -1.03
C SER G 94 2.17 -38.71 -1.32
N SER G 95 2.21 -39.81 -0.58
CA SER G 95 1.47 -40.97 -1.01
C SER G 95 0.23 -41.19 -0.18
N PRO G 96 -0.90 -41.37 -0.86
CA PRO G 96 -2.26 -41.73 -0.42
C PRO G 96 -2.33 -42.65 0.81
N PRO G 97 -2.51 -42.05 2.01
CA PRO G 97 -2.50 -42.82 3.26
C PRO G 97 -3.10 -44.20 3.06
N GLU G 98 -4.34 -44.23 2.60
CA GLU G 98 -5.11 -45.48 2.47
C GLU G 98 -6.62 -45.25 2.64
N LEU G 99 -7.39 -46.30 2.34
CA LEU G 99 -8.83 -46.29 2.43
C LEU G 99 -9.24 -47.18 3.60
N PRO G 100 -9.91 -46.60 4.62
CA PRO G 100 -10.50 -47.44 5.66
C PRO G 100 -11.44 -48.48 5.04
N ASP G 101 -11.61 -49.61 5.72
CA ASP G 101 -12.34 -50.75 5.18
C ASP G 101 -13.81 -50.47 5.25
N VAL G 102 -14.08 -49.20 5.47
CA VAL G 102 -15.38 -48.59 5.45
C VAL G 102 -15.36 -47.53 4.32
N MET G 103 -14.73 -47.91 3.22
CA MET G 103 -14.59 -47.06 2.04
C MET G 103 -14.90 -47.89 0.83
N LYS G 104 -14.54 -49.16 0.93
CA LYS G 104 -14.66 -50.11 -0.14
C LYS G 104 -16.13 -50.43 -0.44
N PRO G 105 -16.58 -50.19 -1.70
CA PRO G 105 -17.94 -50.57 -2.09
C PRO G 105 -18.01 -52.08 -2.40
N GLN G 106 -19.16 -52.54 -2.93
CA GLN G 106 -19.31 -53.94 -3.40
C GLN G 106 -20.41 -54.09 -4.47
N ASP G 107 -21.25 -53.05 -4.61
CA ASP G 107 -22.51 -53.12 -5.38
C ASP G 107 -22.39 -53.60 -6.84
N MET H 2 2.40 -10.42 -6.71
CA MET H 2 1.75 -10.97 -7.94
C MET H 2 1.66 -12.54 -8.01
N TYR H 3 2.15 -13.23 -6.97
CA TYR H 3 1.79 -14.64 -6.77
C TYR H 3 1.58 -14.99 -5.31
N VAL H 4 1.83 -16.25 -4.95
CA VAL H 4 1.96 -16.65 -3.56
C VAL H 4 2.66 -18.00 -3.54
N LYS H 5 3.33 -18.31 -2.43
CA LYS H 5 3.91 -19.65 -2.29
C LYS H 5 3.22 -20.30 -1.11
N LEU H 6 2.85 -21.56 -1.24
CA LEU H 6 2.29 -22.31 -0.11
C LEU H 6 2.98 -23.65 -0.12
N ILE H 7 3.39 -24.12 1.06
CA ILE H 7 4.23 -25.30 1.16
C ILE H 7 3.49 -26.45 1.82
N SER H 8 3.73 -27.64 1.30
CA SER H 8 3.15 -28.81 1.88
C SER H 8 3.90 -29.28 3.13
N SER H 9 3.22 -30.12 3.92
CA SER H 9 3.79 -31.00 4.93
C SER H 9 5.20 -31.48 4.55
N ASP H 10 5.25 -32.44 3.63
CA ASP H 10 6.51 -32.88 3.03
C ASP H 10 7.25 -31.82 2.19
N GLY H 11 6.90 -30.54 2.28
CA GLY H 11 7.74 -29.47 1.71
C GLY H 11 7.61 -29.05 0.23
N HIS H 12 6.58 -29.53 -0.46
CA HIS H 12 6.34 -29.09 -1.81
C HIS H 12 5.90 -27.66 -1.78
N GLU H 13 6.13 -26.94 -2.87
CA GLU H 13 5.90 -25.51 -2.91
C GLU H 13 5.18 -25.18 -4.20
N PHE H 14 4.07 -24.43 -4.08
CA PHE H 14 3.15 -24.21 -5.20
C PHE H 14 2.99 -22.74 -5.50
N ILE H 15 3.08 -22.40 -6.77
CA ILE H 15 2.93 -21.00 -7.13
C ILE H 15 1.62 -20.87 -7.90
N VAL H 16 0.81 -19.87 -7.48
CA VAL H 16 -0.62 -19.79 -7.65
C VAL H 16 -0.98 -18.31 -7.53
N LYS H 17 -1.89 -17.82 -8.38
CA LYS H 17 -2.39 -16.42 -8.35
C LYS H 17 -3.08 -15.93 -7.06
N ARG H 18 -2.90 -14.65 -6.74
CA ARG H 18 -3.32 -14.10 -5.47
C ARG H 18 -4.81 -14.33 -5.22
N GLU H 19 -5.65 -13.78 -6.10
CA GLU H 19 -7.11 -14.01 -6.11
C GLU H 19 -7.43 -15.49 -6.08
N HIS H 20 -6.81 -16.26 -6.96
CA HIS H 20 -6.99 -17.70 -6.89
C HIS H 20 -6.91 -18.20 -5.46
N ALA H 21 -5.83 -17.86 -4.77
CA ALA H 21 -5.63 -18.25 -3.37
C ALA H 21 -6.59 -17.54 -2.43
N LEU H 22 -7.01 -16.34 -2.85
CA LEU H 22 -8.00 -15.60 -2.08
C LEU H 22 -9.38 -16.29 -2.14
N THR H 23 -9.56 -17.17 -3.11
CA THR H 23 -10.72 -18.05 -3.11
C THR H 23 -10.82 -18.77 -1.77
N SER H 24 -9.79 -18.64 -0.95
CA SER H 24 -9.81 -19.12 0.43
C SER H 24 -9.77 -17.95 1.42
N GLY H 25 -10.73 -17.93 2.34
CA GLY H 25 -10.81 -16.93 3.42
C GLY H 25 -9.61 -16.96 4.34
N THR H 26 -9.36 -18.12 4.96
CA THR H 26 -8.14 -18.36 5.73
C THR H 26 -6.98 -17.67 5.05
N ILE H 27 -6.68 -18.12 3.83
CA ILE H 27 -5.53 -17.63 3.08
C ILE H 27 -5.61 -16.13 2.85
N LYS H 28 -6.81 -15.66 2.50
CA LYS H 28 -7.00 -14.21 2.32
C LYS H 28 -6.65 -13.45 3.61
N ALA H 29 -6.88 -14.07 4.78
CA ALA H 29 -6.33 -13.54 6.04
C ALA H 29 -4.80 -13.65 5.97
N MET H 30 -4.24 -14.73 6.51
CA MET H 30 -2.79 -15.05 6.39
C MET H 30 -1.99 -14.14 5.43
N LEU H 31 -2.17 -14.34 4.11
CA LEU H 31 -1.58 -13.47 3.10
C LEU H 31 -2.26 -12.07 3.08
N SER H 32 -1.57 -11.06 3.62
CA SER H 32 -2.15 -9.73 3.81
C SER H 32 -3.43 -9.78 4.69
N ASN H 43 5.42 -13.28 0.27
CA ASN H 43 4.09 -13.77 0.57
C ASN H 43 4.08 -15.28 0.44
N GLU H 44 4.62 -15.92 1.47
CA GLU H 44 4.56 -17.37 1.62
C GLU H 44 3.62 -17.71 2.76
N VAL H 45 2.89 -18.80 2.61
CA VAL H 45 2.10 -19.33 3.68
C VAL H 45 2.52 -20.75 3.79
N ASN H 46 2.46 -21.29 5.00
CA ASN H 46 3.11 -22.54 5.31
C ASN H 46 2.30 -23.55 6.13
N PHE H 47 1.53 -24.41 5.45
CA PHE H 47 0.73 -25.46 6.11
C PHE H 47 1.54 -26.69 6.34
N ARG H 48 1.46 -27.21 7.57
CA ARG H 48 2.19 -28.38 7.95
C ARG H 48 1.29 -29.53 8.31
N GLU H 49 -0.01 -29.30 8.18
CA GLU H 49 -0.99 -30.38 8.15
C GLU H 49 -1.04 -30.99 6.76
N ILE H 50 -1.06 -30.11 5.75
CA ILE H 50 -1.45 -30.46 4.38
C ILE H 50 -0.32 -31.08 3.55
N PRO H 51 -0.40 -32.42 3.29
CA PRO H 51 0.63 -33.05 2.46
C PRO H 51 0.50 -32.61 1.00
N SER H 52 1.56 -32.80 0.23
CA SER H 52 1.58 -32.41 -1.17
C SER H 52 0.38 -32.99 -1.94
N HIS H 53 0.14 -34.29 -1.79
CA HIS H 53 -0.99 -34.87 -2.47
C HIS H 53 -2.35 -34.33 -2.03
N VAL H 54 -2.41 -33.43 -1.05
CA VAL H 54 -3.66 -32.69 -0.80
C VAL H 54 -3.58 -31.26 -1.38
N LEU H 55 -2.54 -30.55 -0.99
CA LEU H 55 -2.38 -29.15 -1.34
C LEU H 55 -2.38 -28.94 -2.83
N SER H 56 -1.86 -29.92 -3.57
CA SER H 56 -1.91 -29.82 -5.02
C SER H 56 -3.37 -29.69 -5.44
N LYS H 57 -4.20 -30.63 -4.97
CA LYS H 57 -5.60 -30.58 -5.32
C LYS H 57 -6.31 -29.29 -4.84
N VAL H 58 -6.14 -28.89 -3.59
CA VAL H 58 -6.70 -27.66 -3.12
C VAL H 58 -6.49 -26.57 -4.18
N CYS H 59 -5.35 -26.59 -4.85
CA CYS H 59 -4.99 -25.54 -5.82
C CYS H 59 -5.74 -25.71 -7.09
N MET H 60 -5.71 -26.92 -7.62
CA MET H 60 -6.59 -27.22 -8.72
C MET H 60 -7.94 -26.57 -8.40
N TYR H 61 -8.43 -26.74 -7.16
CA TYR H 61 -9.74 -26.20 -6.75
C TYR H 61 -9.90 -24.67 -6.86
N PHE H 62 -8.85 -23.94 -6.58
CA PHE H 62 -8.92 -22.50 -6.69
C PHE H 62 -9.12 -22.13 -8.13
N THR H 63 -8.41 -22.80 -9.03
CA THR H 63 -8.42 -22.33 -10.39
C THR H 63 -9.80 -22.65 -11.01
N TYR H 64 -10.35 -23.81 -10.64
CA TYR H 64 -11.72 -24.22 -11.04
C TYR H 64 -12.80 -23.30 -10.53
N LYS H 65 -12.79 -23.08 -9.22
CA LYS H 65 -13.71 -22.18 -8.57
C LYS H 65 -13.68 -20.81 -9.27
N VAL H 66 -12.51 -20.20 -9.35
CA VAL H 66 -12.35 -18.91 -9.99
C VAL H 66 -12.86 -18.86 -11.44
N ARG H 67 -12.63 -19.91 -12.22
CA ARG H 67 -13.02 -19.89 -13.63
C ARG H 67 -14.51 -20.07 -13.82
N TYR H 68 -15.02 -21.23 -13.41
CA TYR H 68 -16.39 -21.62 -13.72
C TYR H 68 -17.48 -20.92 -12.83
N THR H 69 -17.04 -20.20 -11.80
CA THR H 69 -17.92 -19.46 -10.89
C THR H 69 -18.45 -18.22 -11.57
N ASN H 70 -19.67 -17.82 -11.17
CA ASN H 70 -20.51 -16.87 -11.90
C ASN H 70 -20.28 -16.84 -13.42
N SER H 71 -21.00 -17.75 -14.09
CA SER H 71 -20.75 -18.12 -15.48
C SER H 71 -21.83 -19.15 -15.89
N SER H 72 -22.45 -18.92 -17.06
CA SER H 72 -23.46 -19.86 -17.58
C SER H 72 -23.03 -20.56 -18.87
N THR H 73 -21.72 -20.63 -19.07
CA THR H 73 -21.11 -21.77 -19.76
C THR H 73 -21.41 -22.98 -18.83
N GLU H 74 -21.03 -24.20 -19.20
CA GLU H 74 -21.46 -25.37 -18.47
C GLU H 74 -20.37 -25.83 -17.50
N ILE H 75 -20.79 -26.36 -16.35
CA ILE H 75 -19.89 -26.67 -15.25
C ILE H 75 -19.61 -28.17 -15.10
N PRO H 76 -18.33 -28.57 -15.19
CA PRO H 76 -17.94 -29.96 -15.06
C PRO H 76 -17.86 -30.37 -13.59
N GLU H 77 -17.82 -31.67 -13.34
CA GLU H 77 -17.68 -32.17 -12.00
C GLU H 77 -16.29 -31.82 -11.46
N PHE H 78 -16.15 -31.72 -10.13
CA PHE H 78 -14.81 -31.62 -9.51
C PHE H 78 -14.29 -32.95 -8.96
N PRO H 79 -13.25 -33.53 -9.61
CA PRO H 79 -12.84 -34.92 -9.32
C PRO H 79 -12.12 -35.09 -7.98
N ILE H 80 -12.47 -36.16 -7.26
CA ILE H 80 -11.84 -36.45 -5.96
C ILE H 80 -11.62 -37.95 -5.80
N ALA H 81 -10.44 -38.37 -6.22
CA ALA H 81 -10.07 -39.77 -6.18
C ALA H 81 -10.08 -40.23 -4.74
N PRO H 82 -11.00 -41.14 -4.42
CA PRO H 82 -11.35 -41.59 -3.08
C PRO H 82 -10.21 -41.47 -2.09
N GLU H 83 -9.05 -42.00 -2.47
CA GLU H 83 -7.95 -42.26 -1.54
C GLU H 83 -7.37 -40.99 -0.98
N ILE H 84 -8.17 -39.93 -0.94
CA ILE H 84 -7.65 -38.61 -0.67
C ILE H 84 -8.71 -37.73 -0.05
N ALA H 85 -9.95 -38.17 -0.16
CA ALA H 85 -11.13 -37.40 0.24
C ALA H 85 -11.10 -36.95 1.70
N LEU H 86 -10.63 -37.82 2.58
CA LEU H 86 -10.66 -37.54 3.99
C LEU H 86 -9.80 -36.34 4.35
N GLU H 87 -8.60 -36.28 3.81
CA GLU H 87 -7.68 -35.25 4.19
C GLU H 87 -8.02 -33.95 3.50
N LEU H 88 -8.30 -34.06 2.21
CA LEU H 88 -8.69 -32.88 1.46
C LEU H 88 -9.81 -32.15 2.21
N LEU H 89 -10.72 -32.95 2.78
CA LEU H 89 -11.86 -32.49 3.58
C LEU H 89 -11.40 -31.81 4.87
N MET H 90 -10.63 -32.52 5.71
CA MET H 90 -10.09 -31.92 6.95
C MET H 90 -9.33 -30.65 6.61
N ALA H 91 -8.55 -30.71 5.51
CA ALA H 91 -7.90 -29.55 4.95
C ALA H 91 -8.95 -28.56 4.42
N ALA H 92 -9.96 -29.05 3.70
CA ALA H 92 -11.03 -28.19 3.22
C ALA H 92 -11.75 -27.49 4.37
N ASN H 93 -12.01 -28.19 5.46
CA ASN H 93 -12.66 -27.49 6.56
C ASN H 93 -11.79 -26.35 7.06
N PHE H 94 -10.51 -26.60 7.25
CA PHE H 94 -9.58 -25.57 7.67
C PHE H 94 -9.65 -24.29 6.81
N LEU H 95 -9.61 -24.49 5.50
CA LEU H 95 -9.17 -23.46 4.54
C LEU H 95 -10.15 -22.36 4.13
N ASP H 96 -11.38 -22.44 4.63
CA ASP H 96 -12.53 -21.64 4.15
C ASP H 96 -12.83 -21.69 2.64
N CYS H 97 -13.08 -22.90 2.15
CA CYS H 97 -14.00 -23.13 1.01
C CYS H 97 -14.95 -24.30 1.33
N VAL I 12 -45.98 -20.60 2.11
CA VAL I 12 -45.09 -19.40 1.88
C VAL I 12 -44.32 -19.59 0.56
N LEU I 13 -43.60 -20.70 0.46
CA LEU I 13 -43.07 -21.19 -0.82
C LEU I 13 -44.11 -22.14 -1.39
N ARG I 14 -44.93 -21.57 -2.26
CA ARG I 14 -46.16 -22.19 -2.67
C ARG I 14 -46.11 -22.08 -4.16
N SER I 15 -46.94 -22.84 -4.86
CA SER I 15 -47.23 -22.48 -6.25
C SER I 15 -48.59 -21.77 -6.24
N VAL I 16 -48.72 -20.68 -7.00
CA VAL I 16 -49.98 -19.96 -7.10
C VAL I 16 -50.95 -20.89 -7.83
N ASN I 17 -52.19 -20.45 -8.04
CA ASN I 17 -53.12 -21.29 -8.82
C ASN I 17 -53.70 -20.55 -9.99
N SER I 18 -52.81 -19.90 -10.74
CA SER I 18 -53.08 -19.52 -12.10
C SER I 18 -53.47 -20.84 -12.72
N ARG I 19 -54.43 -20.83 -13.62
CA ARG I 19 -54.51 -22.00 -14.49
C ARG I 19 -54.13 -21.54 -15.91
N GLU I 20 -53.05 -20.74 -15.92
CA GLU I 20 -52.37 -20.21 -17.11
C GLU I 20 -51.30 -21.25 -17.48
N PRO I 21 -51.44 -21.96 -18.61
CA PRO I 21 -50.46 -23.03 -18.84
C PRO I 21 -49.09 -22.58 -19.43
N SER I 22 -48.05 -23.33 -19.05
CA SER I 22 -46.69 -22.97 -19.38
C SER I 22 -45.83 -24.14 -19.90
N GLN I 23 -45.53 -24.10 -21.20
CA GLN I 23 -44.63 -25.06 -21.76
C GLN I 23 -43.22 -24.74 -21.25
N VAL I 24 -42.48 -25.79 -20.92
CA VAL I 24 -41.09 -25.69 -20.44
C VAL I 24 -40.25 -26.82 -20.97
N ILE I 25 -39.05 -26.46 -21.43
CA ILE I 25 -37.96 -27.42 -21.58
C ILE I 25 -37.04 -27.54 -20.34
N PHE I 26 -36.99 -28.75 -19.80
CA PHE I 26 -36.01 -29.14 -18.80
C PHE I 26 -34.79 -29.74 -19.55
N CYS I 27 -33.74 -28.93 -19.69
CA CYS I 27 -32.49 -29.38 -20.29
C CYS I 27 -31.44 -29.57 -19.21
N ASN I 28 -31.00 -30.80 -19.04
CA ASN I 28 -30.00 -31.14 -18.04
C ASN I 28 -28.56 -31.13 -18.59
N ARG I 29 -27.87 -30.00 -18.45
CA ARG I 29 -26.43 -29.95 -18.75
C ARG I 29 -25.55 -30.03 -17.51
N SER I 30 -25.66 -31.19 -16.85
CA SER I 30 -24.91 -31.60 -15.66
C SER I 30 -24.63 -33.09 -15.82
N PRO I 31 -23.66 -33.62 -15.05
CA PRO I 31 -23.37 -35.05 -15.14
C PRO I 31 -24.18 -35.87 -14.11
N ARG I 32 -25.14 -35.19 -13.47
CA ARG I 32 -26.01 -35.79 -12.47
C ARG I 32 -27.33 -36.23 -13.06
N VAL I 33 -27.78 -37.44 -12.70
CA VAL I 33 -29.19 -37.79 -12.81
C VAL I 33 -29.96 -36.72 -12.03
N VAL I 34 -30.63 -35.77 -12.68
CA VAL I 34 -31.43 -34.76 -11.94
C VAL I 34 -32.88 -35.20 -11.65
N LEU I 35 -33.36 -34.81 -10.45
CA LEU I 35 -34.75 -34.93 -10.00
C LEU I 35 -35.38 -33.56 -9.99
N PRO I 36 -36.47 -33.37 -10.75
CA PRO I 36 -37.24 -32.13 -10.72
C PRO I 36 -38.27 -32.21 -9.59
N VAL I 37 -38.39 -31.16 -8.83
CA VAL I 37 -39.28 -31.18 -7.69
C VAL I 37 -40.24 -30.00 -7.78
N TRP I 38 -41.47 -30.27 -8.16
CA TRP I 38 -42.44 -29.19 -8.13
C TRP I 38 -42.92 -28.99 -6.67
N LEU I 39 -43.12 -27.73 -6.25
CA LEU I 39 -43.72 -27.43 -4.94
C LEU I 39 -45.22 -27.28 -4.96
N ASN I 40 -45.86 -28.03 -4.09
CA ASN I 40 -47.33 -28.11 -3.93
C ASN I 40 -48.02 -26.78 -3.73
N PHE I 41 -49.27 -26.70 -4.17
CA PHE I 41 -50.14 -25.61 -3.73
C PHE I 41 -50.12 -25.56 -2.19
N ASP I 42 -49.82 -26.70 -1.56
CA ASP I 42 -49.70 -26.76 -0.11
C ASP I 42 -48.27 -26.62 0.45
N GLY I 43 -47.33 -26.25 -0.43
CA GLY I 43 -45.92 -26.13 -0.08
C GLY I 43 -45.15 -27.43 -0.20
N GLU I 44 -45.85 -28.55 -0.39
CA GLU I 44 -45.25 -29.90 -0.36
C GLU I 44 -44.50 -30.35 -1.61
N PRO I 45 -43.20 -30.60 -1.48
CA PRO I 45 -42.29 -30.88 -2.58
C PRO I 45 -42.66 -32.21 -3.22
N GLN I 46 -42.71 -32.25 -4.55
CA GLN I 46 -43.21 -33.45 -5.22
C GLN I 46 -42.35 -33.93 -6.35
N PRO I 47 -41.74 -35.12 -6.18
CA PRO I 47 -40.90 -35.81 -7.17
C PRO I 47 -41.52 -35.83 -8.56
N TYR I 48 -40.69 -35.72 -9.58
CA TYR I 48 -41.16 -35.93 -10.94
C TYR I 48 -40.28 -37.01 -11.60
N PRO I 49 -40.65 -37.49 -12.79
CA PRO I 49 -39.72 -38.48 -13.33
C PRO I 49 -38.33 -37.89 -13.51
N THR I 50 -37.31 -38.74 -13.48
CA THR I 50 -35.94 -38.28 -13.46
C THR I 50 -35.29 -38.16 -14.84
N LEU I 51 -34.49 -37.11 -15.07
CA LEU I 51 -33.74 -36.98 -16.32
C LEU I 51 -32.33 -37.57 -16.22
N PRO I 52 -31.96 -38.48 -17.16
CA PRO I 52 -30.59 -38.99 -17.29
C PRO I 52 -29.65 -37.87 -17.74
N PRO I 53 -28.32 -38.08 -17.64
CA PRO I 53 -27.41 -36.91 -17.62
C PRO I 53 -27.25 -36.17 -18.98
N GLY I 54 -27.64 -36.80 -20.08
CA GLY I 54 -27.56 -36.13 -21.37
C GLY I 54 -28.74 -35.24 -21.70
N THR I 55 -29.93 -35.66 -21.26
CA THR I 55 -31.18 -35.42 -21.98
C THR I 55 -31.94 -34.11 -21.73
N GLY I 56 -32.65 -33.69 -22.78
CA GLY I 56 -33.65 -32.62 -22.71
C GLY I 56 -35.04 -33.20 -22.89
N ARG I 57 -36.08 -32.44 -22.49
CA ARG I 57 -37.43 -33.02 -22.24
C ARG I 57 -38.55 -32.00 -22.09
N ARG I 58 -39.39 -31.84 -23.11
CA ARG I 58 -40.51 -30.89 -23.02
C ARG I 58 -41.67 -31.37 -22.13
N ILE I 59 -42.06 -30.52 -21.20
CA ILE I 59 -43.02 -30.88 -20.16
C ILE I 59 -43.98 -29.73 -19.90
N HIS I 60 -45.14 -30.05 -19.28
CA HIS I 60 -46.22 -29.07 -19.09
C HIS I 60 -46.37 -28.61 -17.66
N SER I 61 -46.34 -27.31 -17.49
CA SER I 61 -46.51 -26.67 -16.20
C SER I 61 -47.31 -25.39 -16.40
N TYR I 62 -47.07 -24.38 -15.57
CA TYR I 62 -48.04 -23.29 -15.43
C TYR I 62 -47.32 -22.09 -14.87
N ARG I 63 -47.87 -20.89 -15.08
CA ARG I 63 -47.36 -19.66 -14.42
C ARG I 63 -47.33 -19.58 -12.88
N GLY I 64 -46.36 -18.87 -12.35
CA GLY I 64 -46.28 -18.72 -10.89
C GLY I 64 -45.92 -20.00 -10.14
N HIS I 65 -45.70 -21.09 -10.88
CA HIS I 65 -45.24 -22.36 -10.30
C HIS I 65 -43.79 -22.42 -9.81
N LEU I 66 -43.51 -23.46 -9.04
CA LEU I 66 -42.28 -23.47 -8.26
C LEU I 66 -41.63 -24.84 -8.30
N TRP I 67 -40.36 -24.79 -8.68
CA TRP I 67 -39.62 -25.95 -9.13
C TRP I 67 -38.22 -25.92 -8.54
N LEU I 68 -37.79 -27.08 -8.07
CA LEU I 68 -36.49 -27.27 -7.47
C LEU I 68 -35.85 -28.43 -8.20
N PHE I 69 -34.56 -28.33 -8.48
CA PHE I 69 -33.89 -29.46 -9.12
C PHE I 69 -32.87 -29.96 -8.14
N ARG I 70 -32.50 -31.22 -8.26
CA ARG I 70 -31.96 -31.99 -7.17
C ARG I 70 -31.22 -33.17 -7.72
N ASP I 71 -30.06 -33.51 -7.18
CA ASP I 71 -29.41 -34.70 -7.68
C ASP I 71 -30.32 -35.82 -7.25
N ALA I 72 -30.89 -36.53 -8.22
CA ALA I 72 -31.84 -37.58 -7.95
C ALA I 72 -31.27 -38.60 -6.96
N GLY I 73 -30.04 -39.05 -7.18
CA GLY I 73 -29.48 -40.14 -6.37
C GLY I 73 -29.03 -39.85 -4.94
N THR I 74 -28.76 -38.56 -4.62
CA THR I 74 -28.14 -38.13 -3.35
C THR I 74 -28.56 -36.71 -2.85
N HIS I 75 -29.61 -36.18 -3.44
CA HIS I 75 -30.25 -34.92 -3.08
C HIS I 75 -29.51 -33.58 -3.16
N ASP I 76 -28.23 -33.63 -3.54
CA ASP I 76 -27.38 -32.44 -3.69
C ASP I 76 -28.08 -31.42 -4.53
N GLY I 77 -28.09 -30.17 -4.08
CA GLY I 77 -28.69 -29.08 -4.86
C GLY I 77 -28.03 -28.74 -6.20
N LEU I 78 -28.87 -28.62 -7.23
CA LEU I 78 -28.46 -28.13 -8.53
C LEU I 78 -28.91 -26.69 -8.75
N LEU I 79 -28.50 -26.09 -9.85
CA LEU I 79 -28.96 -24.75 -10.24
C LEU I 79 -29.87 -24.70 -11.47
N VAL I 80 -31.09 -24.19 -11.32
CA VAL I 80 -31.77 -23.91 -12.54
C VAL I 80 -31.70 -22.47 -12.97
N ASN I 81 -31.23 -22.29 -14.19
CA ASN I 81 -31.06 -20.99 -14.83
C ASN I 81 -30.37 -19.97 -13.98
N GLN I 82 -29.24 -20.39 -13.44
CA GLN I 82 -28.38 -19.55 -12.62
C GLN I 82 -28.79 -19.55 -11.17
N THR I 83 -30.08 -19.53 -10.85
CA THR I 83 -30.54 -19.35 -9.47
C THR I 83 -31.06 -20.68 -8.92
N GLU I 84 -31.62 -20.69 -7.71
CA GLU I 84 -31.95 -21.97 -7.11
C GLU I 84 -33.32 -22.54 -7.57
N LEU I 85 -34.22 -21.65 -8.02
CA LEU I 85 -35.61 -22.03 -8.26
C LEU I 85 -36.20 -21.53 -9.57
N PHE I 86 -37.11 -22.34 -10.11
CA PHE I 86 -37.66 -22.06 -11.41
C PHE I 86 -39.09 -21.67 -11.36
N VAL I 87 -39.39 -20.48 -11.90
CA VAL I 87 -40.78 -20.06 -12.08
C VAL I 87 -41.22 -19.84 -13.53
N PRO I 88 -41.90 -20.86 -14.07
CA PRO I 88 -42.45 -20.78 -15.42
C PRO I 88 -43.18 -19.45 -15.61
N SER I 89 -42.76 -18.73 -16.63
CA SER I 89 -43.33 -17.45 -17.00
C SER I 89 -44.45 -17.58 -18.09
N LEU I 90 -44.75 -16.45 -18.74
CA LEU I 90 -45.70 -16.42 -19.82
C LEU I 90 -44.95 -16.90 -21.04
N ASN I 91 -45.65 -17.49 -22.02
CA ASN I 91 -44.97 -18.05 -23.19
C ASN I 91 -44.77 -16.99 -24.28
N VAL I 92 -45.68 -16.85 -25.24
CA VAL I 92 -45.59 -15.81 -26.34
C VAL I 92 -45.16 -16.29 -27.74
N ASP I 93 -46.13 -16.75 -28.55
CA ASP I 93 -45.90 -17.12 -29.94
C ASP I 93 -44.41 -17.26 -30.32
N GLY I 94 -43.89 -18.48 -30.22
CA GLY I 94 -44.63 -19.59 -29.63
C GLY I 94 -43.56 -20.42 -28.98
N GLN I 95 -42.71 -19.73 -28.24
CA GLN I 95 -41.50 -20.30 -27.72
C GLN I 95 -41.71 -20.71 -26.29
N PRO I 96 -41.20 -21.90 -25.94
CA PRO I 96 -41.18 -22.37 -24.56
C PRO I 96 -40.20 -21.56 -23.69
N ILE I 97 -40.01 -22.02 -22.46
CA ILE I 97 -39.08 -21.38 -21.54
C ILE I 97 -38.10 -22.48 -21.23
N PHE I 98 -36.81 -22.15 -21.21
CA PHE I 98 -35.78 -23.14 -20.93
C PHE I 98 -35.43 -23.16 -19.46
N ALA I 99 -35.47 -24.35 -18.86
CA ALA I 99 -34.94 -24.52 -17.54
C ALA I 99 -33.58 -25.21 -17.66
N ASN I 100 -32.53 -24.39 -17.60
CA ASN I 100 -31.20 -24.91 -17.69
C ASN I 100 -30.66 -25.36 -16.36
N ILE I 101 -30.41 -26.66 -16.26
CA ILE I 101 -29.99 -27.24 -15.03
C ILE I 101 -28.50 -27.53 -15.06
N THR I 102 -27.82 -27.05 -14.02
CA THR I 102 -26.37 -26.97 -13.93
C THR I 102 -25.86 -27.51 -12.58
N LEU I 103 -24.53 -27.68 -12.46
CA LEU I 103 -23.84 -27.83 -11.17
C LEU I 103 -23.56 -26.46 -10.64
N PRO I 104 -23.75 -26.25 -9.33
CA PRO I 104 -23.20 -25.04 -8.77
C PRO I 104 -21.68 -25.20 -8.63
N VAL I 105 -20.96 -24.14 -8.35
CA VAL I 105 -19.56 -24.39 -7.97
C VAL I 105 -19.49 -24.66 -6.46
N TYR I 106 -19.73 -25.92 -6.11
CA TYR I 106 -19.71 -26.38 -4.73
C TYR I 106 -18.45 -25.88 -3.98
N THR I 107 -18.63 -25.49 -2.73
CA THR I 107 -17.51 -25.50 -1.81
C THR I 107 -16.79 -26.86 -1.94
N LEU I 108 -15.49 -26.77 -2.15
CA LEU I 108 -14.61 -27.89 -2.03
C LEU I 108 -15.06 -28.65 -0.78
N LYS I 109 -15.49 -27.91 0.25
CA LYS I 109 -15.93 -28.50 1.54
C LYS I 109 -17.02 -29.51 1.31
N GLU I 110 -18.09 -29.01 0.69
CA GLU I 110 -19.25 -29.82 0.27
C GLU I 110 -18.91 -30.83 -0.84
N ARG I 111 -17.93 -30.54 -1.67
CA ARG I 111 -17.53 -31.53 -2.62
C ARG I 111 -16.91 -32.77 -1.97
N CYS I 112 -16.16 -32.58 -0.89
CA CYS I 112 -15.59 -33.72 -0.21
C CYS I 112 -16.66 -34.51 0.56
N LEU I 113 -17.48 -33.81 1.34
CA LEU I 113 -18.62 -34.44 2.08
C LEU I 113 -19.41 -35.45 1.21
N GLN I 114 -19.70 -35.00 -0.01
CA GLN I 114 -20.27 -35.85 -1.06
C GLN I 114 -19.48 -37.12 -1.28
N VAL I 115 -18.29 -36.97 -1.88
CA VAL I 115 -17.44 -38.11 -2.27
C VAL I 115 -17.44 -39.12 -1.14
N VAL I 116 -17.34 -38.60 0.08
CA VAL I 116 -17.36 -39.41 1.31
C VAL I 116 -18.71 -40.09 1.57
N ARG I 117 -19.80 -39.32 1.59
CA ARG I 117 -21.11 -39.95 1.77
C ARG I 117 -21.32 -40.98 0.71
N SER I 118 -20.86 -40.70 -0.51
CA SER I 118 -21.01 -41.63 -1.64
C SER I 118 -20.25 -42.90 -1.40
N LEU I 119 -19.21 -42.82 -0.57
CA LEU I 119 -18.39 -43.96 -0.25
C LEU I 119 -18.83 -44.67 1.03
N VAL I 120 -19.24 -43.87 2.03
CA VAL I 120 -19.57 -44.43 3.36
C VAL I 120 -21.04 -44.83 3.61
N LYS I 121 -21.20 -46.06 4.11
CA LYS I 121 -22.42 -46.50 4.79
C LYS I 121 -22.59 -45.59 6.01
N PRO I 122 -23.83 -45.12 6.26
CA PRO I 122 -24.01 -44.14 7.34
C PRO I 122 -23.81 -44.65 8.79
N GLU I 123 -23.57 -45.95 8.96
CA GLU I 123 -23.26 -46.54 10.28
C GLU I 123 -21.76 -46.67 10.50
N ASN I 124 -20.97 -45.94 9.70
CA ASN I 124 -19.52 -46.03 9.77
C ASN I 124 -18.80 -44.69 9.70
N TYR I 125 -19.55 -43.60 9.47
CA TYR I 125 -19.06 -42.25 9.76
C TYR I 125 -18.29 -42.35 11.08
N ARG I 126 -18.76 -43.26 11.93
CA ARG I 126 -18.40 -43.40 13.32
C ARG I 126 -16.95 -43.82 13.52
N ARG I 127 -16.57 -44.90 12.84
CA ARG I 127 -15.20 -45.40 12.92
C ARG I 127 -14.36 -44.74 11.81
N LEU I 128 -14.12 -43.44 11.96
CA LEU I 128 -13.46 -42.67 10.92
C LEU I 128 -12.63 -41.54 11.52
N ASP I 129 -11.34 -41.52 11.18
CA ASP I 129 -10.36 -40.63 11.83
C ASP I 129 -10.70 -39.17 11.63
N ILE I 130 -11.67 -38.64 12.40
CA ILE I 130 -12.18 -37.25 12.22
C ILE I 130 -12.75 -36.51 13.46
N VAL I 131 -12.60 -35.17 13.41
CA VAL I 131 -13.09 -34.18 14.39
C VAL I 131 -14.59 -34.25 14.74
N ARG I 132 -14.92 -33.86 15.99
CA ARG I 132 -16.32 -33.71 16.47
C ARG I 132 -17.32 -33.25 15.40
N SER I 133 -17.20 -31.97 15.02
CA SER I 133 -18.05 -31.30 14.03
C SER I 133 -18.22 -31.99 12.69
N LEU I 134 -17.15 -32.58 12.15
CA LEU I 134 -17.20 -33.10 10.79
C LEU I 134 -18.05 -34.36 10.65
N TYR I 135 -18.21 -35.12 11.73
CA TYR I 135 -19.27 -36.11 11.80
C TYR I 135 -20.59 -35.34 11.69
N GLU I 136 -20.94 -34.59 12.74
CA GLU I 136 -22.13 -33.74 12.76
C GLU I 136 -22.39 -33.08 11.40
N ASP I 137 -21.29 -32.78 10.69
CA ASP I 137 -21.35 -32.22 9.32
C ASP I 137 -21.61 -33.27 8.23
N LEU I 138 -21.06 -34.46 8.39
CA LEU I 138 -21.43 -35.50 7.46
C LEU I 138 -22.90 -35.78 7.68
N GLU I 139 -23.28 -36.16 8.90
CA GLU I 139 -24.63 -36.60 9.20
C GLU I 139 -25.74 -35.74 8.59
N ASP I 140 -25.68 -34.44 8.80
CA ASP I 140 -26.58 -33.52 8.10
C ASP I 140 -26.44 -33.65 6.57
N HIS I 141 -26.83 -34.81 6.02
CA HIS I 141 -27.03 -35.01 4.59
C HIS I 141 -27.85 -33.84 4.01
N PRO I 142 -27.60 -33.43 2.75
CA PRO I 142 -28.37 -32.31 2.18
C PRO I 142 -29.87 -32.63 2.11
N ASN I 143 -30.71 -31.66 2.47
CA ASN I 143 -32.12 -31.98 2.56
C ASN I 143 -33.10 -30.93 2.04
N VAL I 144 -33.95 -31.39 1.12
CA VAL I 144 -34.87 -30.54 0.36
C VAL I 144 -35.80 -29.64 1.22
N GLN I 145 -36.32 -30.20 2.31
CA GLN I 145 -37.16 -29.47 3.26
C GLN I 145 -36.35 -28.53 4.10
N LYS I 146 -35.10 -28.90 4.41
CA LYS I 146 -34.19 -28.01 5.13
C LYS I 146 -33.78 -26.81 4.26
N ASP I 147 -33.62 -27.06 2.97
CA ASP I 147 -33.33 -26.03 1.98
C ASP I 147 -34.49 -25.11 1.68
N LEU I 148 -35.70 -25.68 1.77
CA LEU I 148 -36.91 -24.89 1.65
C LEU I 148 -37.10 -24.06 2.89
N GLU I 149 -36.84 -24.67 4.05
CA GLU I 149 -36.78 -23.97 5.33
C GLU I 149 -35.89 -22.75 5.20
N ARG I 150 -34.65 -22.99 4.76
CA ARG I 150 -33.59 -21.98 4.66
C ARG I 150 -33.96 -20.72 3.89
N LEU I 151 -34.25 -20.85 2.59
CA LEU I 151 -34.31 -19.67 1.74
C LEU I 151 -35.42 -18.75 2.20
N THR I 152 -36.46 -19.37 2.76
CA THR I 152 -37.56 -18.68 3.46
C THR I 152 -37.06 -17.63 4.50
N GLN I 153 -36.14 -18.04 5.39
CA GLN I 153 -35.50 -17.08 6.31
C GLN I 153 -34.80 -15.93 5.54
N GLU I 154 -33.74 -16.26 4.79
CA GLU I 154 -32.99 -15.27 3.99
C GLU I 154 -33.91 -14.40 3.10
N ARG I 155 -35.14 -14.84 2.91
CA ARG I 155 -36.13 -14.12 2.08
C ARG I 155 -36.74 -12.82 2.67
N ILE I 156 -36.26 -12.35 3.83
CA ILE I 156 -36.75 -11.05 4.39
C ILE I 156 -35.64 -10.03 4.74
N MET J 1 -9.71 24.16 -42.63
CA MET J 1 -10.55 24.04 -41.41
C MET J 1 -9.64 23.83 -40.22
N ASP J 2 -10.16 24.00 -39.00
CA ASP J 2 -9.35 23.83 -37.80
C ASP J 2 -8.93 22.40 -37.47
N VAL J 3 -7.64 22.25 -37.24
CA VAL J 3 -7.04 20.97 -37.02
C VAL J 3 -6.36 21.05 -35.67
N PHE J 4 -6.38 19.94 -34.93
CA PHE J 4 -5.99 19.95 -33.51
C PHE J 4 -4.83 19.04 -33.11
N LEU J 5 -3.77 19.69 -32.63
CA LEU J 5 -2.44 19.10 -32.52
C LEU J 5 -1.96 19.04 -31.13
N MET J 6 -0.95 18.21 -30.93
CA MET J 6 -0.37 18.00 -29.65
C MET J 6 1.12 17.93 -29.92
N ILE J 7 1.81 19.09 -29.91
CA ILE J 7 3.26 19.17 -30.18
C ILE J 7 4.09 18.65 -29.01
N ARG J 8 4.87 17.59 -29.25
CA ARG J 8 5.40 16.76 -28.16
C ARG J 8 6.93 16.45 -28.15
N ARG J 9 7.59 16.62 -27.00
CA ARG J 9 9.06 16.49 -26.88
C ARG J 9 9.54 16.51 -25.43
N HIS J 10 10.15 15.42 -24.98
CA HIS J 10 10.82 15.38 -23.67
C HIS J 10 9.93 15.81 -22.52
N LYS J 11 8.85 15.12 -22.22
CA LYS J 11 8.07 15.56 -21.04
C LYS J 11 7.44 16.97 -21.18
N THR J 12 7.38 17.47 -22.41
CA THR J 12 6.57 18.64 -22.70
C THR J 12 5.59 18.31 -23.80
N THR J 13 4.47 19.06 -23.82
CA THR J 13 3.41 18.86 -24.79
C THR J 13 2.70 20.16 -24.99
N ILE J 14 2.77 20.71 -26.19
CA ILE J 14 2.03 21.93 -26.50
C ILE J 14 0.68 21.59 -27.19
N PHE J 15 -0.45 21.99 -26.58
CA PHE J 15 -1.81 21.76 -27.13
C PHE J 15 -2.17 23.01 -27.91
N THR J 16 -2.05 22.96 -29.22
CA THR J 16 -2.46 24.10 -30.05
C THR J 16 -3.44 23.65 -31.13
N ASP J 17 -3.91 24.63 -31.90
CA ASP J 17 -4.69 24.38 -33.09
C ASP J 17 -4.15 25.21 -34.26
N ALA J 18 -4.39 24.76 -35.50
CA ALA J 18 -4.43 25.66 -36.65
C ALA J 18 -5.18 25.09 -37.87
N LYS J 19 -5.36 25.92 -38.88
CA LYS J 19 -5.94 25.54 -40.17
C LYS J 19 -5.27 24.31 -40.87
N GLU J 20 -6.06 23.56 -41.64
CA GLU J 20 -5.54 22.48 -42.46
C GLU J 20 -4.61 23.08 -43.51
N SER J 21 -5.06 24.18 -44.10
CA SER J 21 -4.30 24.86 -45.12
C SER J 21 -2.98 25.42 -44.53
N SER J 22 -3.01 25.71 -43.22
CA SER J 22 -1.88 26.22 -42.42
C SER J 22 -0.64 25.35 -42.72
N THR J 23 0.58 25.84 -42.56
CA THR J 23 1.76 25.07 -43.04
C THR J 23 2.66 24.51 -41.93
N VAL J 24 3.52 23.53 -42.22
CA VAL J 24 4.42 23.10 -41.17
C VAL J 24 5.13 24.36 -40.71
N PHE J 25 5.68 25.12 -41.63
CA PHE J 25 6.54 26.19 -41.17
C PHE J 25 5.94 27.08 -40.08
N GLU J 26 4.76 27.65 -40.33
CA GLU J 26 4.09 28.50 -39.34
C GLU J 26 3.72 27.78 -38.04
N LEU J 27 3.53 26.49 -38.13
CA LEU J 27 3.47 25.69 -36.92
C LEU J 27 4.72 25.86 -36.05
N LYS J 28 5.89 26.02 -36.68
CA LYS J 28 7.13 26.26 -35.95
C LYS J 28 7.19 27.67 -35.39
N ARG J 29 6.66 28.62 -36.15
CA ARG J 29 6.61 29.99 -35.73
C ARG J 29 5.75 30.07 -34.43
N ILE J 30 4.78 29.15 -34.31
CA ILE J 30 4.03 28.96 -33.06
C ILE J 30 4.94 28.43 -31.91
N VAL J 31 5.61 27.31 -32.14
CA VAL J 31 6.58 26.80 -31.18
C VAL J 31 7.49 27.93 -30.68
N GLU J 32 8.14 28.60 -31.61
CA GLU J 32 8.97 29.76 -31.33
C GLU J 32 8.36 30.71 -30.29
N GLY J 33 7.04 30.88 -30.35
CA GLY J 33 6.30 31.82 -29.51
C GLY J 33 6.17 31.34 -28.08
N ILE J 34 6.40 30.04 -27.87
CA ILE J 34 6.25 29.40 -26.57
C ILE J 34 7.59 28.91 -26.01
N LEU J 35 8.45 28.40 -26.87
CA LEU J 35 9.69 27.80 -26.42
C LEU J 35 10.89 28.61 -26.80
N LYS J 36 10.63 29.70 -27.53
CA LYS J 36 11.63 30.73 -27.92
C LYS J 36 12.88 30.13 -28.60
N ARG J 37 12.67 29.20 -29.52
CA ARG J 37 13.77 28.64 -30.28
C ARG J 37 13.27 28.60 -31.71
N PRO J 38 14.03 29.25 -32.63
CA PRO J 38 13.48 29.66 -33.92
C PRO J 38 13.27 28.53 -34.94
N PRO J 39 12.35 28.74 -35.90
CA PRO J 39 12.13 27.77 -36.93
C PRO J 39 13.39 27.02 -37.31
N ASP J 40 14.50 27.71 -37.55
CA ASP J 40 15.75 27.02 -37.89
C ASP J 40 16.22 25.94 -36.89
N GLU J 41 15.98 26.14 -35.59
CA GLU J 41 16.38 25.17 -34.54
C GLU J 41 15.39 24.07 -34.23
N GLN J 42 14.30 23.98 -35.01
CA GLN J 42 13.29 22.95 -34.79
C GLN J 42 12.97 22.18 -36.07
N ARG J 43 13.04 20.85 -35.95
CA ARG J 43 12.44 19.92 -36.90
C ARG J 43 11.07 19.56 -36.36
N LEU J 44 10.09 19.28 -37.22
CA LEU J 44 8.83 18.75 -36.77
C LEU J 44 8.52 17.47 -37.50
N TYR J 45 7.88 16.54 -36.78
CA TYR J 45 7.62 15.16 -37.22
C TYR J 45 6.16 14.73 -37.07
N LYS J 46 5.68 13.90 -38.00
CA LYS J 46 4.52 13.08 -37.77
C LYS J 46 4.96 11.63 -37.75
N ASP J 47 5.03 11.05 -36.57
CA ASP J 47 5.25 9.62 -36.49
C ASP J 47 6.55 9.22 -37.13
N ASP J 48 7.62 9.91 -36.73
CA ASP J 48 9.03 9.69 -37.25
C ASP J 48 9.29 10.23 -38.67
N GLN J 49 8.26 10.25 -39.52
CA GLN J 49 8.32 10.88 -40.84
C GLN J 49 8.66 12.37 -40.69
N LEU J 50 9.89 12.73 -41.05
CA LEU J 50 10.36 14.12 -40.96
C LEU J 50 9.58 15.06 -41.88
N LEU J 51 9.23 16.24 -41.38
CA LEU J 51 8.24 17.08 -42.02
C LEU J 51 8.76 18.33 -42.70
N ASP J 52 8.33 18.55 -43.94
CA ASP J 52 8.81 19.68 -44.77
C ASP J 52 8.40 21.06 -44.29
N ASP J 53 9.33 22.03 -44.33
CA ASP J 53 8.98 23.41 -43.94
C ASP J 53 7.71 23.82 -44.69
N GLY J 54 7.63 23.44 -45.96
CA GLY J 54 6.56 23.89 -46.86
C GLY J 54 5.23 23.29 -46.53
N LYS J 55 4.95 22.11 -47.13
CA LYS J 55 3.70 21.33 -47.02
C LYS J 55 2.70 21.72 -45.96
N THR J 56 1.43 21.89 -46.34
CA THR J 56 0.33 22.13 -45.39
C THR J 56 0.15 21.00 -44.39
N LEU J 57 -0.52 21.34 -43.30
CA LEU J 57 -0.86 20.40 -42.26
C LEU J 57 -1.67 19.33 -42.93
N GLY J 58 -2.68 19.78 -43.67
CA GLY J 58 -3.50 18.89 -44.47
C GLY J 58 -2.61 17.82 -45.06
N GLU J 59 -1.75 18.26 -45.99
CA GLU J 59 -0.80 17.42 -46.71
C GLU J 59 -0.05 16.40 -45.86
N CYS J 60 0.49 16.82 -44.70
CA CYS J 60 1.15 15.91 -43.75
C CYS J 60 0.18 15.01 -42.98
N GLY J 61 -1.09 15.01 -43.39
CA GLY J 61 -2.07 14.05 -42.93
C GLY J 61 -2.79 14.34 -41.61
N PHE J 62 -2.86 15.63 -41.28
CA PHE J 62 -3.64 16.08 -40.16
C PHE J 62 -4.88 16.71 -40.71
N THR J 63 -5.98 15.97 -40.68
CA THR J 63 -7.28 16.46 -41.18
C THR J 63 -8.33 16.32 -40.10
N SER J 64 -9.55 16.77 -40.37
CA SER J 64 -10.60 16.85 -39.34
C SER J 64 -10.99 15.58 -38.62
N GLN J 65 -10.99 14.45 -39.32
CA GLN J 65 -11.23 13.13 -38.69
C GLN J 65 -9.98 12.59 -37.98
N THR J 66 -8.89 13.34 -38.03
CA THR J 66 -7.60 12.90 -37.50
C THR J 66 -7.15 13.79 -36.37
N ALA J 67 -7.63 15.03 -36.39
CA ALA J 67 -7.08 16.10 -35.59
C ALA J 67 -8.19 16.76 -34.81
N ARG J 68 -8.85 15.94 -33.98
CA ARG J 68 -10.10 16.30 -33.30
C ARG J 68 -9.83 16.84 -31.91
N PRO J 69 -10.48 17.98 -31.57
CA PRO J 69 -10.32 18.61 -30.25
C PRO J 69 -10.21 17.56 -29.14
N GLN J 70 -11.21 16.68 -29.04
CA GLN J 70 -11.23 15.49 -28.13
C GLN J 70 -10.08 14.50 -28.20
N ALA J 71 -9.35 14.50 -29.31
CA ALA J 71 -8.43 13.40 -29.60
C ALA J 71 -7.43 13.90 -30.64
N PRO J 72 -6.49 14.74 -30.19
CA PRO J 72 -5.73 15.55 -31.11
C PRO J 72 -4.52 14.80 -31.73
N ALA J 73 -3.97 15.34 -32.82
CA ALA J 73 -2.82 14.71 -33.50
C ALA J 73 -1.48 14.98 -32.80
N THR J 74 -0.59 14.00 -32.81
CA THR J 74 0.77 14.18 -32.25
C THR J 74 1.71 14.70 -33.31
N VAL J 75 2.35 15.81 -33.03
CA VAL J 75 3.48 16.25 -33.85
C VAL J 75 4.74 16.12 -32.93
N GLY J 76 5.73 15.37 -33.41
CA GLY J 76 7.03 15.29 -32.73
C GLY J 76 7.90 16.55 -32.82
N LEU J 77 8.73 16.77 -31.81
CA LEU J 77 9.67 17.88 -31.84
C LEU J 77 11.11 17.47 -31.41
N ALA J 78 12.09 18.14 -32.02
CA ALA J 78 13.51 17.82 -31.84
C ALA J 78 14.30 19.07 -32.06
N PHE J 79 15.23 19.31 -31.13
CA PHE J 79 15.95 20.59 -31.01
C PHE J 79 17.47 20.47 -31.23
N ARG J 80 18.13 21.62 -31.47
CA ARG J 80 19.59 21.81 -31.52
C ARG J 80 19.97 22.22 -32.95
N ALA J 81 19.81 23.53 -33.23
CA ALA J 81 19.89 24.12 -34.60
C ALA J 81 21.08 23.69 -35.43
N ASP J 82 20.81 23.32 -36.69
CA ASP J 82 21.84 22.77 -37.60
C ASP J 82 23.31 22.96 -37.11
N ASP J 83 23.91 21.81 -36.82
CA ASP J 83 24.81 21.51 -35.71
C ASP J 83 24.13 20.16 -35.57
N THR J 84 24.25 19.43 -34.46
CA THR J 84 23.50 18.18 -34.43
C THR J 84 22.12 18.30 -33.76
N PHE J 85 21.05 18.11 -34.54
CA PHE J 85 19.74 17.88 -33.92
C PHE J 85 19.76 16.64 -33.04
N GLU J 86 19.01 16.72 -31.94
CA GLU J 86 18.82 15.61 -31.02
C GLU J 86 18.02 14.53 -31.74
N ALA J 87 18.25 13.27 -31.41
CA ALA J 87 17.38 12.22 -31.94
C ALA J 87 15.97 12.50 -31.40
N LEU J 88 14.95 12.25 -32.22
CA LEU J 88 13.57 12.52 -31.78
C LEU J 88 13.26 11.67 -30.60
N CYS J 89 12.85 12.33 -29.51
CA CYS J 89 12.50 11.65 -28.27
C CYS J 89 11.33 12.32 -27.50
N ILE J 90 10.34 11.51 -27.13
CA ILE J 90 9.14 11.95 -26.41
C ILE J 90 8.83 10.91 -25.37
N GLU J 91 8.71 11.32 -24.12
CA GLU J 91 8.44 10.35 -23.09
C GLU J 91 6.98 9.96 -23.18
N PRO J 92 6.64 8.66 -22.98
CA PRO J 92 5.21 8.39 -22.95
C PRO J 92 4.63 8.82 -21.60
N PHE J 93 3.31 8.93 -21.52
CA PHE J 93 2.65 9.33 -20.27
C PHE J 93 2.66 8.20 -19.24
N SER J 94 2.35 8.56 -18.00
CA SER J 94 2.18 7.60 -16.91
C SER J 94 1.16 6.51 -17.27
N SER J 95 1.53 5.27 -16.96
CA SER J 95 0.74 4.12 -17.33
C SER J 95 -0.44 4.12 -16.39
N PRO J 96 -1.65 3.93 -16.94
CA PRO J 96 -2.88 3.78 -16.15
C PRO J 96 -2.79 2.59 -15.20
N PRO J 97 -3.39 2.69 -13.98
CA PRO J 97 -3.49 1.60 -13.00
C PRO J 97 -4.44 0.47 -13.46
N GLU J 98 -4.62 -0.56 -12.63
CA GLU J 98 -5.46 -1.71 -13.01
C GLU J 98 -6.96 -1.40 -12.88
N LEU J 99 -7.74 -1.86 -13.85
CA LEU J 99 -9.19 -1.74 -13.78
C LEU J 99 -9.66 -2.86 -12.86
N PRO J 100 -10.62 -2.55 -11.95
CA PRO J 100 -11.25 -3.57 -11.08
C PRO J 100 -12.63 -4.12 -11.55
N ASP J 101 -13.20 -3.54 -12.60
CA ASP J 101 -14.60 -3.80 -13.01
C ASP J 101 -14.97 -5.20 -13.47
N VAL J 102 -15.60 -5.31 -14.63
CA VAL J 102 -16.10 -6.61 -15.09
C VAL J 102 -16.47 -6.66 -16.57
N MET J 103 -17.33 -5.72 -17.00
CA MET J 103 -18.07 -5.83 -18.27
C MET J 103 -18.16 -7.26 -18.83
N MET K 2 -0.72 34.29 -22.08
CA MET K 2 -1.16 33.96 -23.49
C MET K 2 -1.12 32.45 -23.78
N TYR K 3 -0.26 31.75 -23.03
CA TYR K 3 -0.26 30.30 -22.87
C TYR K 3 -0.07 30.03 -21.37
N VAL K 4 -0.10 28.78 -20.93
CA VAL K 4 0.07 28.49 -19.50
C VAL K 4 0.76 27.11 -19.26
N LYS K 5 1.32 26.97 -18.07
CA LYS K 5 1.93 25.70 -17.80
C LYS K 5 1.20 25.01 -16.66
N LEU K 6 0.92 23.74 -16.89
CA LEU K 6 0.37 22.85 -15.91
C LEU K 6 1.29 21.63 -15.87
N ILE K 7 1.45 21.00 -14.71
CA ILE K 7 2.46 19.95 -14.58
C ILE K 7 1.98 18.76 -13.75
N SER K 8 2.03 17.56 -14.33
CA SER K 8 1.55 16.43 -13.61
C SER K 8 2.43 16.14 -12.41
N SER K 9 1.92 15.28 -11.51
CA SER K 9 2.70 14.62 -10.48
C SER K 9 4.04 14.04 -11.00
N ASP K 10 3.98 13.44 -12.18
CA ASP K 10 5.10 12.66 -12.67
C ASP K 10 5.98 13.48 -13.63
N GLY K 11 5.83 14.80 -13.61
CA GLY K 11 6.74 15.68 -14.35
C GLY K 11 6.34 16.31 -15.68
N HIS K 12 5.54 15.62 -16.49
CA HIS K 12 5.20 16.14 -17.81
C HIS K 12 4.61 17.55 -17.73
N GLU K 13 4.93 18.37 -18.72
CA GLU K 13 4.58 19.79 -18.75
C GLU K 13 3.70 20.07 -19.95
N PHE K 14 2.49 20.55 -19.72
CA PHE K 14 1.56 20.76 -20.78
C PHE K 14 1.35 22.24 -20.99
N ILE K 15 1.60 22.73 -22.19
CA ILE K 15 1.42 24.14 -22.47
C ILE K 15 0.12 24.21 -23.27
N VAL K 16 -0.67 25.26 -23.02
CA VAL K 16 -2.06 25.28 -23.38
C VAL K 16 -2.45 26.72 -23.34
N LYS K 17 -3.42 27.13 -24.17
CA LYS K 17 -3.83 28.55 -24.16
C LYS K 17 -4.55 28.95 -22.85
N ARG K 18 -4.61 30.26 -22.59
CA ARG K 18 -5.15 30.75 -21.31
C ARG K 18 -6.61 30.33 -21.06
N GLU K 19 -7.53 30.84 -21.89
CA GLU K 19 -8.97 30.48 -21.88
C GLU K 19 -9.18 29.00 -21.64
N HIS K 20 -8.83 28.20 -22.61
CA HIS K 20 -8.77 26.79 -22.37
C HIS K 20 -8.71 26.52 -20.87
N ALA K 21 -7.65 26.98 -20.21
CA ALA K 21 -7.47 26.68 -18.79
C ALA K 21 -8.55 27.36 -17.93
N LEU K 22 -8.96 28.56 -18.38
CA LEU K 22 -10.05 29.32 -17.74
C LEU K 22 -11.39 28.55 -17.83
N THR K 23 -11.39 27.45 -18.56
CA THR K 23 -12.55 26.60 -18.59
C THR K 23 -12.72 26.06 -17.16
N SER K 24 -11.60 25.67 -16.55
CA SER K 24 -11.62 25.20 -15.20
C SER K 24 -11.69 26.41 -14.32
N GLY K 25 -12.82 26.57 -13.65
CA GLY K 25 -12.97 27.65 -12.68
C GLY K 25 -11.78 27.75 -11.75
N THR K 26 -11.36 26.61 -11.17
CA THR K 26 -10.24 26.56 -10.23
C THR K 26 -9.01 27.30 -10.80
N ILE K 27 -8.42 26.76 -11.85
CA ILE K 27 -7.26 27.40 -12.46
C ILE K 27 -7.46 28.89 -12.58
N LYS K 28 -8.61 29.33 -13.09
CA LYS K 28 -8.85 30.77 -13.26
C LYS K 28 -8.61 31.58 -11.95
N ALA K 29 -8.85 30.94 -10.81
CA ALA K 29 -8.54 31.55 -9.52
C ALA K 29 -7.07 31.32 -9.18
N MET K 30 -6.58 30.12 -9.52
CA MET K 30 -5.21 29.65 -9.22
C MET K 30 -4.13 30.43 -9.97
N LEU K 31 -4.56 31.48 -10.64
CA LEU K 31 -3.72 32.50 -11.26
C LEU K 31 -4.72 33.47 -11.91
N SER K 32 -4.47 34.76 -11.72
CA SER K 32 -5.47 35.78 -12.01
C SER K 32 -6.38 35.94 -10.77
N GLY K 33 -5.83 35.57 -9.59
CA GLY K 33 -6.57 35.52 -8.31
C GLY K 33 -5.68 35.33 -7.08
N ASN K 43 1.75 32.09 -16.09
CA ASN K 43 2.16 31.62 -14.77
C ASN K 43 2.33 30.09 -14.66
N GLU K 44 2.95 29.66 -13.56
CA GLU K 44 3.27 28.26 -13.24
C GLU K 44 2.10 27.63 -12.48
N VAL K 45 1.96 26.30 -12.57
CA VAL K 45 0.90 25.55 -11.90
C VAL K 45 1.31 24.06 -11.89
N ASN K 46 1.60 23.50 -10.72
CA ASN K 46 2.07 22.10 -10.58
C ASN K 46 1.23 21.11 -9.71
N PHE K 47 0.24 20.49 -10.33
CA PHE K 47 -0.60 19.47 -9.70
C PHE K 47 0.19 18.26 -9.24
N ARG K 48 0.27 18.06 -7.93
CA ARG K 48 0.93 16.88 -7.35
C ARG K 48 0.01 15.68 -7.16
N GLU K 49 -1.25 15.78 -7.58
CA GLU K 49 -2.16 14.65 -7.39
C GLU K 49 -2.59 14.06 -8.71
N ILE K 50 -2.55 14.89 -9.78
CA ILE K 50 -3.00 14.56 -11.14
C ILE K 50 -1.84 14.01 -11.98
N PRO K 51 -1.73 12.69 -12.16
CA PRO K 51 -0.64 12.22 -13.02
C PRO K 51 -0.88 12.55 -14.50
N SER K 52 0.16 12.38 -15.31
CA SER K 52 0.15 12.75 -16.73
C SER K 52 -1.03 12.19 -17.53
N HIS K 53 -1.31 10.89 -17.33
CA HIS K 53 -2.32 10.19 -18.13
C HIS K 53 -3.81 10.66 -17.93
N VAL K 54 -4.00 11.54 -16.95
CA VAL K 54 -5.22 12.30 -16.73
C VAL K 54 -5.09 13.76 -17.22
N LEU K 55 -4.03 14.40 -16.78
CA LEU K 55 -3.90 15.81 -17.06
C LEU K 55 -3.97 16.10 -18.57
N SER K 56 -3.51 15.17 -19.40
CA SER K 56 -3.66 15.36 -20.85
C SER K 56 -5.11 15.39 -21.26
N LYS K 57 -5.86 14.36 -20.84
CA LYS K 57 -7.30 14.35 -21.03
C LYS K 57 -7.94 15.67 -20.58
N VAL K 58 -7.71 16.06 -19.32
CA VAL K 58 -8.14 17.35 -18.86
C VAL K 58 -7.96 18.41 -19.95
N CYS K 59 -6.75 18.57 -20.46
CA CYS K 59 -6.52 19.60 -21.47
C CYS K 59 -7.30 19.32 -22.73
N MET K 60 -7.31 18.06 -23.14
CA MET K 60 -8.12 17.68 -24.29
C MET K 60 -9.53 18.19 -24.03
N TYR K 61 -10.06 17.97 -22.80
CA TYR K 61 -11.38 18.51 -22.39
C TYR K 61 -11.52 20.00 -22.57
N PHE K 62 -10.58 20.77 -22.04
CA PHE K 62 -10.57 22.22 -22.36
C PHE K 62 -10.73 22.55 -23.83
N THR K 63 -10.11 21.81 -24.74
CA THR K 63 -10.22 22.29 -26.14
C THR K 63 -11.63 21.96 -26.68
N TYR K 64 -12.06 20.74 -26.44
CA TYR K 64 -13.43 20.31 -26.64
C TYR K 64 -14.52 21.30 -26.15
N LYS K 65 -14.43 21.72 -24.88
CA LYS K 65 -15.26 22.79 -24.35
C LYS K 65 -15.14 24.03 -25.24
N VAL K 66 -13.96 24.62 -25.26
CA VAL K 66 -13.80 25.88 -25.96
C VAL K 66 -14.21 25.82 -27.43
N ARG K 67 -14.26 24.62 -27.99
CA ARG K 67 -14.54 24.52 -29.43
C ARG K 67 -16.03 24.54 -29.67
N TYR K 68 -16.75 23.70 -28.92
CA TYR K 68 -18.18 23.50 -29.18
C TYR K 68 -19.15 24.35 -28.33
N THR K 69 -18.77 24.73 -27.12
CA THR K 69 -19.68 25.54 -26.33
C THR K 69 -20.22 26.64 -27.22
N ASN K 70 -21.54 26.81 -27.12
CA ASN K 70 -22.35 27.76 -27.89
C ASN K 70 -22.09 27.75 -29.39
N SER K 71 -22.09 26.52 -29.94
CA SER K 71 -22.02 26.26 -31.38
C SER K 71 -23.25 25.45 -31.85
N SER K 72 -23.75 25.78 -33.02
CA SER K 72 -24.83 25.00 -33.65
C SER K 72 -24.34 23.79 -34.49
N THR K 73 -23.02 23.58 -34.55
CA THR K 73 -22.44 22.49 -35.36
C THR K 73 -22.30 21.15 -34.59
N GLU K 74 -23.21 20.20 -34.86
CA GLU K 74 -23.29 18.86 -34.25
C GLU K 74 -22.06 18.42 -33.43
N ILE K 75 -22.24 18.50 -32.10
CA ILE K 75 -21.27 18.16 -31.08
C ILE K 75 -21.01 16.63 -31.01
N PRO K 76 -19.74 16.21 -31.05
CA PRO K 76 -19.46 14.80 -30.84
C PRO K 76 -19.24 14.48 -29.36
N GLU K 77 -19.27 13.20 -29.04
CA GLU K 77 -19.13 12.75 -27.70
C GLU K 77 -17.67 12.86 -27.25
N PHE K 78 -17.41 13.58 -26.17
CA PHE K 78 -16.06 13.52 -25.57
C PHE K 78 -15.79 12.14 -24.93
N PRO K 79 -14.69 11.46 -25.34
CA PRO K 79 -14.45 10.06 -25.04
C PRO K 79 -13.57 9.83 -23.83
N ILE K 80 -13.77 8.70 -23.16
CA ILE K 80 -13.13 8.50 -21.87
C ILE K 80 -12.92 7.03 -21.66
N ALA K 81 -11.75 6.53 -22.07
CA ALA K 81 -11.39 5.11 -21.86
C ALA K 81 -11.65 4.75 -20.41
N PRO K 82 -12.21 3.54 -20.17
CA PRO K 82 -12.50 2.97 -18.86
C PRO K 82 -11.42 3.19 -17.83
N GLU K 83 -10.19 2.89 -18.25
CA GLU K 83 -8.96 2.94 -17.43
C GLU K 83 -8.69 4.32 -16.81
N ILE K 84 -9.55 5.29 -17.04
CA ILE K 84 -9.17 6.61 -16.60
C ILE K 84 -10.29 7.28 -15.87
N ALA K 85 -11.48 6.76 -16.13
CA ALA K 85 -12.69 7.36 -15.66
C ALA K 85 -12.51 7.77 -14.21
N LEU K 86 -12.14 6.81 -13.36
CA LEU K 86 -12.07 7.11 -11.95
C LEU K 86 -11.13 8.25 -11.78
N GLU K 87 -9.85 8.02 -11.97
CA GLU K 87 -8.90 9.13 -11.87
C GLU K 87 -9.34 10.42 -12.56
N LEU K 88 -9.85 10.34 -13.77
CA LEU K 88 -10.33 11.58 -14.39
C LEU K 88 -11.37 12.30 -13.51
N LEU K 89 -12.16 11.48 -12.80
CA LEU K 89 -13.35 11.93 -12.13
C LEU K 89 -12.92 12.71 -10.95
N MET K 90 -11.97 12.15 -10.18
CA MET K 90 -11.36 12.81 -9.02
C MET K 90 -10.73 14.10 -9.48
N ALA K 91 -9.90 13.99 -10.50
CA ALA K 91 -9.27 15.14 -11.15
C ALA K 91 -10.29 16.21 -11.53
N ALA K 92 -11.28 15.83 -12.34
CA ALA K 92 -12.31 16.76 -12.77
C ALA K 92 -13.13 17.44 -11.64
N ASN K 93 -13.46 16.71 -10.58
CA ASN K 93 -14.22 17.36 -9.53
C ASN K 93 -13.49 18.59 -9.01
N PHE K 94 -12.35 18.37 -8.36
CA PHE K 94 -11.42 19.43 -7.92
C PHE K 94 -11.25 20.66 -8.85
N LEU K 95 -11.14 20.44 -10.16
CA LEU K 95 -10.87 21.52 -11.14
C LEU K 95 -12.03 22.47 -11.46
N ASP K 96 -13.19 22.20 -10.86
CA ASP K 96 -14.44 22.91 -11.12
C ASP K 96 -14.66 23.11 -12.59
N CYS K 97 -15.10 22.04 -13.24
CA CYS K 97 -15.22 22.04 -14.69
C CYS K 97 -16.16 20.93 -15.25
N VAL L 12 -48.08 23.44 -13.72
CA VAL L 12 -47.17 24.58 -13.99
C VAL L 12 -45.99 24.03 -14.80
N LEU L 13 -45.95 24.39 -16.08
CA LEU L 13 -45.06 23.70 -17.03
C LEU L 13 -45.79 22.48 -17.54
N ARG L 14 -46.81 22.77 -18.31
CA ARG L 14 -47.61 21.72 -18.86
C ARG L 14 -48.05 22.17 -20.24
N SER L 15 -48.51 21.22 -21.04
CA SER L 15 -48.99 21.57 -22.33
C SER L 15 -50.34 22.30 -22.14
N VAL L 16 -50.40 23.54 -22.64
CA VAL L 16 -51.65 24.22 -22.81
C VAL L 16 -52.41 23.38 -23.82
N ASN L 17 -53.74 23.49 -23.82
CA ASN L 17 -54.54 22.63 -24.68
C ASN L 17 -55.09 23.33 -25.94
N SER L 18 -54.17 23.93 -26.70
CA SER L 18 -54.44 24.63 -27.96
C SER L 18 -55.46 23.89 -28.79
N ARG L 19 -55.20 22.62 -29.05
CA ARG L 19 -56.07 21.89 -29.93
C ARG L 19 -55.67 22.19 -31.36
N GLU L 20 -54.72 23.11 -31.53
CA GLU L 20 -54.29 23.51 -32.87
C GLU L 20 -52.98 22.88 -33.35
N PRO L 21 -53.10 21.81 -34.16
CA PRO L 21 -52.09 21.12 -34.97
C PRO L 21 -50.75 21.79 -35.21
N SER L 22 -49.72 20.96 -35.05
CA SER L 22 -48.36 21.30 -35.35
C SER L 22 -47.63 20.05 -35.74
N GLN L 23 -47.39 19.91 -37.05
CA GLN L 23 -46.43 18.90 -37.50
C GLN L 23 -45.04 19.42 -37.12
N VAL L 24 -44.23 18.51 -36.61
CA VAL L 24 -42.90 18.83 -36.15
C VAL L 24 -41.97 17.76 -36.64
N ILE L 25 -40.72 18.13 -36.94
CA ILE L 25 -39.78 17.05 -37.22
C ILE L 25 -38.82 16.89 -36.08
N PHE L 26 -38.47 15.63 -35.82
CA PHE L 26 -37.46 15.26 -34.83
C PHE L 26 -36.13 14.86 -35.46
N CYS L 27 -35.20 15.81 -35.59
CA CYS L 27 -33.92 15.38 -36.06
C CYS L 27 -32.94 15.21 -34.93
N ASN L 28 -32.66 13.96 -34.61
CA ASN L 28 -31.63 13.52 -33.66
C ASN L 28 -30.20 13.73 -34.12
N ARG L 29 -29.68 14.93 -34.01
CA ARG L 29 -28.26 15.16 -34.30
C ARG L 29 -27.39 14.86 -33.08
N SER L 30 -27.51 13.64 -32.57
CA SER L 30 -26.82 13.21 -31.33
C SER L 30 -26.31 11.80 -31.58
N PRO L 31 -25.31 11.32 -30.85
CA PRO L 31 -24.94 9.91 -31.12
C PRO L 31 -25.63 8.94 -30.17
N ARG L 32 -26.72 9.40 -29.56
CA ARG L 32 -27.39 8.63 -28.53
C ARG L 32 -28.78 8.35 -28.97
N VAL L 33 -29.28 7.17 -28.59
CA VAL L 33 -30.69 6.78 -28.63
C VAL L 33 -31.49 7.80 -27.83
N VAL L 34 -32.40 8.51 -28.45
CA VAL L 34 -33.16 9.56 -27.76
C VAL L 34 -34.61 9.15 -27.49
N LEU L 35 -35.12 9.64 -26.36
CA LEU L 35 -36.43 9.37 -25.86
C LEU L 35 -37.07 10.74 -25.83
N PRO L 36 -37.98 11.01 -26.79
CA PRO L 36 -38.75 12.22 -26.69
C PRO L 36 -39.75 12.04 -25.55
N VAL L 37 -40.02 13.11 -24.84
CA VAL L 37 -40.86 13.06 -23.67
C VAL L 37 -41.83 14.21 -23.67
N TRP L 38 -43.07 13.93 -23.98
CA TRP L 38 -44.07 14.94 -23.96
C TRP L 38 -44.55 15.21 -22.55
N LEU L 39 -44.83 16.45 -22.20
CA LEU L 39 -45.51 16.74 -20.93
C LEU L 39 -46.99 16.96 -21.11
N ASN L 40 -47.70 15.91 -20.66
CA ASN L 40 -49.07 15.86 -20.17
C ASN L 40 -49.71 17.16 -19.73
N PHE L 41 -51.00 17.28 -20.02
CA PHE L 41 -51.80 18.38 -19.57
C PHE L 41 -51.80 18.48 -18.02
N ASP L 42 -51.51 17.37 -17.32
CA ASP L 42 -51.35 17.32 -15.84
C ASP L 42 -49.93 17.67 -15.29
N GLY L 43 -48.98 17.97 -16.18
CA GLY L 43 -47.57 18.11 -15.75
C GLY L 43 -46.70 16.86 -15.88
N GLU L 44 -47.32 15.67 -15.97
CA GLU L 44 -46.59 14.34 -16.06
C GLU L 44 -45.85 14.01 -17.39
N PRO L 45 -44.56 13.73 -17.29
CA PRO L 45 -43.77 13.33 -18.46
C PRO L 45 -44.34 12.08 -19.17
N GLN L 46 -44.41 12.10 -20.49
CA GLN L 46 -44.92 10.91 -21.17
C GLN L 46 -43.99 10.44 -22.29
N PRO L 47 -43.31 9.32 -22.05
CA PRO L 47 -42.37 8.73 -23.03
C PRO L 47 -43.02 8.49 -24.37
N TYR L 48 -42.24 8.71 -25.42
CA TYR L 48 -42.68 8.44 -26.77
C TYR L 48 -41.71 7.48 -27.43
N PRO L 49 -42.06 6.98 -28.63
CA PRO L 49 -41.17 6.00 -29.22
C PRO L 49 -39.79 6.61 -29.52
N THR L 50 -38.77 5.79 -29.32
CA THR L 50 -37.42 6.31 -29.26
C THR L 50 -36.78 6.35 -30.61
N LEU L 51 -35.77 7.19 -30.74
CA LEU L 51 -35.11 7.49 -32.02
C LEU L 51 -33.77 6.78 -32.13
N PRO L 52 -33.55 5.98 -33.21
CA PRO L 52 -32.22 5.39 -33.29
C PRO L 52 -31.29 6.52 -33.60
N PRO L 53 -29.99 6.32 -33.29
CA PRO L 53 -29.03 7.38 -32.97
C PRO L 53 -28.74 8.51 -33.94
N GLY L 54 -29.31 8.55 -35.16
CA GLY L 54 -29.09 9.72 -36.04
C GLY L 54 -30.11 9.96 -37.14
N THR L 55 -31.36 9.54 -36.85
CA THR L 55 -32.51 9.60 -37.77
C THR L 55 -33.37 10.82 -37.46
N GLY L 56 -34.40 11.03 -38.28
CA GLY L 56 -35.35 12.13 -38.10
C GLY L 56 -36.72 11.63 -38.48
N ARG L 57 -37.77 12.35 -38.14
CA ARG L 57 -39.08 11.73 -38.08
C ARG L 57 -40.18 12.76 -37.88
N ARG L 58 -41.15 12.75 -38.78
CA ARG L 58 -42.24 13.71 -38.69
C ARG L 58 -43.18 13.18 -37.65
N ILE L 59 -43.99 14.08 -37.10
CA ILE L 59 -44.63 13.91 -35.82
C ILE L 59 -45.77 14.94 -35.70
N HIS L 60 -46.95 14.45 -35.31
CA HIS L 60 -48.08 15.33 -35.19
C HIS L 60 -48.20 15.82 -33.76
N SER L 61 -48.06 17.14 -33.56
CA SER L 61 -48.33 17.71 -32.23
C SER L 61 -49.38 18.82 -32.30
N TYR L 62 -49.20 19.84 -31.45
CA TYR L 62 -50.19 20.89 -31.27
C TYR L 62 -49.48 22.11 -30.72
N ARG L 63 -49.79 23.30 -31.21
CA ARG L 63 -49.24 24.52 -30.58
C ARG L 63 -49.24 24.45 -29.03
N GLY L 64 -48.44 25.31 -28.43
CA GLY L 64 -48.25 25.36 -26.99
C GLY L 64 -47.89 24.10 -26.20
N HIS L 65 -47.69 22.93 -26.84
CA HIS L 65 -47.29 21.71 -26.03
C HIS L 65 -45.83 21.71 -25.65
N LEU L 66 -45.44 20.79 -24.78
CA LEU L 66 -44.09 20.86 -24.30
C LEU L 66 -43.39 19.54 -24.33
N TRP L 67 -42.10 19.62 -24.70
CA TRP L 67 -41.25 18.47 -24.99
C TRP L 67 -39.86 18.69 -24.45
N LEU L 68 -39.19 17.59 -24.18
CA LEU L 68 -37.84 17.65 -23.66
C LEU L 68 -37.27 16.32 -24.07
N PHE L 69 -35.94 16.21 -24.16
CA PHE L 69 -35.36 15.03 -24.77
C PHE L 69 -34.30 14.41 -23.91
N ARG L 70 -34.23 13.09 -23.89
CA ARG L 70 -33.30 12.35 -23.01
C ARG L 70 -32.65 11.17 -23.69
N ASP L 71 -31.50 10.77 -23.19
CA ASP L 71 -30.90 9.56 -23.61
C ASP L 71 -31.84 8.43 -23.15
N ALA L 72 -32.15 7.47 -24.00
CA ALA L 72 -33.15 6.49 -23.64
C ALA L 72 -32.61 5.47 -22.64
N GLY L 73 -31.31 5.23 -22.64
CA GLY L 73 -30.77 4.14 -21.83
C GLY L 73 -30.48 4.50 -20.38
N THR L 74 -30.32 5.80 -20.09
CA THR L 74 -29.59 6.23 -18.92
C THR L 74 -30.07 7.56 -18.45
N HIS L 75 -30.81 8.27 -19.31
CA HIS L 75 -31.57 9.50 -18.95
C HIS L 75 -30.88 10.87 -18.92
N ASP L 76 -29.59 10.92 -19.27
CA ASP L 76 -28.84 12.19 -19.39
C ASP L 76 -29.65 13.20 -20.13
N GLY L 77 -29.54 14.47 -19.75
CA GLY L 77 -30.31 15.55 -20.41
C GLY L 77 -29.70 15.92 -21.76
N LEU L 78 -30.55 16.06 -22.78
CA LEU L 78 -30.13 16.48 -24.14
C LEU L 78 -30.70 17.87 -24.51
N LEU L 79 -30.21 18.50 -25.58
CA LEU L 79 -30.70 19.84 -25.95
C LEU L 79 -31.68 19.76 -27.12
N VAL L 80 -32.65 20.67 -27.16
CA VAL L 80 -33.49 20.79 -28.31
C VAL L 80 -33.55 22.26 -28.67
N ASN L 81 -32.92 22.60 -29.79
CA ASN L 81 -32.68 23.98 -30.19
C ASN L 81 -31.82 24.76 -29.21
N GLN L 82 -30.72 24.19 -28.78
CA GLN L 82 -29.91 24.83 -27.74
C GLN L 82 -30.69 25.12 -26.43
N THR L 83 -31.99 24.92 -26.42
CA THR L 83 -32.77 25.08 -25.18
C THR L 83 -33.03 23.70 -24.58
N GLU L 84 -33.44 23.68 -23.32
CA GLU L 84 -33.72 22.41 -22.67
C GLU L 84 -35.15 21.96 -23.05
N LEU L 85 -35.97 22.90 -23.53
CA LEU L 85 -37.38 22.63 -23.80
C LEU L 85 -37.81 23.01 -25.21
N PHE L 86 -38.66 22.17 -25.81
CA PHE L 86 -39.26 22.43 -27.12
C PHE L 86 -40.76 22.64 -27.10
N VAL L 87 -41.20 23.73 -27.72
CA VAL L 87 -42.62 24.07 -27.72
C VAL L 87 -43.12 24.39 -29.11
N PRO L 88 -43.95 23.50 -29.68
CA PRO L 88 -44.23 23.71 -31.10
C PRO L 88 -45.10 24.96 -31.35
N SER L 89 -45.05 25.48 -32.58
CA SER L 89 -45.63 26.79 -32.89
C SER L 89 -46.61 26.75 -34.08
N LEU L 90 -47.10 27.92 -34.50
CA LEU L 90 -47.97 27.98 -35.68
C LEU L 90 -47.14 27.76 -36.91
N ASN L 91 -47.74 27.02 -37.85
CA ASN L 91 -47.14 26.64 -39.10
C ASN L 91 -47.34 27.72 -40.15
N VAL L 92 -47.02 28.95 -39.73
CA VAL L 92 -47.12 30.21 -40.48
C VAL L 92 -46.63 30.14 -41.95
N ASP L 93 -45.73 29.18 -42.22
CA ASP L 93 -45.09 29.05 -43.52
C ASP L 93 -45.72 27.97 -44.37
N GLY L 94 -46.85 27.42 -43.91
CA GLY L 94 -47.31 26.11 -44.42
C GLY L 94 -46.20 25.06 -44.30
N GLN L 95 -45.14 25.40 -43.54
CA GLN L 95 -43.94 24.58 -43.30
C GLN L 95 -43.96 23.92 -41.92
N PRO L 96 -43.23 22.78 -41.78
CA PRO L 96 -42.84 22.18 -40.52
C PRO L 96 -42.13 23.12 -39.54
N ILE L 97 -41.91 22.61 -38.34
CA ILE L 97 -40.99 23.20 -37.36
C ILE L 97 -39.99 22.09 -37.05
N PHE L 98 -38.73 22.48 -36.85
CA PHE L 98 -37.65 21.55 -36.63
C PHE L 98 -37.19 21.50 -35.20
N ALA L 99 -37.00 20.28 -34.70
CA ALA L 99 -36.46 20.03 -33.39
C ALA L 99 -35.00 19.53 -33.43
N ASN L 100 -34.07 20.46 -33.34
CA ASN L 100 -32.71 20.00 -33.33
C ASN L 100 -32.16 19.53 -31.99
N ILE L 101 -32.03 18.21 -31.88
CA ILE L 101 -31.57 17.54 -30.67
C ILE L 101 -30.08 17.38 -30.70
N THR L 102 -29.40 17.83 -29.65
CA THR L 102 -27.95 17.76 -29.61
C THR L 102 -27.35 17.27 -28.27
N LEU L 103 -26.03 17.05 -28.24
CA LEU L 103 -25.31 16.84 -26.99
C LEU L 103 -24.89 18.19 -26.50
N PRO L 104 -25.30 18.56 -25.29
CA PRO L 104 -24.77 19.78 -24.73
C PRO L 104 -23.29 19.57 -24.48
N VAL L 105 -22.53 20.63 -24.21
CA VAL L 105 -21.17 20.41 -23.77
C VAL L 105 -21.15 20.09 -22.27
N TYR L 106 -21.27 18.81 -21.95
CA TYR L 106 -21.21 18.42 -20.56
C TYR L 106 -19.97 18.95 -19.82
N THR L 107 -20.18 19.26 -18.56
CA THR L 107 -19.05 19.48 -17.71
C THR L 107 -18.25 18.16 -17.60
N LEU L 108 -16.95 18.21 -17.80
CA LEU L 108 -16.10 17.05 -17.52
C LEU L 108 -16.65 16.22 -16.34
N LYS L 109 -16.99 16.87 -15.23
CA LYS L 109 -17.48 16.13 -14.06
C LYS L 109 -18.74 15.30 -14.40
N GLU L 110 -19.71 15.93 -15.08
CA GLU L 110 -20.86 15.17 -15.54
C GLU L 110 -20.42 14.13 -16.55
N ARG L 111 -19.46 14.46 -17.41
CA ARG L 111 -19.02 13.43 -18.34
C ARG L 111 -18.56 12.14 -17.64
N CYS L 112 -17.65 12.26 -16.68
CA CYS L 112 -17.07 11.06 -16.06
C CYS L 112 -18.09 10.18 -15.33
N LEU L 113 -18.97 10.78 -14.52
CA LEU L 113 -20.02 9.99 -13.82
C LEU L 113 -20.87 9.19 -14.81
N GLN L 114 -21.09 9.69 -16.02
CA GLN L 114 -21.78 8.89 -17.06
C GLN L 114 -21.06 7.62 -17.39
N VAL L 115 -19.77 7.75 -17.67
CA VAL L 115 -18.99 6.59 -18.14
C VAL L 115 -18.86 5.53 -17.02
N VAL L 116 -18.68 6.03 -15.80
CA VAL L 116 -18.58 5.19 -14.63
C VAL L 116 -19.90 4.45 -14.41
N ARG L 117 -20.99 5.22 -14.43
CA ARG L 117 -22.29 4.64 -14.25
C ARG L 117 -22.56 3.66 -15.32
N SER L 118 -22.01 3.87 -16.52
CA SER L 118 -22.24 2.96 -17.67
C SER L 118 -21.46 1.66 -17.48
N LEU L 119 -20.54 1.70 -16.52
CA LEU L 119 -19.58 0.64 -16.36
C LEU L 119 -19.77 -0.17 -15.09
N VAL L 120 -20.37 0.41 -14.06
CA VAL L 120 -20.57 -0.29 -12.78
C VAL L 120 -22.06 -0.42 -12.34
N LYS L 121 -22.45 -1.64 -11.97
CA LYS L 121 -23.77 -1.96 -11.37
C LYS L 121 -24.09 -1.08 -10.14
N PRO L 122 -25.37 -0.68 -9.97
CA PRO L 122 -25.57 0.41 -9.00
C PRO L 122 -25.51 -0.02 -7.54
N GLU L 123 -25.62 -1.34 -7.30
CA GLU L 123 -25.37 -1.91 -5.99
C GLU L 123 -23.86 -1.93 -5.69
N ASN L 124 -23.06 -1.75 -6.75
CA ASN L 124 -21.59 -1.76 -6.69
C ASN L 124 -20.88 -0.39 -6.70
N TYR L 125 -21.59 0.74 -6.54
CA TYR L 125 -20.88 2.04 -6.35
C TYR L 125 -20.10 2.10 -5.02
N ARG L 126 -20.37 1.15 -4.12
CA ARG L 126 -19.64 1.05 -2.85
C ARG L 126 -18.29 0.34 -2.99
N ARG L 127 -18.04 -0.24 -4.16
CA ARG L 127 -16.74 -0.88 -4.41
C ARG L 127 -15.60 0.11 -4.68
N LEU L 128 -15.93 1.28 -5.26
CA LEU L 128 -14.93 2.22 -5.82
C LEU L 128 -14.22 3.00 -4.75
N ASP L 129 -12.88 2.94 -4.77
CA ASP L 129 -12.08 3.75 -3.85
C ASP L 129 -12.29 5.22 -4.18
N ILE L 130 -13.32 5.79 -3.56
CA ILE L 130 -13.85 7.09 -3.96
C ILE L 130 -14.09 7.96 -2.72
N VAL L 131 -14.22 9.26 -2.94
CA VAL L 131 -14.54 10.19 -1.87
C VAL L 131 -15.97 10.05 -1.33
N ARG L 132 -16.11 10.34 -0.04
CA ARG L 132 -17.37 10.53 0.68
C ARG L 132 -18.58 10.95 -0.18
N SER L 133 -18.38 12.05 -0.90
CA SER L 133 -19.45 12.77 -1.57
C SER L 133 -19.54 12.54 -3.07
N LEU L 134 -18.87 11.50 -3.59
CA LEU L 134 -18.88 11.24 -5.03
C LEU L 134 -19.76 10.04 -5.33
N TYR L 135 -20.00 9.21 -4.33
CA TYR L 135 -21.11 8.29 -4.39
C TYR L 135 -22.30 9.23 -4.40
N GLU L 136 -22.27 10.16 -3.45
CA GLU L 136 -23.34 11.12 -3.30
C GLU L 136 -23.47 12.07 -4.47
N ASP L 137 -22.61 11.89 -5.48
CA ASP L 137 -22.76 12.54 -6.80
C ASP L 137 -23.11 11.49 -7.85
N LEU L 138 -22.55 10.29 -7.70
CA LEU L 138 -22.91 9.12 -8.53
C LEU L 138 -24.32 8.65 -8.28
N GLU L 139 -24.68 8.42 -7.03
CA GLU L 139 -25.95 7.76 -6.70
C GLU L 139 -27.11 8.59 -7.18
N ASP L 140 -26.92 9.90 -7.11
CA ASP L 140 -27.79 10.87 -7.76
C ASP L 140 -27.87 10.73 -9.31
N HIS L 141 -28.43 9.60 -9.78
CA HIS L 141 -28.80 9.42 -11.19
C HIS L 141 -29.60 10.62 -11.75
N PRO L 142 -29.34 10.98 -13.03
CA PRO L 142 -30.12 12.12 -13.54
C PRO L 142 -31.57 11.66 -13.82
N ASN L 143 -32.51 12.58 -13.70
CA ASN L 143 -33.90 12.20 -13.40
C ASN L 143 -34.98 13.21 -13.80
N VAL L 144 -35.78 12.86 -14.81
CA VAL L 144 -36.72 13.80 -15.43
C VAL L 144 -37.60 14.60 -14.44
N GLN L 145 -38.00 13.95 -13.36
CA GLN L 145 -38.85 14.61 -12.40
C GLN L 145 -38.07 15.64 -11.60
N LYS L 146 -36.94 15.23 -11.05
CA LYS L 146 -36.00 16.15 -10.41
C LYS L 146 -35.61 17.25 -11.41
N ASP L 147 -34.92 16.88 -12.48
CA ASP L 147 -34.65 17.74 -13.63
C ASP L 147 -35.81 18.69 -13.89
N LEU L 148 -37.02 18.14 -14.06
CA LEU L 148 -38.26 18.94 -14.19
C LEU L 148 -38.52 19.92 -13.04
N GLU L 149 -38.62 19.39 -11.82
CA GLU L 149 -38.76 20.22 -10.61
C GLU L 149 -37.74 21.38 -10.65
N ARG L 150 -36.53 21.09 -11.13
CA ARG L 150 -35.48 22.12 -11.33
C ARG L 150 -35.98 23.31 -12.15
N LEU L 151 -36.21 23.09 -13.45
CA LEU L 151 -36.60 24.17 -14.35
C LEU L 151 -37.58 25.05 -13.59
N THR L 152 -38.67 24.42 -13.15
CA THR L 152 -39.77 25.08 -12.43
C THR L 152 -39.33 26.06 -11.35
N GLN L 153 -38.35 25.71 -10.52
CA GLN L 153 -37.74 26.71 -9.63
C GLN L 153 -36.76 27.61 -10.42
N GLU L 154 -37.32 28.36 -11.39
CA GLU L 154 -36.60 29.21 -12.34
C GLU L 154 -37.49 29.51 -13.56
CAA L8B M . -25.34 25.55 7.56
CAW L8B M . -24.04 24.90 7.89
CAK L8B M . -23.84 23.61 7.93
NAQ L8B M . -22.98 25.55 8.18
OAT L8B M . -22.05 24.64 8.40
CAZ L8B M . -22.59 23.45 8.27
CAM L8B M . -21.80 22.18 8.45
CAU L8B M . -20.99 22.02 7.20
OAB L8B M . -21.57 21.55 6.25
N L8B M . -19.72 22.44 7.11
CD2 L8B M . -18.98 23.05 8.17
CG L8B M . -17.81 23.63 7.48
OD1 L8B M . -18.21 24.69 6.72
CB L8B M . -17.51 22.54 6.56
CA L8B M . -18.84 22.40 5.95
C L8B M . -18.89 21.06 5.35
O L8B M . -19.34 20.12 5.97
NAR L8B M . -18.46 21.00 4.13
CAL L8B M . -18.49 19.76 3.38
CAX L8B M . -17.09 19.36 3.30
CAF L8B M . -16.14 20.31 3.32
CAH L8B M . -14.84 19.97 3.26
CAE L8B M . -16.75 18.05 3.21
CAG L8B M . -15.44 17.70 3.15
CAY L8B M . -14.49 18.66 3.17
CBA L8B M . -13.16 18.35 3.10
CAJ L8B M . -12.56 17.35 2.55
NAP L8B M . -11.30 17.50 2.80
CAI L8B M . -11.09 18.57 3.49
OAS L8B M . -12.26 19.10 3.70
CAA L8B N . -23.61 -18.49 22.59
CAW L8B N . -22.31 -19.05 23.15
CAK L8B N . -21.99 -20.32 23.28
NAQ L8B N . -21.37 -18.28 23.57
OAT L8B N . -20.37 -19.12 23.97
CAZ L8B N . -20.79 -20.35 23.79
CAM L8B N . -19.90 -21.49 24.15
CAU L8B N . -19.09 -21.77 22.95
OAB L8B N . -19.43 -22.65 22.20
N L8B N . -18.00 -21.14 22.68
CD2 L8B N . -17.53 -20.02 23.45
CG L8B N . -16.14 -19.78 22.98
OD1 L8B N . -16.06 -18.58 22.27
CB L8B N . -15.86 -20.89 22.01
CA L8B N . -17.19 -21.32 21.49
C L8B N . -17.13 -22.77 21.00
O L8B N . -17.46 -23.69 21.69
NAR L8B N . -16.63 -22.96 19.82
CAL L8B N . -16.59 -24.29 19.20
CAX L8B N . -15.18 -24.80 19.07
CAF L8B N . -14.94 -26.11 18.83
CAH L8B N . -13.65 -26.57 18.72
CAE L8B N . -14.14 -23.94 19.21
CAG L8B N . -12.85 -24.39 19.11
CAY L8B N . -12.59 -25.70 18.86
CBA L8B N . -11.28 -26.08 18.75
CAJ L8B N . -10.74 -27.07 18.11
NAP L8B N . -9.44 -27.00 18.29
CAI L8B N . -9.14 -25.98 19.04
OAS L8B N . -10.29 -25.41 19.32
CAA L8B O . -55.28 -26.91 -11.21
CAW L8B O . -53.88 -27.31 -11.66
CAK L8B O . -53.24 -28.39 -11.25
NAQ L8B O . -53.14 -26.61 -12.46
OAT L8B O . -51.98 -27.32 -12.54
CAZ L8B O . -52.07 -28.42 -11.81
CAM L8B O . -50.99 -29.44 -11.61
CAU L8B O . -50.27 -29.83 -12.87
OAB L8B O . -50.87 -30.24 -13.84
N L8B O . -48.98 -29.81 -12.82
CD2 L8B O . -48.32 -29.30 -11.66
CG L8B O . -47.04 -28.77 -12.21
OD1 L8B O . -47.22 -27.59 -12.86
CB L8B O . -46.72 -29.76 -13.24
CA L8B O . -48.03 -30.15 -13.85
C L8B O . -47.87 -31.64 -14.13
O L8B O . -47.81 -32.49 -13.25
NAR L8B O . -47.65 -31.85 -15.40
CAL L8B O . -47.43 -33.12 -16.04
CAX L8B O . -45.96 -33.45 -16.07
CAF L8B O . -45.63 -34.75 -16.11
CAH L8B O . -44.32 -35.10 -16.13
CAE L8B O . -44.96 -32.51 -16.05
CAG L8B O . -43.63 -32.86 -16.06
CAY L8B O . -43.32 -34.18 -16.10
CBA L8B O . -42.05 -34.67 -16.16
CAJ L8B O . -41.63 -35.65 -16.89
NAP L8B O . -40.36 -35.81 -16.68
CAI L8B O . -39.97 -34.92 -15.81
OAS L8B O . -41.03 -34.20 -15.48
CAA L8B P . -55.98 17.13 -29.52
CAW L8B P . -54.89 16.55 -28.62
CAK L8B P . -54.50 15.27 -28.62
NAQ L8B P . -54.22 17.26 -27.72
OAT L8B P . -53.29 16.33 -27.11
CAZ L8B P . -53.54 15.13 -27.70
CAM L8B P . -52.75 13.88 -27.37
CAU L8B P . -51.84 13.74 -28.62
OAB L8B P . -52.34 13.21 -29.62
N L8B P . -50.59 14.27 -28.66
CD2 L8B P . -49.93 14.94 -27.52
CG L8B P . -48.58 15.47 -28.03
OD1 L8B P . -48.67 16.83 -28.41
CB L8B P . -48.31 14.70 -29.30
CA L8B P . -49.66 14.22 -29.82
C L8B P . -49.40 12.79 -30.24
O L8B P . -49.31 11.91 -29.38
NAR L8B P . -49.25 12.62 -31.55
CAL L8B P . -48.95 11.34 -32.22
CAX L8B P . -47.45 11.05 -32.16
CAF L8B P . -46.51 12.06 -31.95
CAH L8B P . -45.14 11.76 -31.88
CAE L8B P . -47.03 9.74 -32.33
CAG L8B P . -45.68 9.42 -32.27
CAY L8B P . -44.70 10.43 -32.06
CBA L8B P . -43.47 9.91 -32.12
CAJ L8B P . -42.79 9.25 -33.06
NAP L8B P . -41.53 9.11 -32.63
CAI L8B P . -41.41 9.68 -31.43
OAS L8B P . -42.64 10.20 -31.08
#